data_5OSI
#
_entry.id   5OSI
#
_cell.length_a   58.554
_cell.length_b   138.993
_cell.length_c   126.637
_cell.angle_alpha   90.000
_cell.angle_beta   92.780
_cell.angle_gamma   90.000
#
_symmetry.space_group_name_H-M   'P 1 21 1'
#
loop_
_entity.id
_entity.type
_entity.pdbx_description
1 polymer 'Vacuolar protein sorting-associated protein 29'
2 polymer 'Vacuolar protein sorting-associated protein 35'
3 polymer Interaptin
4 non-polymer 1,2-ETHANEDIOL
5 non-polymer 'SODIUM ION'
6 water water
#
loop_
_entity_poly.entity_id
_entity_poly.type
_entity_poly.pdbx_seq_one_letter_code
_entity_poly.pdbx_strand_id
1 'polypeptide(L)'
;MLVLVLGDLHIPHRCNSLPAKFKKLLVPGKIQHILCTGNLCTKESYDYLKTLAGDVHIVRGDFDENLNYPEQKVVTVGQF
KIGLIHGHQVIPWGDMASLALLQRQFDVDILISGHTHKFEAFEHENKFYINPGSATGAYNALETNIIPSFVLMDIQASTV
VTYVYQLIGDDVKVERIEYKKP
;
A,D,G,J
2 'polypeptide(L)'
;QPDQPVEDPDPEDFADEQSLVGRFIHLLRSEDPDQQYLILNTARKHFGAGGNQRIRFTLPPLVFAAYQLAFRYKENSKVD
DKWEKKCQKIFSFAHQTISALIKAELAELPLRLFLQGALAAGEIGFENHETVAYEFMSQAFSLYEDEISDSKAQLAAITL
IIGTFERMKCFSEENHEPLRTQCALAASKLLKKPDQGRAVSTCAHLFWSGRNTDKNGEELHGGKRVMECLKKALKIANQC
MDPSLQVQLFIEILNRYIYFYEKENDAVTIQVLNQLIQKIREDLPNLESSEETEQINKHFHNTLEHLRLRR
;
B,E,H,K
3 'polypeptide(L)' KEEYTPTIPPKAIN C,F,I
#
loop_
_chem_comp.id
_chem_comp.type
_chem_comp.name
_chem_comp.formula
EDO non-polymer 1,2-ETHANEDIOL 'C2 H6 O2'
NA non-polymer 'SODIUM ION' 'Na 1'
#
# COMPACT_ATOMS: atom_id res chain seq x y z
N MET A 1 -26.77 -34.11 8.48
CA MET A 1 -27.83 -33.69 9.44
C MET A 1 -27.71 -32.20 9.77
N LEU A 2 -28.76 -31.44 9.50
CA LEU A 2 -28.80 -30.06 9.92
C LEU A 2 -30.21 -29.64 10.32
N VAL A 3 -30.29 -28.83 11.38
CA VAL A 3 -31.52 -28.58 12.12
C VAL A 3 -31.74 -27.08 12.23
N LEU A 4 -32.89 -26.62 11.76
CA LEU A 4 -33.30 -25.23 11.89
C LEU A 4 -33.95 -25.12 13.26
N VAL A 5 -33.49 -24.16 14.06
CA VAL A 5 -34.08 -23.88 15.37
C VAL A 5 -34.61 -22.45 15.36
N LEU A 6 -35.94 -22.33 15.55
CA LEU A 6 -36.61 -21.05 15.56
C LEU A 6 -37.80 -21.07 16.50
N GLY A 7 -38.35 -19.89 16.79
CA GLY A 7 -39.60 -19.78 17.52
C GLY A 7 -40.03 -18.37 17.87
N ASP A 8 -41.04 -18.28 18.73
CA ASP A 8 -41.66 -17.01 19.11
C ASP A 8 -41.97 -16.07 17.94
N LEU A 9 -42.58 -16.62 16.89
CA LEU A 9 -42.96 -15.83 15.72
C LEU A 9 -44.08 -14.86 16.12
N HIS A 10 -45.03 -15.37 16.90
CA HIS A 10 -46.18 -14.59 17.38
C HIS A 10 -46.99 -13.96 16.23
N ILE A 11 -47.24 -14.75 15.20
CA ILE A 11 -48.08 -14.36 14.08
C ILE A 11 -49.49 -14.93 14.34
N PRO A 12 -50.54 -14.09 14.31
CA PRO A 12 -50.63 -12.65 14.01
C PRO A 12 -50.60 -11.68 15.22
N HIS A 13 -50.37 -12.19 16.43
CA HIS A 13 -50.51 -11.38 17.67
C HIS A 13 -49.55 -10.21 17.76
N ARG A 14 -48.32 -10.40 17.28
CA ARG A 14 -47.28 -9.38 17.36
C ARG A 14 -46.57 -9.08 16.03
N CYS A 15 -46.73 -9.94 15.03
CA CYS A 15 -46.09 -9.80 13.71
C CYS A 15 -47.01 -10.41 12.65
N ASN A 16 -46.73 -10.19 11.37
CA ASN A 16 -47.54 -10.83 10.30
C ASN A 16 -46.80 -11.81 9.40
N SER A 17 -45.48 -11.68 9.29
CA SER A 17 -44.64 -12.69 8.62
C SER A 17 -43.20 -12.62 9.13
N LEU A 18 -42.37 -13.53 8.66
CA LEU A 18 -40.93 -13.44 8.87
C LEU A 18 -40.43 -12.30 7.98
N PRO A 19 -39.29 -11.67 8.33
CA PRO A 19 -38.76 -10.62 7.44
C PRO A 19 -38.46 -11.13 6.03
N ALA A 20 -38.39 -10.21 5.07
CA ALA A 20 -38.26 -10.56 3.65
C ALA A 20 -37.15 -11.59 3.41
N LYS A 21 -35.94 -11.25 3.86
CA LYS A 21 -34.73 -12.04 3.59
C LYS A 21 -34.74 -13.45 4.23
N PHE A 22 -35.49 -13.62 5.31
CA PHE A 22 -35.64 -14.92 5.97
C PHE A 22 -36.49 -15.87 5.14
N LYS A 23 -37.60 -15.37 4.57
CA LYS A 23 -38.44 -16.17 3.67
C LYS A 23 -37.67 -16.62 2.41
N LYS A 24 -36.70 -15.84 1.97
CA LYS A 24 -35.83 -16.21 0.85
C LYS A 24 -34.84 -17.33 1.19
N LEU A 25 -34.22 -17.25 2.36
CA LEU A 25 -33.30 -18.30 2.84
C LEU A 25 -34.01 -19.59 3.20
N LEU A 26 -35.12 -19.47 3.92
CA LEU A 26 -35.91 -20.61 4.34
C LEU A 26 -36.79 -21.10 3.18
N VAL A 27 -36.28 -22.07 2.43
CA VAL A 27 -37.03 -22.71 1.31
C VAL A 27 -36.82 -24.24 1.33
N PRO A 28 -37.77 -25.00 0.76
CA PRO A 28 -37.81 -26.47 0.95
C PRO A 28 -36.59 -27.26 0.47
N GLY A 29 -36.47 -28.49 0.96
CA GLY A 29 -35.48 -29.47 0.47
C GLY A 29 -34.02 -29.31 0.90
N LYS A 30 -33.74 -28.32 1.75
CA LYS A 30 -32.38 -27.98 2.19
C LYS A 30 -32.08 -28.38 3.66
N ILE A 31 -33.13 -28.60 4.46
CA ILE A 31 -33.02 -28.76 5.91
C ILE A 31 -33.78 -30.04 6.31
N GLN A 32 -33.10 -30.94 7.04
CA GLN A 32 -33.67 -32.25 7.40
C GLN A 32 -34.65 -32.18 8.58
N HIS A 33 -34.26 -31.47 9.64
CA HIS A 33 -35.08 -31.35 10.86
C HIS A 33 -35.38 -29.90 11.23
N ILE A 34 -36.51 -29.68 11.90
CA ILE A 34 -36.83 -28.39 12.48
C ILE A 34 -37.30 -28.59 13.91
N LEU A 35 -36.59 -27.99 14.86
CA LEU A 35 -37.01 -27.93 16.25
C LEU A 35 -37.54 -26.52 16.50
N CYS A 36 -38.80 -26.41 16.92
CA CYS A 36 -39.46 -25.11 17.10
C CYS A 36 -39.86 -24.90 18.56
N THR A 37 -39.49 -23.76 19.12
CA THR A 37 -39.72 -23.49 20.55
C THR A 37 -41.16 -23.09 20.89
N GLY A 38 -41.97 -22.76 19.89
CA GLY A 38 -43.40 -22.49 20.08
C GLY A 38 -43.78 -21.05 19.78
N ASN A 39 -45.00 -20.69 20.17
CA ASN A 39 -45.62 -19.40 19.85
C ASN A 39 -45.50 -19.11 18.34
N LEU A 40 -46.22 -19.91 17.57
CA LEU A 40 -46.37 -19.73 16.12
C LEU A 40 -47.20 -18.51 15.66
N CYS A 41 -48.46 -18.30 16.09
CA CYS A 41 -49.22 -19.11 17.04
C CYS A 41 -50.37 -19.87 16.36
N THR A 42 -50.23 -20.19 15.07
CA THR A 42 -51.33 -20.74 14.27
C THR A 42 -50.87 -21.72 13.16
N LYS A 43 -51.85 -22.39 12.53
CA LYS A 43 -51.60 -23.38 11.44
C LYS A 43 -50.93 -22.80 10.20
N GLU A 44 -51.31 -21.58 9.84
CA GLU A 44 -50.71 -20.86 8.70
C GLU A 44 -49.17 -20.89 8.77
N SER A 45 -48.62 -20.64 9.96
CA SER A 45 -47.17 -20.72 10.22
C SER A 45 -46.68 -22.17 10.32
N TYR A 46 -47.48 -23.06 10.93
CA TYR A 46 -47.16 -24.50 11.04
C TYR A 46 -47.01 -25.18 9.69
N ASP A 47 -48.03 -25.02 8.85
CA ASP A 47 -48.04 -25.63 7.53
C ASP A 47 -46.89 -25.11 6.67
N TYR A 48 -46.56 -23.83 6.82
CA TYR A 48 -45.34 -23.27 6.21
C TYR A 48 -44.08 -24.00 6.70
N LEU A 49 -43.99 -24.26 8.01
CA LEU A 49 -42.87 -25.06 8.57
C LEU A 49 -42.85 -26.50 8.06
N LYS A 50 -44.04 -27.09 7.93
CA LYS A 50 -44.17 -28.48 7.45
C LYS A 50 -43.68 -28.70 6.00
N THR A 51 -43.72 -27.66 5.15
CA THR A 51 -43.13 -27.71 3.79
C THR A 51 -41.64 -27.29 3.70
N LEU A 52 -41.01 -26.95 4.83
CA LEU A 52 -39.57 -26.69 4.88
C LEU A 52 -38.75 -27.93 5.19
N ALA A 53 -39.38 -28.92 5.83
CA ALA A 53 -38.71 -30.15 6.20
C ALA A 53 -39.74 -31.23 6.53
N GLY A 54 -39.33 -32.49 6.40
CA GLY A 54 -40.19 -33.63 6.75
C GLY A 54 -40.45 -33.73 8.24
N ASP A 55 -39.37 -33.79 9.02
CA ASP A 55 -39.43 -33.94 10.47
C ASP A 55 -39.40 -32.55 11.15
N VAL A 56 -40.57 -32.10 11.63
CA VAL A 56 -40.70 -30.82 12.33
C VAL A 56 -41.29 -31.09 13.72
N HIS A 57 -40.57 -30.67 14.76
CA HIS A 57 -40.98 -30.86 16.16
C HIS A 57 -41.30 -29.52 16.79
N ILE A 58 -42.42 -29.45 17.51
CA ILE A 58 -42.91 -28.19 18.06
C ILE A 58 -43.45 -28.41 19.46
N VAL A 59 -43.04 -27.53 20.37
CA VAL A 59 -43.54 -27.56 21.75
C VAL A 59 -44.47 -26.38 21.95
N ARG A 60 -45.32 -26.49 22.95
CA ARG A 60 -46.38 -25.53 23.15
C ARG A 60 -45.87 -24.23 23.81
N GLY A 61 -45.97 -23.13 23.07
CA GLY A 61 -45.77 -21.80 23.63
C GLY A 61 -46.97 -21.38 24.47
N ASP A 62 -46.78 -20.33 25.27
CA ASP A 62 -47.84 -19.77 26.11
C ASP A 62 -49.01 -19.16 25.34
N PHE A 63 -48.82 -18.79 24.08
CA PHE A 63 -49.93 -18.29 23.24
C PHE A 63 -50.33 -19.19 22.06
N ASP A 64 -49.86 -20.43 22.03
CA ASP A 64 -50.31 -21.39 21.01
C ASP A 64 -51.70 -21.87 21.37
N GLU A 65 -52.65 -21.71 20.43
CA GLU A 65 -54.02 -22.19 20.61
C GLU A 65 -54.16 -23.72 20.49
N ASN A 66 -53.13 -24.39 19.97
CA ASN A 66 -53.14 -25.84 19.80
C ASN A 66 -52.63 -26.55 21.07
N LEU A 67 -53.50 -27.33 21.71
CA LEU A 67 -53.14 -28.12 22.90
C LEU A 67 -52.40 -29.44 22.56
N ASN A 68 -52.60 -29.96 21.34
CA ASN A 68 -51.97 -31.23 20.90
C ASN A 68 -50.43 -31.19 20.91
N TYR A 69 -49.83 -29.99 20.85
CA TYR A 69 -48.38 -29.83 21.07
C TYR A 69 -48.03 -30.13 22.53
N PRO A 70 -47.00 -30.96 22.77
CA PRO A 70 -46.60 -31.24 24.15
C PRO A 70 -45.91 -30.04 24.83
N GLU A 71 -45.87 -30.07 26.17
CA GLU A 71 -45.20 -29.04 26.96
C GLU A 71 -43.70 -29.07 26.63
N GLN A 72 -43.09 -30.25 26.68
CA GLN A 72 -41.69 -30.44 26.27
C GLN A 72 -41.51 -31.63 25.33
N LYS A 73 -40.32 -31.72 24.75
CA LYS A 73 -39.92 -32.85 23.92
C LYS A 73 -38.43 -33.09 24.04
N VAL A 74 -38.05 -34.37 24.09
CA VAL A 74 -36.67 -34.80 23.90
C VAL A 74 -36.60 -35.60 22.59
N VAL A 75 -35.67 -35.23 21.74
CA VAL A 75 -35.42 -35.92 20.48
C VAL A 75 -33.92 -36.08 20.30
N THR A 76 -33.53 -37.18 19.66
CA THR A 76 -32.14 -37.47 19.38
C THR A 76 -31.88 -37.22 17.90
N VAL A 77 -30.80 -36.49 17.61
CA VAL A 77 -30.35 -36.25 16.23
C VAL A 77 -28.87 -36.60 16.17
N GLY A 78 -28.59 -37.82 15.70
CA GLY A 78 -27.23 -38.34 15.70
C GLY A 78 -26.86 -38.73 17.11
N GLN A 79 -25.73 -38.23 17.60
CA GLN A 79 -25.27 -38.55 18.96
C GLN A 79 -25.87 -37.67 20.06
N PHE A 80 -26.45 -36.51 19.70
CA PHE A 80 -26.94 -35.55 20.69
C PHE A 80 -28.37 -35.84 21.06
N LYS A 81 -28.62 -35.94 22.37
CA LYS A 81 -29.95 -35.98 22.95
C LYS A 81 -30.34 -34.50 23.18
N ILE A 82 -31.36 -34.01 22.45
CA ILE A 82 -31.71 -32.58 22.46
C ILE A 82 -33.04 -32.36 23.18
N GLY A 83 -33.08 -31.33 24.03
CA GLY A 83 -34.26 -31.00 24.84
C GLY A 83 -34.91 -29.73 24.32
N LEU A 84 -36.23 -29.75 24.20
CA LEU A 84 -37.00 -28.67 23.59
C LEU A 84 -38.11 -28.26 24.56
N ILE A 85 -38.22 -26.96 24.82
CA ILE A 85 -39.27 -26.41 25.69
C ILE A 85 -39.41 -24.92 25.37
N HIS A 86 -40.59 -24.33 25.56
CA HIS A 86 -40.76 -22.90 25.23
C HIS A 86 -40.08 -22.00 26.24
N GLY A 87 -40.17 -22.33 27.53
CA GLY A 87 -39.40 -21.61 28.57
C GLY A 87 -40.17 -20.72 29.52
N HIS A 88 -41.43 -20.43 29.22
CA HIS A 88 -42.34 -19.79 30.18
C HIS A 88 -42.49 -20.60 31.48
N GLN A 89 -42.22 -21.92 31.39
CA GLN A 89 -42.22 -22.87 32.52
C GLN A 89 -40.98 -22.76 33.41
N VAL A 90 -39.88 -22.31 32.82
CA VAL A 90 -38.58 -22.18 33.50
C VAL A 90 -38.58 -20.88 34.31
N ILE A 91 -38.81 -20.96 35.63
CA ILE A 91 -38.88 -19.78 36.51
C ILE A 91 -37.63 -19.72 37.37
N PRO A 92 -37.02 -18.51 37.53
CA PRO A 92 -37.25 -17.24 36.84
C PRO A 92 -36.92 -17.34 35.37
N TRP A 93 -37.59 -16.55 34.54
CA TRP A 93 -37.43 -16.62 33.09
C TRP A 93 -35.99 -16.33 32.66
N GLY A 94 -35.44 -17.19 31.80
CA GLY A 94 -34.07 -17.04 31.32
C GLY A 94 -32.96 -17.23 32.34
N ASP A 95 -33.28 -17.75 33.53
CA ASP A 95 -32.29 -17.95 34.60
C ASP A 95 -31.45 -19.20 34.30
N MET A 96 -30.13 -19.06 34.49
CA MET A 96 -29.18 -20.14 34.21
C MET A 96 -29.40 -21.35 35.10
N ALA A 97 -29.52 -21.12 36.40
CA ALA A 97 -29.63 -22.21 37.38
C ALA A 97 -30.92 -23.02 37.17
N SER A 98 -32.00 -22.33 36.82
CA SER A 98 -33.26 -22.99 36.49
C SER A 98 -33.19 -23.75 35.17
N LEU A 99 -32.45 -23.23 34.20
CA LEU A 99 -32.29 -23.93 32.91
C LEU A 99 -31.46 -25.21 33.06
N ALA A 100 -30.37 -25.13 33.83
CA ALA A 100 -29.55 -26.31 34.15
C ALA A 100 -30.33 -27.36 34.96
N LEU A 101 -31.17 -26.89 35.87
CA LEU A 101 -32.10 -27.76 36.62
C LEU A 101 -32.92 -28.61 35.66
N LEU A 102 -33.41 -27.97 34.60
CA LEU A 102 -34.19 -28.64 33.57
C LEU A 102 -33.37 -29.58 32.65
N GLN A 103 -32.09 -29.26 32.45
CA GLN A 103 -31.16 -30.14 31.71
C GLN A 103 -30.96 -31.48 32.41
N ARG A 104 -30.83 -31.44 33.74
CA ARG A 104 -30.75 -32.65 34.57
C ARG A 104 -32.02 -33.53 34.51
N GLN A 105 -33.19 -32.89 34.45
CA GLN A 105 -34.48 -33.61 34.37
C GLN A 105 -34.63 -34.40 33.06
N PHE A 106 -34.42 -33.74 31.93
CA PHE A 106 -34.54 -34.39 30.62
C PHE A 106 -33.36 -35.29 30.34
N ASP A 107 -32.19 -34.95 30.90
CA ASP A 107 -30.92 -35.61 30.61
C ASP A 107 -30.57 -35.47 29.12
N VAL A 108 -30.22 -34.25 28.74
CA VAL A 108 -29.97 -33.91 27.35
C VAL A 108 -28.61 -33.26 27.24
N ASP A 109 -28.04 -33.32 26.05
CA ASP A 109 -26.73 -32.73 25.76
C ASP A 109 -26.85 -31.27 25.34
N ILE A 110 -28.03 -30.92 24.80
CA ILE A 110 -28.34 -29.58 24.33
C ILE A 110 -29.77 -29.25 24.77
N LEU A 111 -29.96 -28.08 25.38
CA LEU A 111 -31.29 -27.59 25.78
C LEU A 111 -31.68 -26.38 24.94
N ILE A 112 -32.82 -26.49 24.24
CA ILE A 112 -33.35 -25.40 23.43
C ILE A 112 -34.57 -24.86 24.15
N SER A 113 -34.55 -23.55 24.43
CA SER A 113 -35.67 -22.82 25.05
C SER A 113 -35.82 -21.46 24.40
N GLY A 114 -36.97 -20.80 24.55
CA GLY A 114 -37.15 -19.51 23.87
C GLY A 114 -38.09 -18.44 24.34
N HIS A 115 -38.44 -18.35 25.61
CA HIS A 115 -39.45 -17.36 26.04
C HIS A 115 -38.99 -15.87 25.96
N THR A 116 -37.67 -15.63 25.92
CA THR A 116 -37.10 -14.29 26.06
C THR A 116 -37.05 -13.41 24.80
N HIS A 117 -37.08 -14.04 23.63
CA HIS A 117 -36.90 -13.37 22.33
C HIS A 117 -35.49 -12.82 22.19
N LYS A 118 -34.54 -13.46 22.89
CA LYS A 118 -33.16 -13.02 22.95
C LYS A 118 -32.31 -14.22 22.60
N PHE A 119 -31.52 -14.10 21.53
CA PHE A 119 -30.63 -15.17 21.10
C PHE A 119 -29.56 -15.40 22.15
N GLU A 120 -29.29 -16.67 22.41
CA GLU A 120 -28.16 -17.10 23.22
C GLU A 120 -27.73 -18.49 22.80
N ALA A 121 -26.41 -18.67 22.69
CA ALA A 121 -25.81 -19.98 22.49
C ALA A 121 -24.56 -20.01 23.34
N PHE A 122 -24.47 -20.98 24.25
CA PHE A 122 -23.30 -21.13 25.09
C PHE A 122 -23.18 -22.51 25.73
N GLU A 123 -21.96 -22.85 26.10
CA GLU A 123 -21.67 -24.05 26.89
C GLU A 123 -21.66 -23.67 28.38
N HIS A 124 -22.15 -24.58 29.21
CA HIS A 124 -22.13 -24.43 30.67
C HIS A 124 -22.17 -25.81 31.30
N GLU A 125 -21.27 -26.07 32.26
CA GLU A 125 -21.12 -27.39 32.89
C GLU A 125 -21.01 -28.52 31.84
N ASN A 126 -20.21 -28.28 30.80
CA ASN A 126 -20.04 -29.22 29.67
C ASN A 126 -21.35 -29.62 28.95
N LYS A 127 -22.28 -28.67 28.84
CA LYS A 127 -23.63 -28.90 28.29
C LYS A 127 -24.04 -27.65 27.53
N PHE A 128 -24.77 -27.82 26.41
CA PHE A 128 -25.02 -26.71 25.48
C PHE A 128 -26.47 -26.17 25.52
N TYR A 129 -26.60 -24.85 25.41
CA TYR A 129 -27.88 -24.13 25.59
C TYR A 129 -28.11 -23.18 24.42
N ILE A 130 -29.22 -23.39 23.70
CA ILE A 130 -29.61 -22.55 22.60
C ILE A 130 -30.91 -21.82 22.95
N ASN A 131 -30.96 -20.55 22.61
CA ASN A 131 -32.19 -19.79 22.53
C ASN A 131 -32.12 -19.10 21.17
N PRO A 132 -32.93 -19.54 20.19
CA PRO A 132 -32.85 -18.93 18.87
C PRO A 132 -33.32 -17.46 18.80
N GLY A 133 -34.07 -17.01 19.80
CA GLY A 133 -34.68 -15.70 19.78
C GLY A 133 -35.97 -15.76 18.99
N SER A 134 -36.52 -14.59 18.68
CA SER A 134 -37.77 -14.51 17.92
C SER A 134 -37.43 -14.32 16.47
N ALA A 135 -37.84 -15.27 15.63
CA ALA A 135 -37.54 -15.25 14.18
C ALA A 135 -38.26 -14.13 13.43
N THR A 136 -39.39 -13.68 13.96
CA THR A 136 -40.04 -12.49 13.46
C THR A 136 -39.47 -11.22 14.05
N GLY A 137 -38.86 -11.32 15.22
CA GLY A 137 -38.36 -10.15 15.95
C GLY A 137 -39.48 -9.51 16.76
N ALA A 138 -40.31 -10.36 17.36
CA ALA A 138 -41.57 -9.96 17.96
C ALA A 138 -41.39 -9.21 19.28
N TYR A 139 -42.34 -8.33 19.55
CA TYR A 139 -42.47 -7.60 20.81
C TYR A 139 -42.37 -8.51 22.05
N ASN A 140 -41.52 -8.12 22.98
CA ASN A 140 -41.50 -8.68 24.33
C ASN A 140 -41.50 -7.51 25.30
N ALA A 141 -42.29 -7.60 26.35
CA ALA A 141 -42.40 -6.53 27.36
C ALA A 141 -41.06 -6.19 28.03
N LEU A 142 -40.23 -7.22 28.24
CA LEU A 142 -39.00 -7.11 29.00
C LEU A 142 -37.71 -6.85 28.21
N GLU A 143 -37.81 -6.69 26.89
CA GLU A 143 -36.63 -6.42 26.06
C GLU A 143 -37.06 -5.63 24.84
N THR A 144 -36.49 -4.44 24.66
CA THR A 144 -37.03 -3.43 23.74
C THR A 144 -36.36 -3.33 22.37
N ASN A 145 -35.20 -3.95 22.19
CA ASN A 145 -34.49 -3.87 20.89
C ASN A 145 -34.29 -5.28 20.31
N ILE A 146 -35.42 -5.93 20.00
CA ILE A 146 -35.44 -7.33 19.61
C ILE A 146 -34.91 -7.45 18.19
N ILE A 147 -33.94 -8.33 18.01
CA ILE A 147 -33.28 -8.55 16.72
C ILE A 147 -33.88 -9.82 16.11
N PRO A 148 -34.56 -9.72 14.95
CA PRO A 148 -35.09 -10.93 14.31
C PRO A 148 -34.00 -11.96 14.06
N SER A 149 -34.17 -13.18 14.58
CA SER A 149 -33.11 -14.18 14.50
C SER A 149 -33.60 -15.64 14.53
N PHE A 150 -32.85 -16.51 13.87
CA PHE A 150 -33.02 -17.97 13.97
C PHE A 150 -31.66 -18.68 13.99
N VAL A 151 -31.70 -19.97 14.25
CA VAL A 151 -30.49 -20.77 14.40
C VAL A 151 -30.50 -21.96 13.45
N LEU A 152 -29.36 -22.19 12.79
CA LEU A 152 -29.13 -23.41 12.04
C LEU A 152 -28.04 -24.23 12.75
N MET A 153 -28.38 -25.47 13.13
CA MET A 153 -27.44 -26.41 13.73
C MET A 153 -26.96 -27.37 12.66
N ASP A 154 -25.64 -27.51 12.52
CA ASP A 154 -25.03 -28.49 11.60
C ASP A 154 -24.36 -29.57 12.44
N ILE A 155 -25.02 -30.73 12.53
CA ILE A 155 -24.60 -31.81 13.40
C ILE A 155 -23.85 -32.87 12.59
N GLN A 156 -22.68 -33.25 13.07
CA GLN A 156 -21.83 -34.26 12.42
C GLN A 156 -21.17 -35.15 13.48
N ALA A 157 -21.74 -36.35 13.67
CA ALA A 157 -21.29 -37.32 14.67
C ALA A 157 -21.32 -36.79 16.13
N SER A 158 -20.18 -36.35 16.67
CA SER A 158 -20.06 -35.93 18.08
C SER A 158 -19.68 -34.46 18.18
N THR A 159 -20.17 -33.67 17.22
CA THR A 159 -19.87 -32.24 17.13
C THR A 159 -21.09 -31.50 16.58
N VAL A 160 -21.28 -30.27 17.03
CA VAL A 160 -22.35 -29.43 16.53
C VAL A 160 -21.77 -28.04 16.25
N VAL A 161 -22.13 -27.48 15.10
CA VAL A 161 -21.77 -26.12 14.72
C VAL A 161 -23.08 -25.33 14.61
N THR A 162 -23.34 -24.43 15.56
CA THR A 162 -24.56 -23.62 15.52
C THR A 162 -24.26 -22.29 14.85
N TYR A 163 -25.09 -21.95 13.88
CA TYR A 163 -25.03 -20.68 13.16
C TYR A 163 -26.21 -19.82 13.58
N VAL A 164 -25.95 -18.56 13.92
CA VAL A 164 -27.01 -17.64 14.30
C VAL A 164 -27.20 -16.64 13.17
N TYR A 165 -28.40 -16.60 12.61
CA TYR A 165 -28.79 -15.62 11.61
C TYR A 165 -29.52 -14.48 12.32
N GLN A 166 -29.15 -13.24 12.02
CA GLN A 166 -29.76 -12.07 12.64
C GLN A 166 -30.01 -11.00 11.57
N LEU A 167 -31.19 -10.38 11.61
CA LEU A 167 -31.51 -9.25 10.74
C LEU A 167 -31.15 -7.96 11.49
N ILE A 168 -30.02 -7.37 11.09
CA ILE A 168 -29.50 -6.13 11.67
C ILE A 168 -29.66 -5.01 10.63
N GLY A 169 -30.63 -4.13 10.89
CA GLY A 169 -31.04 -3.12 9.92
C GLY A 169 -31.76 -3.83 8.80
N ASP A 170 -31.21 -3.71 7.59
CA ASP A 170 -31.67 -4.42 6.40
C ASP A 170 -30.91 -5.76 6.16
N ASP A 171 -29.69 -5.87 6.71
CA ASP A 171 -28.75 -6.98 6.39
C ASP A 171 -28.93 -8.25 7.25
N VAL A 172 -28.94 -9.42 6.59
CA VAL A 172 -28.81 -10.71 7.30
C VAL A 172 -27.33 -10.95 7.58
N LYS A 173 -26.98 -11.12 8.87
CA LYS A 173 -25.59 -11.34 9.29
C LYS A 173 -25.49 -12.62 10.09
N VAL A 174 -24.36 -13.32 9.95
CA VAL A 174 -24.17 -14.65 10.53
C VAL A 174 -22.97 -14.66 11.45
N GLU A 175 -23.14 -15.34 12.59
CA GLU A 175 -22.03 -15.75 13.46
C GLU A 175 -22.12 -17.25 13.68
N ARG A 176 -20.99 -17.83 14.07
CA ARG A 176 -20.85 -19.27 14.26
C ARG A 176 -20.25 -19.57 15.64
N ILE A 177 -20.80 -20.60 16.28
CA ILE A 177 -20.29 -21.12 17.56
C ILE A 177 -20.28 -22.65 17.41
N GLU A 178 -19.33 -23.29 18.08
CA GLU A 178 -19.05 -24.71 17.91
C GLU A 178 -18.94 -25.41 19.27
N TYR A 179 -19.67 -26.52 19.41
CA TYR A 179 -19.66 -27.32 20.63
C TYR A 179 -19.33 -28.77 20.27
N LYS A 180 -18.41 -29.35 21.04
CA LYS A 180 -18.06 -30.76 20.95
C LYS A 180 -18.50 -31.42 22.25
N LYS A 181 -19.10 -32.60 22.12
CA LYS A 181 -19.52 -33.36 23.29
C LYS A 181 -18.27 -33.95 23.99
N PRO A 182 -18.20 -33.88 25.34
CA PRO A 182 -17.14 -34.57 26.09
C PRO A 182 -17.06 -36.06 25.81
N GLU B 12 -57.19 -22.74 11.14
CA GLU B 12 -58.23 -23.58 10.45
C GLU B 12 -59.04 -22.76 9.43
N ASP B 13 -60.18 -22.20 9.86
CA ASP B 13 -61.10 -21.48 8.97
C ASP B 13 -60.70 -20.02 8.82
N PHE B 14 -60.17 -19.44 9.89
CA PHE B 14 -59.94 -18.00 9.97
C PHE B 14 -58.49 -17.65 9.67
N ALA B 15 -57.86 -18.39 8.75
CA ALA B 15 -56.52 -18.09 8.28
C ALA B 15 -56.51 -16.75 7.57
N ASP B 16 -57.55 -16.48 6.78
CA ASP B 16 -57.70 -15.20 6.07
C ASP B 16 -58.01 -14.01 6.98
N GLU B 17 -58.73 -14.23 8.09
CA GLU B 17 -58.99 -13.17 9.08
C GLU B 17 -57.80 -12.85 10.00
N GLN B 18 -57.02 -13.87 10.33
CA GLN B 18 -55.78 -13.70 11.10
C GLN B 18 -54.72 -12.98 10.26
N SER B 19 -54.53 -13.47 9.03
CA SER B 19 -53.67 -12.85 8.02
C SER B 19 -54.08 -11.40 7.69
N LEU B 20 -55.36 -11.09 7.82
CA LEU B 20 -55.92 -9.74 7.65
C LEU B 20 -55.46 -8.81 8.76
N VAL B 21 -55.75 -9.21 10.01
CA VAL B 21 -55.32 -8.42 11.17
C VAL B 21 -53.80 -8.43 11.26
N GLY B 22 -53.17 -9.52 10.84
CA GLY B 22 -51.74 -9.54 10.59
C GLY B 22 -51.27 -8.33 9.80
N ARG B 23 -51.76 -8.19 8.57
CA ARG B 23 -51.42 -7.04 7.72
C ARG B 23 -51.77 -5.72 8.38
N PHE B 24 -52.96 -5.66 8.99
CA PHE B 24 -53.47 -4.42 9.60
C PHE B 24 -52.45 -3.77 10.54
N ILE B 25 -51.91 -4.56 11.47
CA ILE B 25 -50.96 -4.05 12.46
C ILE B 25 -49.65 -3.66 11.79
N HIS B 26 -49.17 -4.46 10.84
CA HIS B 26 -47.94 -4.14 10.11
C HIS B 26 -47.99 -2.77 9.43
N LEU B 27 -49.08 -2.52 8.72
CA LEU B 27 -49.30 -1.24 8.04
C LEU B 27 -49.51 -0.07 9.03
N LEU B 28 -50.14 -0.36 10.16
CA LEU B 28 -50.37 0.64 11.21
C LEU B 28 -49.09 1.20 11.83
N ARG B 29 -47.96 0.51 11.66
CA ARG B 29 -46.66 1.04 12.07
C ARG B 29 -46.25 2.30 11.29
N SER B 30 -46.80 2.47 10.10
CA SER B 30 -46.57 3.68 9.28
C SER B 30 -47.22 4.95 9.84
N GLU B 31 -48.31 4.81 10.58
CA GLU B 31 -48.99 5.94 11.24
C GLU B 31 -48.28 6.34 12.51
N ASP B 32 -48.19 7.63 12.79
CA ASP B 32 -47.49 8.11 13.99
C ASP B 32 -48.38 7.90 15.26
N PRO B 33 -47.74 7.81 16.47
CA PRO B 33 -48.41 7.31 17.69
C PRO B 33 -49.77 7.91 18.02
N ASP B 34 -49.91 9.23 17.86
CA ASP B 34 -51.17 9.92 18.16
C ASP B 34 -52.32 9.39 17.31
N GLN B 35 -52.00 9.02 16.07
CA GLN B 35 -52.97 8.56 15.09
C GLN B 35 -53.20 7.05 15.21
N GLN B 36 -52.18 6.30 15.65
CA GLN B 36 -52.33 4.86 15.90
C GLN B 36 -53.47 4.60 16.88
N TYR B 37 -53.48 5.33 17.99
CA TYR B 37 -54.54 5.21 18.98
C TYR B 37 -55.93 5.38 18.36
N LEU B 38 -56.10 6.45 17.62
CA LEU B 38 -57.35 6.74 16.94
C LEU B 38 -57.77 5.59 16.02
N ILE B 39 -56.83 5.09 15.20
CA ILE B 39 -57.12 4.02 14.25
C ILE B 39 -57.39 2.68 14.93
N LEU B 40 -56.68 2.40 16.04
CA LEU B 40 -56.93 1.19 16.83
C LEU B 40 -58.34 1.20 17.42
N ASN B 41 -58.80 2.35 17.89
CA ASN B 41 -60.14 2.47 18.48
C ASN B 41 -61.25 2.21 17.47
N THR B 42 -61.04 2.60 16.21
CA THR B 42 -62.00 2.29 15.13
C THR B 42 -61.83 0.84 14.64
N ALA B 43 -60.62 0.31 14.70
CA ALA B 43 -60.38 -1.11 14.37
C ALA B 43 -61.21 -2.05 15.26
N ARG B 44 -61.16 -1.86 16.58
CA ARG B 44 -61.95 -2.72 17.50
C ARG B 44 -63.46 -2.53 17.34
N LYS B 45 -63.87 -1.31 16.99
CA LYS B 45 -65.26 -1.05 16.62
C LYS B 45 -65.66 -1.88 15.41
N HIS B 46 -64.81 -1.92 14.39
CA HIS B 46 -65.06 -2.74 13.20
C HIS B 46 -65.01 -4.24 13.53
N PHE B 47 -63.92 -4.66 14.17
CA PHE B 47 -63.71 -6.07 14.51
C PHE B 47 -64.69 -6.60 15.56
N GLY B 48 -65.25 -5.69 16.37
CA GLY B 48 -66.33 -6.03 17.29
C GLY B 48 -67.63 -6.48 16.64
N ALA B 49 -67.89 -6.00 15.41
CA ALA B 49 -69.08 -6.38 14.64
C ALA B 49 -69.14 -7.87 14.30
N GLY B 50 -67.97 -8.48 14.09
CA GLY B 50 -67.88 -9.87 13.63
C GLY B 50 -68.24 -11.00 14.58
N GLY B 51 -68.73 -10.67 15.78
CA GLY B 51 -69.28 -11.70 16.68
C GLY B 51 -68.22 -12.52 17.38
N ASN B 52 -68.68 -13.49 18.19
CA ASN B 52 -67.84 -14.08 19.23
C ASN B 52 -66.71 -15.00 18.75
N GLN B 53 -66.91 -15.75 17.68
CA GLN B 53 -65.88 -16.68 17.21
C GLN B 53 -64.77 -15.99 16.42
N ARG B 54 -65.10 -14.89 15.73
CA ARG B 54 -64.10 -14.09 15.02
C ARG B 54 -63.16 -13.36 15.97
N ILE B 55 -63.71 -12.75 17.02
CA ILE B 55 -62.92 -11.91 17.94
C ILE B 55 -61.84 -12.63 18.74
N ARG B 56 -61.98 -13.95 18.95
CA ARG B 56 -60.89 -14.81 19.41
C ARG B 56 -59.56 -14.52 18.67
N PHE B 57 -59.65 -14.27 17.37
CA PHE B 57 -58.49 -14.12 16.50
C PHE B 57 -58.15 -12.67 16.11
N THR B 58 -59.13 -11.77 16.11
CA THR B 58 -58.92 -10.39 15.63
C THR B 58 -58.62 -9.35 16.73
N LEU B 59 -59.18 -9.52 17.91
CA LEU B 59 -58.91 -8.58 19.01
C LEU B 59 -57.51 -8.66 19.65
N PRO B 60 -56.98 -9.88 19.88
CA PRO B 60 -55.69 -9.96 20.61
C PRO B 60 -54.50 -9.20 20.00
N PRO B 61 -54.39 -9.17 18.64
CA PRO B 61 -53.39 -8.29 18.03
C PRO B 61 -53.57 -6.81 18.37
N LEU B 62 -54.81 -6.37 18.60
CA LEU B 62 -55.04 -4.96 18.98
C LEU B 62 -54.57 -4.68 20.42
N VAL B 63 -54.61 -5.68 21.28
CA VAL B 63 -54.15 -5.53 22.66
C VAL B 63 -52.63 -5.44 22.69
N PHE B 64 -51.96 -6.26 21.89
CA PHE B 64 -50.49 -6.22 21.79
C PHE B 64 -49.99 -4.94 21.10
N ALA B 65 -50.75 -4.42 20.14
CA ALA B 65 -50.41 -3.12 19.54
C ALA B 65 -50.64 -1.99 20.53
N ALA B 66 -51.69 -2.12 21.36
CA ALA B 66 -51.90 -1.18 22.45
C ALA B 66 -50.69 -1.14 23.36
N TYR B 67 -50.16 -2.32 23.73
CA TYR B 67 -48.95 -2.39 24.56
C TYR B 67 -47.72 -1.76 23.88
N GLN B 68 -47.52 -2.05 22.59
CA GLN B 68 -46.42 -1.45 21.81
C GLN B 68 -46.52 0.07 21.72
N LEU B 69 -47.73 0.55 21.45
CA LEU B 69 -48.02 1.96 21.39
C LEU B 69 -47.63 2.65 22.69
N ALA B 70 -48.01 2.06 23.82
CA ALA B 70 -47.66 2.59 25.13
C ALA B 70 -46.15 2.77 25.30
N PHE B 71 -45.36 1.78 24.84
CA PHE B 71 -43.89 1.90 24.82
C PHE B 71 -43.42 3.02 23.89
N ARG B 72 -44.09 3.17 22.76
CA ARG B 72 -43.76 4.20 21.77
C ARG B 72 -43.95 5.60 22.33
N TYR B 73 -44.99 5.82 23.14
CA TYR B 73 -45.16 7.09 23.81
C TYR B 73 -44.06 7.39 24.85
N LYS B 74 -43.56 6.37 25.54
CA LYS B 74 -42.46 6.58 26.48
C LYS B 74 -41.18 7.05 25.74
N GLU B 75 -41.02 6.64 24.48
CA GLU B 75 -39.91 7.12 23.64
C GLU B 75 -40.03 8.63 23.36
N ASN B 76 -41.24 9.10 23.05
CA ASN B 76 -41.51 10.54 22.88
C ASN B 76 -41.85 11.25 24.22
N SER B 77 -41.16 10.87 25.29
CA SER B 77 -41.47 11.39 26.63
C SER B 77 -41.08 12.86 26.78
N LYS B 78 -39.91 13.21 26.23
CA LYS B 78 -39.37 14.57 26.33
C LYS B 78 -39.86 15.46 25.19
N VAL B 79 -40.49 14.87 24.18
CA VAL B 79 -41.15 15.62 23.10
C VAL B 79 -42.56 16.00 23.54
N ASP B 80 -43.33 15.00 23.97
CA ASP B 80 -44.76 15.14 24.27
C ASP B 80 -44.97 14.96 25.77
N ASP B 81 -45.35 16.05 26.45
CA ASP B 81 -45.55 16.06 27.91
C ASP B 81 -46.92 15.55 28.40
N LYS B 82 -47.79 15.12 27.47
CA LYS B 82 -49.06 14.44 27.80
C LYS B 82 -48.96 12.92 27.55
N TRP B 83 -47.75 12.38 27.66
CA TRP B 83 -47.49 10.98 27.35
C TRP B 83 -48.05 10.04 28.43
N GLU B 84 -48.07 10.48 29.68
CA GLU B 84 -48.57 9.67 30.78
C GLU B 84 -50.09 9.51 30.78
N LYS B 85 -50.81 10.52 30.33
CA LYS B 85 -52.26 10.41 30.14
C LYS B 85 -52.59 9.49 28.96
N LYS B 86 -51.77 9.57 27.92
CA LYS B 86 -51.94 8.72 26.74
C LYS B 86 -51.78 7.23 27.07
N CYS B 87 -50.77 6.88 27.87
CA CYS B 87 -50.56 5.48 28.32
C CYS B 87 -51.77 4.96 29.11
N GLN B 88 -52.20 5.75 30.09
CA GLN B 88 -53.40 5.44 30.88
C GLN B 88 -54.59 5.12 29.98
N LYS B 89 -54.78 5.94 28.96
CA LYS B 89 -55.86 5.77 27.99
C LYS B 89 -55.74 4.44 27.22
N ILE B 90 -54.52 4.07 26.83
CA ILE B 90 -54.25 2.86 26.04
C ILE B 90 -54.48 1.60 26.87
N PHE B 91 -54.01 1.62 28.11
CA PHE B 91 -54.22 0.49 29.02
C PHE B 91 -55.70 0.32 29.34
N SER B 92 -56.42 1.42 29.50
CA SER B 92 -57.89 1.39 29.62
C SER B 92 -58.54 0.75 28.38
N PHE B 93 -58.09 1.14 27.18
CA PHE B 93 -58.50 0.49 25.93
C PHE B 93 -58.18 -1.01 25.93
N ALA B 94 -56.96 -1.37 26.33
CA ALA B 94 -56.55 -2.78 26.42
C ALA B 94 -57.45 -3.57 27.38
N HIS B 95 -57.75 -2.98 28.53
CA HIS B 95 -58.63 -3.59 29.54
C HIS B 95 -60.04 -3.86 28.97
N GLN B 96 -60.55 -2.91 28.18
CA GLN B 96 -61.87 -3.05 27.54
C GLN B 96 -61.88 -4.08 26.42
N THR B 97 -60.80 -4.11 25.66
CA THR B 97 -60.65 -5.08 24.56
C THR B 97 -60.50 -6.52 25.09
N ILE B 98 -59.77 -6.68 26.19
CA ILE B 98 -59.60 -7.99 26.81
C ILE B 98 -60.93 -8.42 27.46
N SER B 99 -61.65 -7.47 28.06
CA SER B 99 -62.98 -7.73 28.64
C SER B 99 -64.03 -8.13 27.61
N ALA B 100 -63.90 -7.64 26.38
CA ALA B 100 -64.77 -8.07 25.28
C ALA B 100 -64.57 -9.55 24.91
N LEU B 101 -63.36 -10.09 25.12
CA LEU B 101 -63.09 -11.53 24.96
C LEU B 101 -63.73 -12.41 26.05
N ILE B 102 -63.81 -11.86 27.27
CA ILE B 102 -64.41 -12.58 28.41
C ILE B 102 -65.92 -12.81 28.21
N LYS B 103 -66.65 -11.75 27.87
CA LYS B 103 -68.10 -11.88 27.54
C LYS B 103 -68.34 -12.95 26.48
N ALA B 104 -67.43 -13.06 25.52
CA ALA B 104 -67.45 -14.15 24.54
C ALA B 104 -67.04 -15.55 25.08
N GLU B 105 -67.01 -15.71 26.41
CA GLU B 105 -66.77 -16.99 27.10
C GLU B 105 -65.37 -17.59 26.85
N LEU B 106 -64.36 -16.73 27.00
CA LEU B 106 -62.95 -17.13 26.95
C LEU B 106 -62.26 -16.80 28.27
N ALA B 107 -61.23 -17.58 28.59
CA ALA B 107 -60.54 -17.49 29.89
C ALA B 107 -59.02 -17.62 29.77
N GLU B 108 -58.54 -18.68 29.10
CA GLU B 108 -57.10 -18.92 28.91
C GLU B 108 -56.37 -17.75 28.26
N LEU B 109 -56.88 -17.30 27.12
CA LEU B 109 -56.27 -16.20 26.37
C LEU B 109 -56.34 -14.85 27.09
N PRO B 110 -57.54 -14.40 27.50
CA PRO B 110 -57.57 -13.11 28.20
C PRO B 110 -56.72 -13.07 29.49
N LEU B 111 -56.68 -14.17 30.25
CA LEU B 111 -55.78 -14.29 31.41
C LEU B 111 -54.33 -13.99 31.01
N ARG B 112 -53.88 -14.63 29.92
CA ARG B 112 -52.55 -14.41 29.38
C ARG B 112 -52.33 -13.00 28.83
N LEU B 113 -53.36 -12.40 28.24
CA LEU B 113 -53.30 -11.00 27.78
C LEU B 113 -53.24 -10.01 28.95
N PHE B 114 -53.95 -10.32 30.01
CA PHE B 114 -53.89 -9.52 31.23
C PHE B 114 -52.52 -9.56 31.89
N LEU B 115 -51.86 -10.71 31.87
CA LEU B 115 -50.52 -10.83 32.46
C LEU B 115 -49.51 -10.02 31.67
N GLN B 116 -49.64 -10.05 30.35
CA GLN B 116 -48.81 -9.26 29.47
C GLN B 116 -48.95 -7.76 29.71
N GLY B 117 -50.17 -7.31 29.97
CA GLY B 117 -50.45 -5.92 30.25
C GLY B 117 -49.88 -5.46 31.56
N ALA B 118 -49.93 -6.33 32.57
CA ALA B 118 -49.28 -6.04 33.86
C ALA B 118 -47.77 -5.90 33.71
N LEU B 119 -47.15 -6.76 32.91
CA LEU B 119 -45.72 -6.64 32.63
C LEU B 119 -45.37 -5.31 31.98
N ALA B 120 -46.13 -4.93 30.95
CA ALA B 120 -45.87 -3.69 30.20
C ALA B 120 -46.02 -2.43 31.06
N ALA B 121 -47.13 -2.35 31.79
CA ALA B 121 -47.39 -1.22 32.70
C ALA B 121 -46.26 -1.05 33.69
N GLY B 122 -45.86 -2.15 34.33
CA GLY B 122 -44.74 -2.16 35.25
C GLY B 122 -43.42 -1.69 34.66
N GLU B 123 -43.16 -2.03 33.39
CA GLU B 123 -41.93 -1.61 32.71
C GLU B 123 -41.94 -0.17 32.20
N ILE B 124 -43.10 0.37 31.82
CA ILE B 124 -43.17 1.71 31.24
C ILE B 124 -42.95 2.78 32.32
N GLY B 125 -43.78 2.79 33.36
CA GLY B 125 -43.57 3.68 34.51
C GLY B 125 -44.32 5.02 34.48
N PHE B 126 -45.33 5.09 33.62
CA PHE B 126 -46.26 6.22 33.57
C PHE B 126 -46.95 6.40 34.92
N GLU B 127 -47.30 7.63 35.29
CA GLU B 127 -47.97 7.87 36.57
C GLU B 127 -49.24 7.01 36.70
N ASN B 128 -49.40 6.39 37.86
CA ASN B 128 -50.50 5.46 38.12
C ASN B 128 -50.31 4.09 37.43
N HIS B 129 -49.06 3.73 37.11
CA HIS B 129 -48.76 2.42 36.49
C HIS B 129 -48.97 1.22 37.43
N GLU B 130 -48.58 1.39 38.70
CA GLU B 130 -48.74 0.35 39.74
C GLU B 130 -50.19 -0.08 39.89
N THR B 131 -51.12 0.88 39.80
CA THR B 131 -52.54 0.62 39.93
C THR B 131 -53.07 -0.14 38.71
N VAL B 132 -52.62 0.26 37.53
CA VAL B 132 -52.95 -0.43 36.28
C VAL B 132 -52.45 -1.87 36.35
N ALA B 133 -51.20 -2.03 36.80
CA ALA B 133 -50.54 -3.33 36.84
C ALA B 133 -51.24 -4.27 37.82
N TYR B 134 -51.60 -3.75 38.99
CA TYR B 134 -52.36 -4.49 39.99
C TYR B 134 -53.71 -4.98 39.46
N GLU B 135 -54.46 -4.06 38.87
CA GLU B 135 -55.78 -4.37 38.32
C GLU B 135 -55.65 -5.50 37.30
N PHE B 136 -54.70 -5.37 36.38
CA PHE B 136 -54.45 -6.39 35.36
C PHE B 136 -54.06 -7.75 35.98
N MET B 137 -53.28 -7.72 37.06
CA MET B 137 -52.88 -8.96 37.74
C MET B 137 -54.08 -9.57 38.43
N SER B 138 -54.81 -8.76 39.20
CA SER B 138 -55.98 -9.24 39.95
C SER B 138 -57.08 -9.74 39.01
N GLN B 139 -57.13 -9.17 37.82
CA GLN B 139 -58.04 -9.64 36.78
C GLN B 139 -57.59 -11.00 36.21
N ALA B 140 -56.28 -11.23 36.13
CA ALA B 140 -55.73 -12.54 35.74
C ALA B 140 -56.06 -13.61 36.77
N PHE B 141 -56.02 -13.23 38.05
CA PHE B 141 -56.41 -14.13 39.14
C PHE B 141 -57.90 -14.52 39.09
N SER B 142 -58.81 -13.55 38.89
CA SER B 142 -60.26 -13.85 38.75
C SER B 142 -60.51 -14.93 37.70
N LEU B 143 -59.92 -14.74 36.52
CA LEU B 143 -60.07 -15.70 35.42
C LEU B 143 -59.45 -17.05 35.76
N TYR B 144 -58.39 -17.04 36.54
CA TYR B 144 -57.81 -18.28 37.06
C TYR B 144 -58.78 -19.04 38.00
N GLU B 145 -59.41 -18.30 38.91
CA GLU B 145 -60.26 -18.88 39.95
C GLU B 145 -61.64 -19.23 39.40
N ASP B 146 -62.31 -18.22 38.86
CA ASP B 146 -63.72 -18.32 38.47
C ASP B 146 -63.97 -19.17 37.22
N GLU B 147 -63.00 -19.21 36.30
CA GLU B 147 -63.19 -19.79 34.96
C GLU B 147 -62.24 -20.94 34.54
N ILE B 148 -61.38 -21.42 35.44
CA ILE B 148 -60.44 -22.52 35.14
C ILE B 148 -60.48 -23.62 36.22
N SER B 149 -60.74 -24.86 35.80
CA SER B 149 -60.67 -26.02 36.68
C SER B 149 -60.46 -27.32 35.88
N ASP B 150 -59.23 -27.48 35.39
CA ASP B 150 -58.74 -28.73 34.80
C ASP B 150 -57.25 -28.87 35.16
N SER B 151 -56.94 -29.82 36.03
CA SER B 151 -55.67 -29.84 36.82
C SER B 151 -54.39 -29.42 36.08
N LYS B 152 -54.21 -29.89 34.84
CA LYS B 152 -53.02 -29.57 34.06
C LYS B 152 -53.10 -28.17 33.40
N ALA B 153 -54.30 -27.72 33.08
CA ALA B 153 -54.52 -26.34 32.61
C ALA B 153 -54.40 -25.31 33.75
N GLN B 154 -54.85 -25.68 34.96
CA GLN B 154 -54.62 -24.89 36.18
C GLN B 154 -53.12 -24.67 36.41
N LEU B 155 -52.39 -25.78 36.49
CA LEU B 155 -50.93 -25.76 36.68
C LEU B 155 -50.23 -24.91 35.61
N ALA B 156 -50.69 -25.04 34.35
CA ALA B 156 -50.17 -24.21 33.26
C ALA B 156 -50.42 -22.73 33.50
N ALA B 157 -51.63 -22.39 33.97
CA ALA B 157 -52.02 -21.00 34.18
C ALA B 157 -51.24 -20.39 35.31
N ILE B 158 -51.24 -21.07 36.46
CA ILE B 158 -50.58 -20.52 37.64
C ILE B 158 -49.07 -20.45 37.54
N THR B 159 -48.43 -21.30 36.73
CA THR B 159 -47.00 -21.13 36.45
C THR B 159 -46.75 -19.82 35.70
N LEU B 160 -47.65 -19.47 34.77
CA LEU B 160 -47.55 -18.20 34.05
C LEU B 160 -47.77 -16.97 34.95
N ILE B 161 -48.75 -17.04 35.84
CA ILE B 161 -48.99 -15.97 36.81
C ILE B 161 -47.76 -15.80 37.69
N ILE B 162 -47.25 -16.92 38.24
CA ILE B 162 -46.06 -16.93 39.11
C ILE B 162 -44.83 -16.41 38.36
N GLY B 163 -44.59 -16.96 37.18
CA GLY B 163 -43.44 -16.56 36.37
C GLY B 163 -43.48 -15.09 35.94
N THR B 164 -44.68 -14.59 35.70
CA THR B 164 -44.89 -13.19 35.32
C THR B 164 -44.69 -12.29 36.53
N PHE B 165 -45.34 -12.66 37.61
CA PHE B 165 -45.25 -11.93 38.85
C PHE B 165 -43.80 -11.83 39.36
N GLU B 166 -43.03 -12.90 39.19
CA GLU B 166 -41.62 -12.95 39.60
C GLU B 166 -40.72 -11.90 38.89
N ARG B 167 -41.04 -11.54 37.65
CA ARG B 167 -40.31 -10.48 36.93
C ARG B 167 -40.74 -9.06 37.31
N MET B 168 -41.89 -8.91 37.98
CA MET B 168 -42.45 -7.58 38.26
C MET B 168 -41.62 -6.94 39.35
N LYS B 169 -41.33 -5.66 39.20
CA LYS B 169 -40.62 -4.88 40.21
C LYS B 169 -41.31 -3.57 40.61
N CYS B 170 -42.51 -3.33 40.08
CA CYS B 170 -43.22 -2.06 40.27
C CYS B 170 -44.10 -2.00 41.52
N PHE B 171 -44.31 -3.13 42.21
CA PHE B 171 -45.21 -3.16 43.38
C PHE B 171 -44.50 -2.76 44.68
N SER B 172 -45.17 -1.94 45.49
CA SER B 172 -44.73 -1.70 46.89
C SER B 172 -45.06 -2.93 47.73
N GLU B 173 -44.47 -3.04 48.91
CA GLU B 173 -44.72 -4.20 49.79
C GLU B 173 -46.22 -4.41 50.10
N GLU B 174 -46.96 -3.32 50.31
CA GLU B 174 -48.41 -3.40 50.57
C GLU B 174 -49.22 -4.11 49.47
N ASN B 175 -48.83 -3.94 48.21
CA ASN B 175 -49.46 -4.67 47.07
C ASN B 175 -48.75 -5.98 46.76
N HIS B 176 -47.43 -6.02 46.90
CA HIS B 176 -46.66 -7.23 46.62
C HIS B 176 -47.10 -8.41 47.49
N GLU B 177 -47.32 -8.16 48.79
CA GLU B 177 -47.65 -9.21 49.77
C GLU B 177 -48.99 -9.97 49.55
N PRO B 178 -50.12 -9.26 49.37
CA PRO B 178 -51.36 -9.99 49.06
C PRO B 178 -51.24 -10.86 47.80
N LEU B 179 -50.60 -10.34 46.75
CA LEU B 179 -50.30 -11.14 45.55
C LEU B 179 -49.37 -12.33 45.82
N ARG B 180 -48.38 -12.12 46.68
CA ARG B 180 -47.41 -13.15 47.02
C ARG B 180 -48.08 -14.37 47.67
N THR B 181 -48.82 -14.11 48.75
CA THR B 181 -49.46 -15.16 49.52
C THR B 181 -50.66 -15.78 48.79
N GLN B 182 -51.31 -15.00 47.92
CA GLN B 182 -52.33 -15.55 47.03
C GLN B 182 -51.74 -16.61 46.09
N CYS B 183 -50.54 -16.38 45.57
CA CYS B 183 -49.86 -17.39 44.73
C CYS B 183 -49.55 -18.68 45.49
N ALA B 184 -49.08 -18.55 46.73
CA ALA B 184 -48.83 -19.71 47.59
C ALA B 184 -50.14 -20.41 47.99
N LEU B 185 -51.17 -19.62 48.31
CA LEU B 185 -52.51 -20.16 48.60
C LEU B 185 -53.06 -20.90 47.40
N ALA B 186 -53.17 -20.21 46.28
CA ALA B 186 -53.64 -20.79 45.04
C ALA B 186 -52.89 -22.08 44.67
N ALA B 187 -51.56 -22.07 44.83
CA ALA B 187 -50.69 -23.20 44.45
C ALA B 187 -50.94 -24.44 45.31
N SER B 188 -51.19 -24.25 46.59
CA SER B 188 -51.47 -25.35 47.51
C SER B 188 -52.87 -25.99 47.37
N LYS B 189 -53.72 -25.48 46.45
CA LYS B 189 -55.10 -25.97 46.26
C LYS B 189 -55.44 -26.46 44.84
N LEU B 190 -54.45 -26.82 44.04
CA LEU B 190 -54.73 -27.44 42.73
C LEU B 190 -55.40 -28.79 42.92
N LEU B 191 -56.16 -29.22 41.93
CA LEU B 191 -56.94 -30.47 41.97
C LEU B 191 -56.13 -31.68 42.48
N LYS B 192 -55.04 -32.00 41.78
CA LYS B 192 -54.22 -33.18 42.09
C LYS B 192 -52.99 -32.87 42.94
N LYS B 193 -52.64 -33.81 43.81
CA LYS B 193 -51.53 -33.68 44.77
C LYS B 193 -50.12 -33.48 44.17
N PRO B 194 -49.78 -34.21 43.09
CA PRO B 194 -48.46 -33.97 42.47
C PRO B 194 -48.28 -32.55 41.89
N ASP B 195 -49.35 -32.01 41.31
CA ASP B 195 -49.34 -30.65 40.75
C ASP B 195 -49.28 -29.56 41.81
N GLN B 196 -49.76 -29.86 43.03
CA GLN B 196 -49.59 -28.96 44.18
C GLN B 196 -48.12 -28.86 44.58
N GLY B 197 -47.46 -30.02 44.71
CA GLY B 197 -46.05 -30.09 45.08
C GLY B 197 -45.17 -29.22 44.20
N ARG B 198 -45.37 -29.33 42.89
CA ARG B 198 -44.66 -28.52 41.90
C ARG B 198 -44.91 -27.04 42.08
N ALA B 199 -46.19 -26.67 42.08
CA ALA B 199 -46.60 -25.26 42.14
C ALA B 199 -46.14 -24.55 43.42
N VAL B 200 -46.27 -25.23 44.55
CA VAL B 200 -45.84 -24.66 45.83
C VAL B 200 -44.33 -24.45 45.87
N SER B 201 -43.56 -25.37 45.28
CA SER B 201 -42.10 -25.25 45.19
C SER B 201 -41.68 -24.17 44.17
N THR B 202 -42.35 -24.13 43.02
CA THR B 202 -42.24 -23.02 42.07
C THR B 202 -42.45 -21.64 42.74
N CYS B 203 -43.36 -21.58 43.70
CA CYS B 203 -43.61 -20.35 44.49
C CYS B 203 -42.44 -19.85 45.32
N ALA B 204 -41.53 -20.76 45.67
CA ALA B 204 -40.34 -20.38 46.44
C ALA B 204 -39.59 -19.23 45.81
N HIS B 205 -39.48 -19.24 44.47
CA HIS B 205 -38.81 -18.17 43.72
C HIS B 205 -39.42 -16.77 43.94
N LEU B 206 -40.72 -16.69 44.25
CA LEU B 206 -41.38 -15.40 44.55
C LEU B 206 -40.83 -14.75 45.79
N PHE B 207 -40.52 -15.55 46.80
CA PHE B 207 -40.00 -15.03 48.07
C PHE B 207 -38.51 -14.70 48.01
N TRP B 208 -37.78 -15.34 47.09
CA TRP B 208 -36.33 -15.15 46.93
C TRP B 208 -36.00 -14.02 45.95
N SER B 209 -36.34 -14.21 44.68
CA SER B 209 -35.95 -13.31 43.60
C SER B 209 -37.02 -12.26 43.23
N GLY B 210 -38.15 -12.25 43.94
CA GLY B 210 -39.17 -11.21 43.77
C GLY B 210 -38.70 -9.86 44.31
N ARG B 211 -39.05 -8.78 43.59
CA ARG B 211 -38.69 -7.41 44.00
C ARG B 211 -39.92 -6.57 44.30
N ASN B 212 -39.87 -5.88 45.45
CA ASN B 212 -40.75 -4.73 45.73
C ASN B 212 -39.95 -3.42 45.72
N THR B 213 -40.65 -2.30 45.82
CA THR B 213 -40.03 -0.96 45.72
C THR B 213 -39.60 -0.33 47.07
N ASP B 214 -39.56 -1.12 48.14
CA ASP B 214 -39.03 -0.70 49.46
C ASP B 214 -37.54 -1.02 49.65
N LYS B 215 -37.01 -1.96 48.88
CA LYS B 215 -35.66 -2.52 49.08
C LYS B 215 -34.53 -1.83 48.29
N ASN B 216 -34.80 -0.65 47.71
CA ASN B 216 -33.91 -0.01 46.73
C ASN B 216 -33.70 -0.94 45.52
N GLY B 217 -34.81 -1.48 45.01
CA GLY B 217 -34.80 -2.38 43.85
C GLY B 217 -34.16 -3.74 44.02
N GLU B 218 -33.88 -4.13 45.27
CA GLU B 218 -33.14 -5.35 45.57
C GLU B 218 -34.09 -6.52 45.78
N GLU B 219 -33.59 -7.73 45.55
CA GLU B 219 -34.35 -8.97 45.71
C GLU B 219 -34.66 -9.23 47.20
N LEU B 220 -35.84 -9.78 47.46
CA LEU B 220 -36.31 -10.04 48.84
C LEU B 220 -35.40 -10.94 49.69
N HIS B 221 -34.96 -12.06 49.11
CA HIS B 221 -34.12 -13.08 49.80
C HIS B 221 -34.72 -13.64 51.12
N GLY B 222 -36.04 -13.80 51.16
CA GLY B 222 -36.74 -14.35 52.33
C GLY B 222 -36.57 -15.86 52.42
N GLY B 223 -35.38 -16.27 52.87
CA GLY B 223 -34.97 -17.67 52.88
C GLY B 223 -35.81 -18.59 53.76
N LYS B 224 -36.37 -18.06 54.85
CA LYS B 224 -37.25 -18.88 55.71
C LYS B 224 -38.55 -19.23 54.97
N ARG B 225 -39.13 -18.26 54.28
CA ARG B 225 -40.32 -18.50 53.45
C ARG B 225 -39.99 -19.43 52.27
N VAL B 226 -38.78 -19.30 51.72
CA VAL B 226 -38.31 -20.20 50.65
C VAL B 226 -38.37 -21.66 51.12
N MET B 227 -37.94 -21.91 52.35
CA MET B 227 -37.98 -23.25 52.94
C MET B 227 -39.39 -23.73 53.25
N GLU B 228 -40.20 -22.88 53.91
CA GLU B 228 -41.62 -23.20 54.18
C GLU B 228 -42.34 -23.76 52.96
N CYS B 229 -42.11 -23.13 51.81
CA CYS B 229 -42.66 -23.62 50.54
C CYS B 229 -42.14 -25.02 50.24
N LEU B 230 -40.84 -25.22 50.38
CA LEU B 230 -40.23 -26.52 50.09
C LEU B 230 -40.60 -27.60 51.13
N LYS B 231 -40.72 -27.22 52.39
CA LYS B 231 -41.17 -28.14 53.45
C LYS B 231 -42.62 -28.55 53.17
N LYS B 232 -43.43 -27.57 52.77
CA LYS B 232 -44.82 -27.79 52.37
C LYS B 232 -44.94 -28.55 51.03
N ALA B 233 -43.97 -28.39 50.15
CA ALA B 233 -43.90 -29.17 48.91
C ALA B 233 -43.56 -30.65 49.14
N LEU B 234 -42.70 -30.91 50.14
CA LEU B 234 -42.35 -32.29 50.54
C LEU B 234 -43.52 -32.98 51.22
N LYS B 235 -44.13 -32.30 52.18
CA LYS B 235 -45.35 -32.78 52.84
C LYS B 235 -46.36 -33.28 51.80
N ILE B 236 -46.61 -32.47 50.78
CA ILE B 236 -47.55 -32.81 49.70
C ILE B 236 -47.07 -34.02 48.86
N ALA B 237 -45.76 -34.15 48.69
CA ALA B 237 -45.18 -35.28 47.98
C ALA B 237 -45.36 -36.62 48.70
N ASN B 238 -45.28 -36.62 50.04
CA ASN B 238 -45.52 -37.84 50.85
C ASN B 238 -46.90 -38.47 50.64
N GLN B 239 -47.91 -37.64 50.41
CA GLN B 239 -49.30 -38.09 50.35
C GLN B 239 -49.82 -38.44 48.94
N CYS B 240 -48.91 -38.52 47.94
CA CYS B 240 -49.31 -38.74 46.54
C CYS B 240 -49.77 -40.18 46.26
N MET B 241 -50.47 -40.34 45.13
CA MET B 241 -51.21 -41.59 44.79
C MET B 241 -50.45 -42.57 43.87
N ASP B 242 -49.19 -42.28 43.56
CA ASP B 242 -48.37 -43.10 42.66
C ASP B 242 -46.92 -43.06 43.18
N PRO B 243 -46.30 -44.24 43.44
CA PRO B 243 -44.89 -44.22 43.86
C PRO B 243 -43.93 -43.61 42.83
N SER B 244 -44.23 -43.76 41.54
CA SER B 244 -43.50 -43.09 40.47
C SER B 244 -43.50 -41.57 40.64
N LEU B 245 -44.71 -40.97 40.71
CA LEU B 245 -44.87 -39.51 40.85
C LEU B 245 -44.35 -38.98 42.19
N GLN B 246 -44.53 -39.77 43.24
CA GLN B 246 -44.06 -39.44 44.59
C GLN B 246 -42.55 -39.16 44.59
N VAL B 247 -41.81 -40.05 43.95
CA VAL B 247 -40.35 -39.97 43.87
C VAL B 247 -39.95 -38.92 42.85
N GLN B 248 -40.56 -38.97 41.67
CA GLN B 248 -40.39 -37.95 40.62
C GLN B 248 -40.47 -36.52 41.19
N LEU B 249 -41.37 -36.31 42.15
CA LEU B 249 -41.52 -35.03 42.86
C LEU B 249 -40.48 -34.81 43.98
N PHE B 250 -40.05 -35.89 44.64
CA PHE B 250 -38.94 -35.81 45.60
C PHE B 250 -37.63 -35.34 44.97
N ILE B 251 -37.34 -35.86 43.78
CA ILE B 251 -36.13 -35.49 43.01
C ILE B 251 -36.20 -34.05 42.47
N GLU B 252 -37.40 -33.60 42.07
CA GLU B 252 -37.65 -32.21 41.65
C GLU B 252 -37.43 -31.22 42.79
N ILE B 253 -37.94 -31.55 43.98
CA ILE B 253 -37.78 -30.68 45.16
C ILE B 253 -36.32 -30.64 45.61
N LEU B 254 -35.61 -31.77 45.48
CA LEU B 254 -34.18 -31.83 45.80
C LEU B 254 -33.34 -30.85 44.96
N ASN B 255 -33.61 -30.84 43.65
CA ASN B 255 -32.99 -29.88 42.73
C ASN B 255 -33.36 -28.42 43.05
N ARG B 256 -34.57 -28.21 43.59
CA ARG B 256 -35.02 -26.88 44.00
C ARG B 256 -34.28 -26.40 45.25
N TYR B 257 -34.02 -27.29 46.21
CA TYR B 257 -33.14 -26.96 47.34
C TYR B 257 -31.74 -26.59 46.85
N ILE B 258 -31.24 -27.37 45.89
CA ILE B 258 -29.94 -27.14 45.28
C ILE B 258 -29.86 -25.78 44.57
N TYR B 259 -30.98 -25.35 43.96
CA TYR B 259 -31.07 -24.01 43.37
C TYR B 259 -30.79 -22.93 44.42
N PHE B 260 -31.47 -23.00 45.56
CA PHE B 260 -31.28 -21.99 46.61
C PHE B 260 -29.99 -22.21 47.41
N TYR B 261 -29.59 -23.47 47.58
CA TYR B 261 -28.28 -23.80 48.16
C TYR B 261 -27.15 -23.06 47.45
N GLU B 262 -27.11 -23.17 46.12
CA GLU B 262 -26.08 -22.53 45.29
C GLU B 262 -26.23 -21.01 45.19
N LYS B 263 -27.44 -20.49 45.36
CA LYS B 263 -27.67 -19.03 45.36
C LYS B 263 -27.34 -18.33 46.71
N GLU B 264 -26.76 -19.07 47.66
CA GLU B 264 -26.37 -18.55 48.99
C GLU B 264 -27.60 -18.27 49.87
N ASN B 265 -28.45 -19.29 50.00
CA ASN B 265 -29.56 -19.27 50.95
C ASN B 265 -29.11 -19.97 52.23
N ASP B 266 -28.96 -19.19 53.31
CA ASP B 266 -28.51 -19.71 54.62
C ASP B 266 -29.32 -20.91 55.11
N ALA B 267 -30.64 -20.86 54.88
CA ALA B 267 -31.57 -21.85 55.42
C ALA B 267 -31.51 -23.25 54.76
N VAL B 268 -30.87 -23.37 53.61
CA VAL B 268 -30.58 -24.68 53.00
C VAL B 268 -29.22 -25.17 53.50
N THR B 269 -29.23 -26.22 54.34
CA THR B 269 -27.99 -26.85 54.82
C THR B 269 -27.86 -28.26 54.24
N ILE B 270 -26.61 -28.72 54.11
CA ILE B 270 -26.27 -30.04 53.53
C ILE B 270 -27.03 -31.22 54.19
N GLN B 271 -27.34 -31.08 55.49
CA GLN B 271 -28.17 -32.06 56.24
C GLN B 271 -29.50 -32.34 55.54
N VAL B 272 -30.14 -31.27 55.08
CA VAL B 272 -31.46 -31.35 54.43
C VAL B 272 -31.38 -32.10 53.10
N LEU B 273 -30.29 -31.90 52.37
CA LEU B 273 -30.08 -32.57 51.08
C LEU B 273 -29.85 -34.06 51.26
N ASN B 274 -28.94 -34.42 52.16
CA ASN B 274 -28.65 -35.81 52.50
C ASN B 274 -29.87 -36.60 52.99
N GLN B 275 -30.72 -35.96 53.81
CA GLN B 275 -31.99 -36.56 54.27
C GLN B 275 -32.85 -37.00 53.09
N LEU B 276 -33.01 -36.11 52.13
CA LEU B 276 -33.83 -36.36 50.94
C LEU B 276 -33.18 -37.33 49.92
N ILE B 277 -31.86 -37.30 49.73
CA ILE B 277 -31.22 -38.23 48.78
C ILE B 277 -31.28 -39.67 49.31
N GLN B 278 -31.16 -39.83 50.64
CA GLN B 278 -31.35 -41.13 51.29
C GLN B 278 -32.81 -41.60 51.16
N LYS B 279 -33.74 -40.66 51.32
CA LYS B 279 -35.17 -40.94 51.16
C LYS B 279 -35.50 -41.44 49.74
N ILE B 280 -34.85 -40.83 48.74
CA ILE B 280 -34.96 -41.28 47.34
C ILE B 280 -34.23 -42.61 47.13
N ARG B 281 -33.08 -42.80 47.78
CA ARG B 281 -32.36 -44.11 47.73
C ARG B 281 -33.20 -45.27 48.28
N GLU B 282 -34.00 -45.01 49.31
CA GLU B 282 -34.89 -46.02 49.89
C GLU B 282 -36.06 -46.40 48.96
N ASP B 283 -36.77 -45.39 48.46
CA ASP B 283 -38.02 -45.58 47.71
C ASP B 283 -37.85 -45.89 46.22
N LEU B 284 -36.72 -45.47 45.63
CA LEU B 284 -36.50 -45.61 44.19
C LEU B 284 -36.37 -47.06 43.67
N PRO B 285 -35.79 -47.98 44.47
CA PRO B 285 -35.86 -49.40 44.05
C PRO B 285 -37.27 -50.01 44.09
N ASN B 286 -38.18 -49.43 44.88
CA ASN B 286 -39.56 -49.94 45.00
C ASN B 286 -40.50 -49.38 43.92
N LEU B 287 -40.01 -49.25 42.68
CA LEU B 287 -40.82 -48.80 41.55
C LEU B 287 -40.87 -49.90 40.48
N GLU B 288 -41.86 -49.80 39.60
CA GLU B 288 -42.02 -50.72 38.47
C GLU B 288 -40.89 -50.48 37.46
N SER B 289 -40.42 -51.55 36.82
CA SER B 289 -39.42 -51.44 35.75
C SER B 289 -40.11 -50.86 34.51
N SER B 290 -39.64 -49.71 34.03
CA SER B 290 -40.32 -48.99 32.95
C SER B 290 -39.44 -47.95 32.26
N GLU B 291 -39.97 -47.39 31.18
CA GLU B 291 -39.40 -46.19 30.54
C GLU B 291 -39.46 -44.99 31.49
N GLU B 292 -40.54 -44.91 32.28
CA GLU B 292 -40.77 -43.81 33.22
C GLU B 292 -39.76 -43.80 34.38
N THR B 293 -39.47 -44.97 34.94
CA THR B 293 -38.54 -45.07 36.08
C THR B 293 -37.07 -45.10 35.66
N GLU B 294 -36.79 -45.41 34.39
CA GLU B 294 -35.44 -45.27 33.84
C GLU B 294 -35.03 -43.80 33.70
N GLN B 295 -35.96 -42.95 33.25
CA GLN B 295 -35.74 -41.50 33.16
C GLN B 295 -35.63 -40.84 34.55
N ILE B 296 -36.40 -41.35 35.49
CA ILE B 296 -36.36 -40.91 36.91
C ILE B 296 -35.03 -41.28 37.58
N ASN B 297 -34.50 -42.46 37.25
CA ASN B 297 -33.18 -42.87 37.74
C ASN B 297 -32.09 -42.01 37.16
N LYS B 298 -32.13 -41.78 35.85
CA LYS B 298 -31.16 -40.92 35.17
C LYS B 298 -31.20 -39.49 35.69
N HIS B 299 -32.40 -39.00 36.03
CA HIS B 299 -32.57 -37.68 36.65
C HIS B 299 -31.87 -37.60 38.01
N PHE B 300 -32.06 -38.62 38.86
CA PHE B 300 -31.43 -38.66 40.19
C PHE B 300 -29.91 -38.80 40.11
N HIS B 301 -29.41 -39.52 39.11
CA HIS B 301 -27.97 -39.61 38.89
C HIS B 301 -27.40 -38.25 38.50
N ASN B 302 -28.05 -37.57 37.56
CA ASN B 302 -27.65 -36.23 37.11
C ASN B 302 -27.58 -35.22 38.24
N THR B 303 -28.49 -35.35 39.21
CA THR B 303 -28.54 -34.52 40.40
C THR B 303 -27.35 -34.78 41.31
N LEU B 304 -27.11 -36.06 41.59
CA LEU B 304 -25.95 -36.48 42.37
C LEU B 304 -24.63 -36.07 41.71
N GLU B 305 -24.52 -36.28 40.40
CA GLU B 305 -23.35 -35.86 39.62
C GLU B 305 -23.13 -34.32 39.69
N HIS B 306 -24.23 -33.57 39.63
CA HIS B 306 -24.21 -32.11 39.77
C HIS B 306 -23.76 -31.66 41.15
N LEU B 307 -24.25 -32.32 42.20
CA LEU B 307 -23.78 -32.04 43.58
C LEU B 307 -22.30 -32.35 43.80
N ARG B 308 -21.74 -33.22 42.97
CA ARG B 308 -20.35 -33.67 43.12
C ARG B 308 -19.38 -32.58 42.64
N LEU B 309 -19.73 -31.90 41.55
CA LEU B 309 -19.09 -30.62 41.19
C LEU B 309 -19.73 -29.54 42.06
N ARG B 310 -19.02 -28.43 42.29
CA ARG B 310 -19.47 -27.40 43.23
C ARG B 310 -19.76 -28.00 44.62
N GLU C 2 -13.09 -13.98 11.00
CA GLU C 2 -13.81 -14.89 10.05
C GLU C 2 -15.29 -14.52 9.91
N GLU C 3 -15.68 -14.16 8.69
CA GLU C 3 -17.09 -13.87 8.34
C GLU C 3 -17.68 -15.07 7.59
N TYR C 4 -19.02 -15.09 7.47
CA TYR C 4 -19.75 -16.15 6.77
C TYR C 4 -20.85 -15.53 5.92
N THR C 5 -21.16 -16.16 4.79
CA THR C 5 -22.24 -15.67 3.91
C THR C 5 -23.60 -15.93 4.54
N PRO C 6 -24.59 -15.04 4.27
CA PRO C 6 -25.95 -15.27 4.72
C PRO C 6 -26.69 -16.21 3.75
N THR C 7 -26.34 -17.49 3.80
CA THR C 7 -26.91 -18.53 2.92
C THR C 7 -27.22 -19.76 3.75
N ILE C 8 -27.86 -20.77 3.15
CA ILE C 8 -28.19 -22.01 3.86
C ILE C 8 -27.66 -23.24 3.10
N PRO C 9 -26.60 -23.92 3.63
CA PRO C 9 -25.76 -23.57 4.80
C PRO C 9 -24.78 -22.45 4.49
N PRO C 10 -24.15 -21.85 5.52
CA PRO C 10 -23.17 -20.77 5.25
C PRO C 10 -21.85 -21.27 4.67
N LYS C 11 -21.11 -20.33 4.06
CA LYS C 11 -19.77 -20.56 3.54
C LYS C 11 -18.87 -19.43 4.03
N ALA C 12 -17.56 -19.71 4.10
CA ALA C 12 -16.58 -18.80 4.72
C ALA C 12 -16.02 -17.73 3.77
N ILE C 13 -15.45 -16.69 4.37
CA ILE C 13 -14.62 -15.70 3.64
C ILE C 13 -13.14 -16.00 3.90
N MET D 1 -39.29 14.89 -67.74
CA MET D 1 -37.84 15.14 -67.46
C MET D 1 -37.56 15.00 -65.97
N LEU D 2 -36.83 13.95 -65.62
CA LEU D 2 -36.45 13.64 -64.23
C LEU D 2 -35.04 14.17 -63.92
N VAL D 3 -34.94 15.00 -62.89
CA VAL D 3 -33.66 15.49 -62.39
C VAL D 3 -33.38 14.80 -61.06
N LEU D 4 -32.24 14.11 -60.95
CA LEU D 4 -31.79 13.56 -59.67
C LEU D 4 -30.96 14.64 -58.95
N VAL D 5 -31.32 14.92 -57.69
CA VAL D 5 -30.62 15.91 -56.84
C VAL D 5 -30.06 15.25 -55.58
N LEU D 6 -28.74 15.30 -55.41
CA LEU D 6 -28.07 14.66 -54.27
C LEU D 6 -26.67 15.22 -54.04
N GLY D 7 -26.01 14.71 -53.00
CA GLY D 7 -24.62 15.04 -52.71
C GLY D 7 -24.25 14.62 -51.30
N ASP D 8 -23.13 15.14 -50.84
CA ASP D 8 -22.55 14.81 -49.55
C ASP D 8 -22.53 13.30 -49.33
N LEU D 9 -21.92 12.63 -50.29
CA LEU D 9 -21.73 11.18 -50.25
C LEU D 9 -20.59 10.87 -49.31
N HIS D 10 -19.51 11.65 -49.43
CA HIS D 10 -18.32 11.53 -48.57
C HIS D 10 -17.63 10.17 -48.66
N ILE D 11 -17.53 9.65 -49.88
CA ILE D 11 -16.84 8.41 -50.14
C ILE D 11 -15.42 8.78 -50.53
N PRO D 12 -14.39 8.14 -49.93
CA PRO D 12 -14.34 7.17 -48.83
C PRO D 12 -14.17 7.72 -47.39
N HIS D 13 -14.15 9.05 -47.20
CA HIS D 13 -13.75 9.67 -45.91
C HIS D 13 -14.61 9.22 -44.72
N ARG D 14 -15.92 9.15 -44.94
CA ARG D 14 -16.91 8.84 -43.91
C ARG D 14 -17.76 7.61 -44.22
N CYS D 15 -17.96 7.31 -45.51
CA CYS D 15 -18.63 6.08 -45.98
C CYS D 15 -17.81 5.44 -47.11
N ASN D 16 -18.26 4.28 -47.57
CA ASN D 16 -17.63 3.61 -48.73
C ASN D 16 -18.59 3.35 -49.91
N SER D 17 -19.90 3.51 -49.71
CA SER D 17 -20.87 3.31 -50.79
C SER D 17 -22.21 3.95 -50.50
N LEU D 18 -23.03 4.09 -51.54
CA LEU D 18 -24.45 4.37 -51.37
C LEU D 18 -25.11 3.15 -50.72
N PRO D 19 -26.25 3.36 -50.04
CA PRO D 19 -26.96 2.19 -49.51
C PRO D 19 -27.40 1.30 -50.66
N ALA D 20 -27.29 -0.02 -50.50
CA ALA D 20 -27.56 -1.00 -51.58
C ALA D 20 -28.82 -0.66 -52.35
N LYS D 21 -29.88 -0.37 -51.60
CA LYS D 21 -31.21 -0.07 -52.12
C LYS D 21 -31.23 1.14 -53.09
N PHE D 22 -30.53 2.21 -52.74
CA PHE D 22 -30.40 3.38 -53.63
C PHE D 22 -29.66 3.04 -54.93
N LYS D 23 -28.69 2.11 -54.86
CA LYS D 23 -27.95 1.71 -56.05
C LYS D 23 -28.87 1.01 -57.05
N LYS D 24 -29.69 0.09 -56.52
CA LYS D 24 -30.69 -0.63 -57.31
C LYS D 24 -31.63 0.33 -58.05
N LEU D 25 -32.13 1.33 -57.34
CA LEU D 25 -33.02 2.34 -57.95
C LEU D 25 -32.31 3.25 -58.95
N LEU D 26 -31.07 3.61 -58.64
CA LEU D 26 -30.25 4.45 -59.53
C LEU D 26 -29.51 3.61 -60.57
N VAL D 27 -30.24 3.28 -61.66
CA VAL D 27 -29.67 2.62 -62.84
C VAL D 27 -29.89 3.51 -64.07
N PRO D 28 -28.94 3.52 -65.02
CA PRO D 28 -28.92 4.46 -66.16
C PRO D 28 -30.19 4.54 -67.01
N GLY D 29 -30.31 5.62 -67.78
CA GLY D 29 -31.41 5.81 -68.74
C GLY D 29 -32.60 6.57 -68.18
N LYS D 30 -33.04 6.18 -66.98
CA LYS D 30 -34.19 6.79 -66.30
C LYS D 30 -34.05 8.29 -66.06
N ILE D 31 -32.87 8.70 -65.61
CA ILE D 31 -32.62 10.10 -65.22
C ILE D 31 -31.97 10.87 -66.38
N GLN D 32 -32.49 12.08 -66.66
CA GLN D 32 -31.99 12.95 -67.74
C GLN D 32 -30.95 13.97 -67.27
N HIS D 33 -31.11 14.46 -66.04
CA HIS D 33 -30.20 15.46 -65.46
C HIS D 33 -29.81 15.06 -64.05
N ILE D 34 -28.56 15.36 -63.68
CA ILE D 34 -28.10 15.22 -62.29
C ILE D 34 -27.52 16.54 -61.80
N LEU D 35 -28.16 17.15 -60.80
CA LEU D 35 -27.58 18.30 -60.09
C LEU D 35 -27.00 17.77 -58.80
N CYS D 36 -25.66 17.75 -58.70
CA CYS D 36 -24.98 17.28 -57.49
C CYS D 36 -24.38 18.42 -56.65
N THR D 37 -24.61 18.40 -55.34
CA THR D 37 -24.10 19.44 -54.43
C THR D 37 -22.61 19.30 -54.11
N GLY D 38 -22.01 18.16 -54.42
CA GLY D 38 -20.57 17.94 -54.19
C GLY D 38 -20.30 17.05 -52.99
N ASN D 39 -19.04 17.01 -52.58
CA ASN D 39 -18.50 16.05 -51.63
C ASN D 39 -18.83 14.64 -52.06
N LEU D 40 -18.29 14.31 -53.22
CA LEU D 40 -18.37 12.96 -53.80
C LEU D 40 -17.63 11.86 -53.01
N CYS D 41 -16.31 11.96 -52.73
CA CYS D 41 -15.42 13.08 -52.99
C CYS D 41 -14.32 12.79 -54.04
N THR D 42 -14.39 11.65 -54.72
CA THR D 42 -13.32 11.18 -55.60
C THR D 42 -13.86 10.91 -57.01
N LYS D 43 -12.93 10.68 -57.93
CA LYS D 43 -13.24 10.31 -59.34
C LYS D 43 -14.19 9.11 -59.45
N GLU D 44 -13.96 8.10 -58.62
CA GLU D 44 -14.82 6.90 -58.52
C GLU D 44 -16.33 7.21 -58.51
N SER D 45 -16.71 8.15 -57.65
CA SER D 45 -18.10 8.55 -57.48
C SER D 45 -18.58 9.50 -58.58
N TYR D 46 -17.66 10.30 -59.13
CA TYR D 46 -17.93 11.13 -60.31
C TYR D 46 -18.23 10.26 -61.54
N ASP D 47 -17.43 9.20 -61.71
CA ASP D 47 -17.63 8.22 -62.79
C ASP D 47 -19.00 7.55 -62.70
N TYR D 48 -19.38 7.14 -61.49
CA TYR D 48 -20.66 6.49 -61.28
C TYR D 48 -21.85 7.40 -61.60
N LEU D 49 -21.75 8.69 -61.27
CA LEU D 49 -22.80 9.65 -61.64
C LEU D 49 -22.87 9.94 -63.14
N LYS D 50 -21.74 9.79 -63.85
CA LYS D 50 -21.72 9.87 -65.34
C LYS D 50 -22.43 8.69 -66.00
N THR D 51 -22.25 7.51 -65.43
CA THR D 51 -23.02 6.30 -65.77
C THR D 51 -24.53 6.53 -65.81
N LEU D 52 -25.05 7.27 -64.83
CA LEU D 52 -26.50 7.38 -64.61
C LEU D 52 -27.21 8.32 -65.56
N ALA D 53 -26.55 9.38 -66.03
CA ALA D 53 -27.19 10.32 -66.97
C ALA D 53 -26.21 11.07 -67.84
N GLY D 54 -26.72 11.59 -68.96
CA GLY D 54 -25.91 12.34 -69.91
C GLY D 54 -25.46 13.65 -69.29
N ASP D 55 -26.43 14.49 -68.97
CA ASP D 55 -26.17 15.83 -68.45
C ASP D 55 -25.96 15.76 -66.92
N VAL D 56 -24.71 15.87 -66.47
CA VAL D 56 -24.37 15.82 -65.04
C VAL D 56 -23.67 17.10 -64.58
N HIS D 57 -24.30 17.84 -63.67
CA HIS D 57 -23.77 19.09 -63.14
C HIS D 57 -23.33 18.92 -61.68
N ILE D 58 -22.06 19.21 -61.39
CA ILE D 58 -21.47 19.04 -60.05
C ILE D 58 -20.75 20.31 -59.62
N VAL D 59 -20.90 20.66 -58.34
CA VAL D 59 -20.19 21.80 -57.76
C VAL D 59 -19.23 21.28 -56.70
N ARG D 60 -18.27 22.12 -56.35
CA ARG D 60 -17.19 21.73 -55.45
C ARG D 60 -17.67 21.74 -54.00
N GLY D 61 -17.53 20.60 -53.33
CA GLY D 61 -17.71 20.53 -51.88
C GLY D 61 -16.42 20.88 -51.17
N ASP D 62 -16.48 20.98 -49.84
CA ASP D 62 -15.29 21.31 -49.02
C ASP D 62 -14.26 20.18 -48.97
N PHE D 63 -14.69 18.93 -49.14
CA PHE D 63 -13.77 17.78 -49.17
C PHE D 63 -13.46 17.14 -50.55
N ASP D 64 -13.95 17.72 -51.66
CA ASP D 64 -13.64 17.17 -53.00
C ASP D 64 -12.15 17.29 -53.41
N GLU D 65 -11.62 16.24 -54.01
CA GLU D 65 -10.22 16.25 -54.51
C GLU D 65 -10.07 17.16 -55.73
N ASN D 66 -11.03 17.09 -56.64
CA ASN D 66 -10.95 17.84 -57.89
C ASN D 66 -11.15 19.32 -57.59
N LEU D 67 -10.15 20.10 -57.95
CA LEU D 67 -10.14 21.54 -57.72
C LEU D 67 -10.96 22.33 -58.75
N ASN D 68 -11.35 21.67 -59.85
CA ASN D 68 -11.95 22.35 -61.00
C ASN D 68 -13.46 22.21 -61.13
N TYR D 69 -14.11 21.50 -60.20
CA TYR D 69 -15.58 21.58 -60.14
C TYR D 69 -15.88 23.03 -59.82
N PRO D 70 -16.79 23.66 -60.56
CA PRO D 70 -17.08 25.06 -60.28
C PRO D 70 -17.65 25.25 -58.87
N GLU D 71 -17.42 26.43 -58.33
CA GLU D 71 -17.84 26.79 -56.98
C GLU D 71 -19.37 26.76 -56.88
N GLN D 72 -20.02 27.40 -57.85
CA GLN D 72 -21.48 27.41 -58.00
C GLN D 72 -21.88 27.32 -59.47
N LYS D 73 -23.18 27.16 -59.73
CA LYS D 73 -23.73 27.01 -61.08
C LYS D 73 -25.17 27.47 -61.16
N VAL D 74 -25.53 28.01 -62.33
CA VAL D 74 -26.90 28.35 -62.69
C VAL D 74 -27.20 27.60 -63.97
N VAL D 75 -28.00 26.54 -63.89
CA VAL D 75 -28.36 25.72 -65.06
C VAL D 75 -29.87 25.79 -65.32
N THR D 76 -30.25 25.79 -66.60
CA THR D 76 -31.66 25.80 -67.00
C THR D 76 -32.13 24.39 -67.36
N VAL D 77 -33.22 23.96 -66.71
CA VAL D 77 -33.91 22.71 -67.02
C VAL D 77 -35.38 23.06 -67.23
N GLY D 78 -35.86 22.90 -68.46
CA GLY D 78 -37.21 23.31 -68.83
C GLY D 78 -37.29 24.82 -68.91
N GLN D 79 -38.24 25.41 -68.17
CA GLN D 79 -38.36 26.88 -68.06
C GLN D 79 -38.02 27.37 -66.64
N PHE D 80 -36.98 26.77 -66.05
CA PHE D 80 -36.59 27.04 -64.66
C PHE D 80 -35.11 27.35 -64.58
N LYS D 81 -34.76 28.50 -64.00
CA LYS D 81 -33.37 28.76 -63.61
C LYS D 81 -33.10 28.04 -62.28
N ILE D 82 -32.14 27.11 -62.26
CA ILE D 82 -31.83 26.32 -61.05
C ILE D 82 -30.41 26.59 -60.56
N GLY D 83 -30.29 27.28 -59.44
CA GLY D 83 -28.99 27.49 -58.80
C GLY D 83 -28.49 26.24 -58.11
N LEU D 84 -27.19 25.99 -58.21
CA LEU D 84 -26.53 24.87 -57.51
C LEU D 84 -25.25 25.36 -56.80
N ILE D 85 -25.12 25.06 -55.51
CA ILE D 85 -23.92 25.41 -54.71
C ILE D 85 -23.81 24.45 -53.52
N HIS D 86 -22.61 24.08 -53.07
CA HIS D 86 -22.53 23.08 -51.99
C HIS D 86 -23.07 23.61 -50.66
N GLY D 87 -22.80 24.88 -50.36
CA GLY D 87 -23.37 25.53 -49.17
C GLY D 87 -22.47 25.72 -47.95
N HIS D 88 -21.23 25.24 -48.01
CA HIS D 88 -20.20 25.58 -47.02
C HIS D 88 -19.73 27.05 -47.10
N GLN D 89 -19.99 27.71 -48.24
CA GLN D 89 -19.71 29.14 -48.48
C GLN D 89 -20.81 30.05 -47.95
N VAL D 90 -21.99 29.49 -47.73
CA VAL D 90 -23.13 30.25 -47.23
C VAL D 90 -23.04 30.30 -45.71
N ILE D 91 -22.59 31.44 -45.19
CA ILE D 91 -22.42 31.64 -43.76
C ILE D 91 -23.58 32.51 -43.25
N PRO D 92 -24.22 32.11 -42.14
CA PRO D 92 -24.05 30.90 -41.34
C PRO D 92 -24.53 29.66 -42.10
N TRP D 93 -23.83 28.53 -41.94
CA TRP D 93 -24.21 27.29 -42.62
C TRP D 93 -25.69 26.95 -42.41
N GLY D 94 -26.38 26.68 -43.53
CA GLY D 94 -27.79 26.30 -43.51
C GLY D 94 -28.77 27.38 -43.10
N ASP D 95 -28.33 28.63 -43.06
CA ASP D 95 -29.17 29.73 -42.61
C ASP D 95 -30.06 30.15 -43.77
N MET D 96 -31.35 30.19 -43.51
CA MET D 96 -32.35 30.41 -44.56
CA MET D 96 -32.34 30.41 -44.57
C MET D 96 -32.26 31.82 -45.12
N ALA D 97 -31.99 32.79 -44.26
CA ALA D 97 -31.83 34.18 -44.70
C ALA D 97 -30.56 34.40 -45.52
N SER D 98 -29.49 33.64 -45.25
CA SER D 98 -28.28 33.69 -46.10
C SER D 98 -28.50 33.00 -47.44
N LEU D 99 -29.35 31.98 -47.48
CA LEU D 99 -29.70 31.31 -48.75
C LEU D 99 -30.56 32.23 -49.61
N ALA D 100 -31.51 32.92 -48.97
CA ALA D 100 -32.33 33.94 -49.64
C ALA D 100 -31.51 35.16 -50.14
N LEU D 101 -30.43 35.49 -49.43
CA LEU D 101 -29.47 36.47 -49.92
C LEU D 101 -28.76 35.96 -51.19
N LEU D 102 -28.33 34.70 -51.15
CA LEU D 102 -27.69 34.05 -52.30
C LEU D 102 -28.66 33.92 -53.47
N GLN D 103 -29.94 33.66 -53.20
CA GLN D 103 -30.98 33.61 -54.24
C GLN D 103 -31.07 34.91 -55.04
N ARG D 104 -31.05 36.06 -54.35
CA ARG D 104 -31.12 37.37 -55.00
C ARG D 104 -29.95 37.67 -55.93
N GLN D 105 -28.75 37.22 -55.56
CA GLN D 105 -27.57 37.34 -56.41
C GLN D 105 -27.72 36.48 -57.69
N PHE D 106 -28.01 35.20 -57.52
CA PHE D 106 -28.15 34.24 -58.63
C PHE D 106 -29.38 34.49 -59.54
N ASP D 107 -30.44 35.08 -58.98
CA ASP D 107 -31.71 35.30 -59.68
C ASP D 107 -32.31 33.99 -60.24
N VAL D 108 -32.57 33.05 -59.34
CA VAL D 108 -33.01 31.70 -59.72
C VAL D 108 -34.36 31.35 -59.11
N ASP D 109 -35.08 30.45 -59.77
CA ASP D 109 -36.36 29.96 -59.27
C ASP D 109 -36.17 28.93 -58.15
N ILE D 110 -35.20 28.03 -58.35
CA ILE D 110 -34.87 26.96 -57.42
C ILE D 110 -33.39 27.09 -57.04
N LEU D 111 -33.10 27.11 -55.74
CA LEU D 111 -31.71 27.09 -55.24
C LEU D 111 -31.45 25.77 -54.55
N ILE D 112 -30.43 25.06 -54.99
CA ILE D 112 -30.05 23.79 -54.41
C ILE D 112 -28.72 23.96 -53.69
N SER D 113 -28.66 23.49 -52.45
CA SER D 113 -27.41 23.47 -51.70
C SER D 113 -27.40 22.31 -50.72
N GLY D 114 -26.28 22.09 -50.06
CA GLY D 114 -26.13 20.94 -49.17
C GLY D 114 -25.38 21.28 -47.89
N HIS D 115 -24.41 20.43 -47.56
CA HIS D 115 -23.48 20.63 -46.43
C HIS D 115 -24.04 20.34 -45.02
N THR D 116 -25.35 20.46 -44.83
CA THR D 116 -25.96 20.18 -43.53
C THR D 116 -26.18 18.68 -43.29
N HIS D 117 -26.35 17.89 -44.36
CA HIS D 117 -26.67 16.44 -44.30
C HIS D 117 -28.09 16.16 -43.79
N LYS D 118 -28.96 17.16 -43.89
CA LYS D 118 -30.33 17.03 -43.43
C LYS D 118 -31.21 17.52 -44.57
N PHE D 119 -32.16 16.68 -44.97
CA PHE D 119 -33.08 17.05 -46.03
C PHE D 119 -33.92 18.25 -45.56
N GLU D 120 -34.05 19.26 -46.42
CA GLU D 120 -34.87 20.46 -46.16
C GLU D 120 -35.47 20.96 -47.47
N ALA D 121 -36.63 21.61 -47.38
CA ALA D 121 -37.35 22.12 -48.55
C ALA D 121 -38.22 23.34 -48.18
N PHE D 122 -37.97 24.48 -48.81
CA PHE D 122 -38.57 25.74 -48.43
C PHE D 122 -39.13 26.50 -49.62
N GLU D 123 -40.18 27.28 -49.38
CA GLU D 123 -40.68 28.29 -50.33
C GLU D 123 -40.61 29.67 -49.66
N HIS D 124 -40.14 30.66 -50.39
CA HIS D 124 -40.08 32.04 -49.90
C HIS D 124 -40.07 33.00 -51.09
N GLU D 125 -41.08 33.86 -51.18
CA GLU D 125 -41.27 34.79 -52.30
C GLU D 125 -41.38 34.07 -53.66
N ASN D 126 -42.11 32.94 -53.68
CA ASN D 126 -42.29 32.08 -54.87
C ASN D 126 -41.03 31.33 -55.37
N LYS D 127 -39.91 31.45 -54.65
CA LYS D 127 -38.69 30.70 -54.99
C LYS D 127 -38.60 29.48 -54.10
N PHE D 128 -38.10 28.37 -54.66
CA PHE D 128 -37.92 27.13 -53.91
C PHE D 128 -36.46 26.95 -53.51
N TYR D 129 -36.22 26.18 -52.45
CA TYR D 129 -34.89 25.95 -51.91
C TYR D 129 -34.83 24.51 -51.43
N ILE D 130 -34.01 23.68 -52.07
CA ILE D 130 -33.89 22.27 -51.73
C ILE D 130 -32.51 21.97 -51.20
N ASN D 131 -32.48 21.23 -50.09
CA ASN D 131 -31.29 20.54 -49.60
C ASN D 131 -31.65 19.05 -49.63
N PRO D 132 -30.97 18.28 -50.49
CA PRO D 132 -31.33 16.86 -50.60
C PRO D 132 -30.79 16.01 -49.46
N GLY D 133 -29.94 16.56 -48.59
CA GLY D 133 -29.37 15.81 -47.48
C GLY D 133 -28.22 15.00 -48.00
N SER D 134 -27.80 14.00 -47.23
CA SER D 134 -26.65 13.15 -47.60
C SER D 134 -27.14 11.82 -48.17
N ALA D 135 -26.83 11.54 -49.44
CA ALA D 135 -27.28 10.26 -50.08
C ALA D 135 -26.73 8.96 -49.45
N THR D 136 -25.72 9.09 -48.58
CA THR D 136 -25.10 7.99 -47.86
C THR D 136 -25.40 8.01 -46.36
N GLY D 137 -26.08 9.03 -45.88
CA GLY D 137 -26.22 9.24 -44.44
C GLY D 137 -24.89 9.49 -43.75
N ALA D 138 -24.00 10.21 -44.44
CA ALA D 138 -22.66 10.50 -43.93
C ALA D 138 -22.68 11.30 -42.64
N TYR D 139 -21.76 10.92 -41.75
CA TYR D 139 -21.47 11.65 -40.51
C TYR D 139 -21.42 13.17 -40.67
N ASN D 140 -21.95 13.86 -39.67
CA ASN D 140 -21.86 15.32 -39.57
C ASN D 140 -21.77 15.70 -38.11
N ALA D 141 -20.77 16.48 -37.72
CA ALA D 141 -20.61 16.86 -36.29
C ALA D 141 -21.80 17.65 -35.69
N LEU D 142 -22.56 18.36 -36.53
CA LEU D 142 -23.64 19.25 -36.09
C LEU D 142 -25.05 18.67 -36.22
N GLU D 143 -25.19 17.41 -36.58
CA GLU D 143 -26.50 16.77 -36.78
C GLU D 143 -26.36 15.28 -36.42
N THR D 144 -27.20 14.77 -35.53
CA THR D 144 -26.92 13.50 -34.83
C THR D 144 -27.45 12.20 -35.44
N ASN D 145 -28.64 12.24 -36.07
CA ASN D 145 -29.28 11.02 -36.61
C ASN D 145 -29.54 11.13 -38.10
N ILE D 146 -28.44 11.08 -38.86
CA ILE D 146 -28.48 11.35 -40.30
C ILE D 146 -29.21 10.19 -40.97
N ILE D 147 -30.12 10.54 -41.88
CA ILE D 147 -30.92 9.58 -42.63
C ILE D 147 -30.51 9.72 -44.09
N PRO D 148 -30.00 8.64 -44.71
CA PRO D 148 -29.67 8.75 -46.14
C PRO D 148 -30.84 9.25 -46.97
N SER D 149 -30.58 10.13 -47.93
CA SER D 149 -31.65 10.68 -48.75
C SER D 149 -31.20 11.31 -50.06
N PHE D 150 -32.14 11.41 -50.99
CA PHE D 150 -31.96 12.21 -52.19
C PHE D 150 -33.27 12.81 -52.66
N VAL D 151 -33.20 13.71 -53.64
CA VAL D 151 -34.37 14.35 -54.21
C VAL D 151 -34.48 14.06 -55.70
N LEU D 152 -35.70 13.74 -56.12
CA LEU D 152 -36.05 13.60 -57.53
C LEU D 152 -36.99 14.74 -57.90
N MET D 153 -36.70 15.42 -59.00
CA MET D 153 -37.55 16.49 -59.52
C MET D 153 -38.15 16.06 -60.85
N ASP D 154 -39.48 15.98 -60.92
CA ASP D 154 -40.21 15.67 -62.15
C ASP D 154 -40.64 17.00 -62.78
N ILE D 155 -39.90 17.43 -63.80
CA ILE D 155 -40.14 18.73 -64.46
C ILE D 155 -40.80 18.46 -65.82
N GLN D 156 -42.07 18.86 -65.94
CA GLN D 156 -42.87 18.65 -67.15
C GLN D 156 -43.23 19.98 -67.81
N ALA D 157 -42.23 20.64 -68.39
CA ALA D 157 -42.42 21.89 -69.15
C ALA D 157 -43.19 22.98 -68.37
N SER D 158 -42.50 23.63 -67.43
CA SER D 158 -43.07 24.68 -66.54
C SER D 158 -44.12 24.16 -65.54
N THR D 159 -43.99 22.90 -65.12
CA THR D 159 -44.77 22.33 -64.02
C THR D 159 -43.87 21.34 -63.27
N VAL D 160 -43.55 21.66 -62.02
CA VAL D 160 -42.56 20.90 -61.23
C VAL D 160 -43.24 20.15 -60.07
N VAL D 161 -42.96 18.85 -60.00
CA VAL D 161 -43.34 18.01 -58.86
C VAL D 161 -42.06 17.38 -58.34
N THR D 162 -41.87 17.37 -57.03
CA THR D 162 -40.61 16.97 -56.41
C THR D 162 -40.82 15.94 -55.30
N TYR D 163 -39.86 15.02 -55.16
CA TYR D 163 -39.97 13.87 -54.26
C TYR D 163 -38.70 13.70 -53.45
N VAL D 164 -38.84 13.09 -52.27
CA VAL D 164 -37.69 12.82 -51.41
C VAL D 164 -37.69 11.34 -51.07
N TYR D 165 -36.59 10.68 -51.43
CA TYR D 165 -36.37 9.28 -51.13
C TYR D 165 -35.52 9.24 -49.90
N GLN D 166 -35.95 8.50 -48.87
CA GLN D 166 -35.16 8.29 -47.66
C GLN D 166 -35.02 6.81 -47.37
N LEU D 167 -33.96 6.45 -46.65
CA LEU D 167 -33.74 5.10 -46.18
C LEU D 167 -34.01 5.05 -44.68
N ILE D 168 -35.22 4.67 -44.31
CA ILE D 168 -35.60 4.52 -42.88
C ILE D 168 -35.69 3.02 -42.59
N GLY D 169 -35.06 2.59 -41.48
CA GLY D 169 -34.87 1.16 -41.22
C GLY D 169 -33.93 0.59 -42.27
N ASP D 170 -34.42 -0.38 -43.05
CA ASP D 170 -33.73 -0.88 -44.24
C ASP D 170 -34.57 -0.70 -45.52
N ASP D 171 -35.67 0.06 -45.44
CA ASP D 171 -36.58 0.25 -46.57
C ASP D 171 -36.51 1.67 -47.12
N VAL D 172 -36.68 1.78 -48.43
CA VAL D 172 -36.79 3.08 -49.06
C VAL D 172 -38.21 3.58 -48.78
N LYS D 173 -38.35 4.86 -48.41
CA LYS D 173 -39.66 5.52 -48.32
C LYS D 173 -39.65 6.76 -49.21
N VAL D 174 -40.74 6.98 -49.93
CA VAL D 174 -40.86 8.08 -50.87
C VAL D 174 -42.07 8.94 -50.52
N GLU D 175 -41.92 10.26 -50.63
CA GLU D 175 -42.99 11.19 -50.33
C GLU D 175 -42.88 12.35 -51.29
N ARG D 176 -44.03 12.95 -51.62
CA ARG D 176 -44.07 14.18 -52.37
C ARG D 176 -43.61 15.28 -51.42
N ILE D 177 -42.70 16.12 -51.89
CA ILE D 177 -42.22 17.25 -51.10
C ILE D 177 -43.31 18.31 -50.99
N GLU D 178 -43.75 18.57 -49.77
CA GLU D 178 -44.56 19.75 -49.46
C GLU D 178 -43.60 20.78 -48.84
N TYR D 179 -43.66 22.02 -49.35
CA TYR D 179 -42.67 23.05 -49.03
C TYR D 179 -43.09 23.93 -47.86
N LYS D 180 -42.34 23.88 -46.77
CA LYS D 180 -42.58 24.77 -45.63
C LYS D 180 -41.99 26.15 -45.91
N LYS D 181 -42.11 27.06 -44.95
CA LYS D 181 -41.55 28.41 -45.13
C LYS D 181 -41.22 29.09 -43.81
N PRO D 182 -40.22 29.98 -43.83
CA PRO D 182 -40.03 30.94 -42.76
C PRO D 182 -40.81 32.24 -43.05
N PRO E 9 -15.30 -10.70 -53.81
CA PRO E 9 -16.01 -9.80 -54.73
C PRO E 9 -15.18 -9.37 -55.94
N ASP E 10 -13.90 -9.04 -55.71
CA ASP E 10 -13.00 -8.49 -56.72
C ASP E 10 -11.65 -9.22 -56.69
N PRO E 11 -11.21 -9.82 -57.82
CA PRO E 11 -9.89 -10.48 -57.80
C PRO E 11 -8.68 -9.54 -57.61
N GLU E 12 -8.86 -8.25 -57.93
CA GLU E 12 -7.79 -7.24 -57.85
C GLU E 12 -7.97 -6.31 -56.63
N ASP E 13 -8.47 -6.87 -55.53
CA ASP E 13 -8.73 -6.11 -54.30
C ASP E 13 -7.43 -5.79 -53.56
N PHE E 14 -6.48 -6.72 -53.58
CA PHE E 14 -5.12 -6.51 -53.04
C PHE E 14 -4.40 -5.31 -53.66
N ALA E 15 -4.73 -4.97 -54.92
CA ALA E 15 -4.20 -3.78 -55.59
C ALA E 15 -4.80 -2.44 -55.10
N ASP E 16 -5.98 -2.50 -54.46
CA ASP E 16 -6.68 -1.34 -53.92
C ASP E 16 -6.95 -1.52 -52.41
N GLU E 17 -5.99 -1.13 -51.58
CA GLU E 17 -6.10 -1.24 -50.11
C GLU E 17 -7.01 -0.17 -49.47
N GLN E 18 -7.48 0.79 -50.27
CA GLN E 18 -8.49 1.76 -49.85
C GLN E 18 -9.82 1.10 -49.49
N SER E 19 -10.22 0.10 -50.28
CA SER E 19 -11.43 -0.69 -50.00
C SER E 19 -11.31 -1.53 -48.72
N LEU E 20 -10.12 -2.07 -48.43
CA LEU E 20 -9.88 -2.76 -47.15
C LEU E 20 -10.18 -1.83 -45.99
N VAL E 21 -9.56 -0.64 -46.00
CA VAL E 21 -9.80 0.41 -44.99
C VAL E 21 -11.30 0.64 -44.78
N GLY E 22 -12.06 0.70 -45.87
CA GLY E 22 -13.50 0.95 -45.82
C GLY E 22 -14.30 -0.12 -45.09
N ARG E 23 -14.04 -1.37 -45.44
CA ARG E 23 -14.67 -2.52 -44.77
C ARG E 23 -14.25 -2.60 -43.31
N PHE E 24 -12.99 -2.32 -43.04
CA PHE E 24 -12.50 -2.27 -41.68
C PHE E 24 -13.28 -1.26 -40.84
N ILE E 25 -13.41 -0.02 -41.34
CA ILE E 25 -14.15 1.04 -40.64
C ILE E 25 -15.60 0.57 -40.43
N HIS E 26 -16.22 0.04 -41.48
CA HIS E 26 -17.59 -0.47 -41.37
C HIS E 26 -17.76 -1.57 -40.31
N LEU E 27 -16.85 -2.55 -40.28
CA LEU E 27 -16.83 -3.57 -39.21
C LEU E 27 -16.63 -2.96 -37.82
N LEU E 28 -15.63 -2.10 -37.72
CA LEU E 28 -15.32 -1.35 -36.48
C LEU E 28 -16.55 -0.62 -35.94
N ARG E 29 -17.30 0.05 -36.82
CA ARG E 29 -18.45 0.87 -36.38
C ARG E 29 -19.55 0.04 -35.72
N SER E 30 -19.70 -1.21 -36.12
CA SER E 30 -20.67 -2.13 -35.52
C SER E 30 -20.18 -2.84 -34.23
N GLU E 31 -18.90 -2.68 -33.89
CA GLU E 31 -18.37 -3.08 -32.58
C GLU E 31 -18.53 -1.92 -31.58
N ASP E 32 -18.86 -2.24 -30.34
CA ASP E 32 -19.24 -1.22 -29.35
C ASP E 32 -18.02 -0.41 -28.85
N PRO E 33 -18.24 0.77 -28.21
CA PRO E 33 -17.19 1.78 -27.95
C PRO E 33 -15.83 1.33 -27.45
N ASP E 34 -15.78 0.55 -26.37
CA ASP E 34 -14.48 0.09 -25.82
C ASP E 34 -13.65 -0.73 -26.81
N GLN E 35 -14.33 -1.67 -27.50
CA GLN E 35 -13.71 -2.44 -28.60
C GLN E 35 -13.06 -1.54 -29.65
N GLN E 36 -13.73 -0.45 -30.04
CA GLN E 36 -13.20 0.47 -31.04
C GLN E 36 -11.98 1.23 -30.55
N TYR E 37 -12.04 1.70 -29.31
CA TYR E 37 -10.94 2.43 -28.69
C TYR E 37 -9.66 1.58 -28.67
N LEU E 38 -9.81 0.33 -28.22
CA LEU E 38 -8.70 -0.63 -28.09
C LEU E 38 -7.82 -0.84 -29.33
N ILE E 39 -8.45 -0.99 -30.49
CA ILE E 39 -7.72 -1.36 -31.71
C ILE E 39 -7.23 -0.21 -32.59
N LEU E 40 -7.72 1.00 -32.35
CA LEU E 40 -7.40 2.14 -33.23
C LEU E 40 -5.91 2.34 -33.47
N ASN E 41 -5.08 2.24 -32.42
CA ASN E 41 -3.63 2.42 -32.57
C ASN E 41 -3.01 1.34 -33.44
N THR E 42 -3.44 0.09 -33.21
CA THR E 42 -2.99 -1.05 -34.02
C THR E 42 -3.42 -0.90 -35.47
N ALA E 43 -4.63 -0.42 -35.70
CA ALA E 43 -5.11 -0.09 -37.05
C ALA E 43 -4.30 1.03 -37.71
N ARG E 44 -4.03 2.10 -36.96
CA ARG E 44 -3.18 3.19 -37.44
CA ARG E 44 -3.18 3.19 -37.45
C ARG E 44 -1.80 2.67 -37.81
N LYS E 45 -1.22 1.85 -36.94
CA LYS E 45 0.11 1.25 -37.19
C LYS E 45 0.14 0.50 -38.53
N HIS E 46 -0.82 -0.40 -38.74
CA HIS E 46 -0.92 -1.20 -39.96
C HIS E 46 -1.20 -0.35 -41.21
N PHE E 47 -2.21 0.50 -41.14
CA PHE E 47 -2.59 1.35 -42.29
C PHE E 47 -1.67 2.56 -42.50
N GLY E 48 -1.06 3.04 -41.41
CA GLY E 48 -0.06 4.12 -41.44
C GLY E 48 1.38 3.64 -41.57
N ALA E 49 1.56 2.33 -41.80
CA ALA E 49 2.88 1.71 -42.04
C ALA E 49 3.59 2.27 -43.27
N GLY E 50 2.83 2.84 -44.21
CA GLY E 50 3.41 3.43 -45.41
C GLY E 50 4.18 4.70 -45.12
N GLY E 51 4.78 5.25 -46.16
CA GLY E 51 5.54 6.51 -46.07
C GLY E 51 4.65 7.72 -46.33
N ASN E 52 4.95 8.45 -47.40
CA ASN E 52 4.31 9.73 -47.73
C ASN E 52 3.19 9.69 -48.79
N GLN E 53 2.82 8.50 -49.28
CA GLN E 53 1.75 8.35 -50.28
C GLN E 53 0.57 7.51 -49.77
N ARG E 54 0.86 6.37 -49.17
CA ARG E 54 -0.17 5.43 -48.73
C ARG E 54 -1.12 6.04 -47.67
N ILE E 55 -0.57 6.83 -46.75
CA ILE E 55 -1.35 7.48 -45.71
C ILE E 55 -2.30 8.56 -46.21
N ARG E 56 -1.99 9.20 -47.34
CA ARG E 56 -2.87 10.23 -47.91
C ARG E 56 -4.30 9.73 -48.08
N PHE E 57 -4.45 8.44 -48.39
CA PHE E 57 -5.76 7.84 -48.53
C PHE E 57 -6.15 6.82 -47.45
N THR E 58 -5.18 6.27 -46.72
CA THR E 58 -5.54 5.32 -45.65
C THR E 58 -5.93 5.98 -44.33
N LEU E 59 -5.27 7.08 -43.98
CA LEU E 59 -5.48 7.68 -42.65
C LEU E 59 -6.73 8.56 -42.49
N PRO E 60 -7.15 9.30 -43.53
CA PRO E 60 -8.32 10.16 -43.29
C PRO E 60 -9.57 9.44 -42.80
N PRO E 61 -9.89 8.24 -43.34
CA PRO E 61 -11.06 7.53 -42.81
C PRO E 61 -10.95 7.12 -41.35
N LEU E 62 -9.73 6.94 -40.83
CA LEU E 62 -9.53 6.69 -39.40
C LEU E 62 -9.79 7.94 -38.55
N VAL E 63 -9.46 9.12 -39.08
CA VAL E 63 -9.74 10.35 -38.37
C VAL E 63 -11.26 10.44 -38.14
N PHE E 64 -12.03 10.38 -39.21
CA PHE E 64 -13.46 10.51 -39.11
C PHE E 64 -14.11 9.46 -38.24
N ALA E 65 -13.50 8.29 -38.19
CA ALA E 65 -13.94 7.22 -37.27
C ALA E 65 -13.64 7.56 -35.82
N ALA E 66 -12.47 8.15 -35.56
CA ALA E 66 -12.12 8.63 -34.23
C ALA E 66 -13.15 9.65 -33.74
N TYR E 67 -13.47 10.64 -34.56
CA TYR E 67 -14.48 11.64 -34.17
C TYR E 67 -15.82 10.99 -33.90
N GLN E 68 -16.25 10.08 -34.77
CA GLN E 68 -17.48 9.31 -34.55
C GLN E 68 -17.41 8.51 -33.24
N LEU E 69 -16.25 7.94 -32.94
CA LEU E 69 -16.06 7.20 -31.70
C LEU E 69 -16.21 8.10 -30.45
N ALA E 70 -15.73 9.33 -30.56
CA ALA E 70 -15.88 10.31 -29.49
C ALA E 70 -17.34 10.59 -29.19
N PHE E 71 -18.14 10.78 -30.24
CA PHE E 71 -19.60 10.98 -30.11
C PHE E 71 -20.28 9.76 -29.53
N ARG E 72 -19.76 8.59 -29.87
CA ARG E 72 -20.26 7.34 -29.33
C ARG E 72 -20.05 7.33 -27.81
N TYR E 73 -18.87 7.74 -27.36
CA TYR E 73 -18.61 7.87 -25.93
C TYR E 73 -19.57 8.84 -25.21
N LYS E 74 -19.78 10.03 -25.75
CA LYS E 74 -20.77 10.97 -25.18
C LYS E 74 -22.15 10.33 -25.03
N GLU E 75 -22.57 9.62 -26.07
CA GLU E 75 -23.83 8.85 -26.07
C GLU E 75 -23.97 7.94 -24.84
N ASN E 76 -22.86 7.33 -24.40
CA ASN E 76 -22.81 6.51 -23.19
C ASN E 76 -22.24 7.26 -21.97
N SER E 77 -22.65 8.50 -21.75
CA SER E 77 -22.22 9.24 -20.55
C SER E 77 -22.66 8.52 -19.28
N LYS E 78 -23.89 8.03 -19.28
CA LYS E 78 -24.53 7.45 -18.09
C LYS E 78 -23.92 6.10 -17.65
N VAL E 79 -23.61 5.24 -18.61
CA VAL E 79 -22.96 3.96 -18.32
C VAL E 79 -21.48 4.20 -17.98
N ASP E 80 -20.73 4.78 -18.92
CA ASP E 80 -19.26 4.81 -18.83
C ASP E 80 -18.76 5.84 -17.81
N ASP E 81 -17.79 5.41 -17.02
CA ASP E 81 -17.21 6.20 -15.96
C ASP E 81 -16.12 7.14 -16.50
N LYS E 82 -15.35 6.66 -17.48
CA LYS E 82 -14.16 7.37 -17.99
C LYS E 82 -14.34 7.93 -19.41
N TRP E 83 -15.56 8.30 -19.81
CA TRP E 83 -15.82 8.71 -21.19
C TRP E 83 -15.05 9.95 -21.61
N GLU E 84 -14.88 10.88 -20.67
CA GLU E 84 -14.19 12.12 -20.95
C GLU E 84 -12.70 11.91 -21.18
N LYS E 85 -12.06 11.11 -20.32
CA LYS E 85 -10.64 10.80 -20.50
C LYS E 85 -10.37 10.02 -21.78
N LYS E 86 -11.29 9.11 -22.12
CA LYS E 86 -11.23 8.38 -23.39
C LYS E 86 -11.38 9.32 -24.60
N CYS E 87 -12.29 10.28 -24.50
CA CYS E 87 -12.41 11.35 -25.49
C CYS E 87 -11.13 12.15 -25.71
N GLN E 88 -10.45 12.53 -24.63
CA GLN E 88 -9.16 13.21 -24.72
C GLN E 88 -8.13 12.41 -25.48
N LYS E 89 -8.09 11.11 -25.24
CA LYS E 89 -7.19 10.21 -25.97
C LYS E 89 -7.58 10.12 -27.45
N ILE E 90 -8.88 10.04 -27.71
CA ILE E 90 -9.39 10.00 -29.08
C ILE E 90 -8.94 11.22 -29.89
N PHE E 91 -9.08 12.42 -29.32
CA PHE E 91 -8.66 13.64 -30.01
C PHE E 91 -7.14 13.80 -30.07
N SER E 92 -6.44 13.25 -29.08
CA SER E 92 -4.99 13.17 -29.13
C SER E 92 -4.53 12.24 -30.29
N PHE E 93 -5.20 11.09 -30.44
CA PHE E 93 -4.96 10.17 -31.56
C PHE E 93 -5.22 10.85 -32.92
N ALA E 94 -6.33 11.59 -33.01
CA ALA E 94 -6.70 12.32 -34.22
C ALA E 94 -5.69 13.40 -34.58
N HIS E 95 -5.25 14.13 -33.57
CA HIS E 95 -4.21 15.13 -33.74
C HIS E 95 -2.93 14.53 -34.33
N GLN E 96 -2.49 13.39 -33.77
CA GLN E 96 -1.26 12.73 -34.24
C GLN E 96 -1.42 12.24 -35.67
N THR E 97 -2.54 11.59 -35.93
CA THR E 97 -2.86 11.10 -37.28
C THR E 97 -2.89 12.22 -38.33
N ILE E 98 -3.47 13.38 -38.00
CA ILE E 98 -3.52 14.52 -38.92
C ILE E 98 -2.12 15.08 -39.16
N SER E 99 -1.31 15.17 -38.11
CA SER E 99 0.06 15.67 -38.24
C SER E 99 0.98 14.75 -39.09
N ALA E 100 0.67 13.44 -39.10
CA ALA E 100 1.36 12.51 -40.02
C ALA E 100 1.12 12.91 -41.48
N LEU E 101 -0.11 13.32 -41.80
CA LEU E 101 -0.44 13.82 -43.14
C LEU E 101 0.25 15.14 -43.48
N ILE E 102 0.52 15.99 -42.49
CA ILE E 102 1.32 17.20 -42.69
C ILE E 102 2.76 16.82 -43.03
N LYS E 103 3.29 15.82 -42.33
CA LYS E 103 4.64 15.32 -42.58
C LYS E 103 4.77 14.62 -43.97
N ALA E 104 3.67 14.08 -44.48
CA ALA E 104 3.58 13.57 -45.88
C ALA E 104 3.35 14.67 -46.95
N GLU E 105 3.56 15.94 -46.60
CA GLU E 105 3.50 17.09 -47.51
C GLU E 105 2.10 17.54 -47.97
N LEU E 106 1.04 16.99 -47.37
CA LEU E 106 -0.32 17.50 -47.59
C LEU E 106 -0.62 18.74 -46.73
N ALA E 107 -1.55 19.57 -47.20
CA ALA E 107 -1.93 20.80 -46.48
C ALA E 107 -3.46 21.02 -46.44
N GLU E 108 -4.07 21.06 -47.62
CA GLU E 108 -5.51 21.31 -47.76
C GLU E 108 -6.38 20.35 -46.98
N LEU E 109 -6.11 19.07 -47.12
CA LEU E 109 -6.87 18.06 -46.43
C LEU E 109 -6.69 18.13 -44.90
N PRO E 110 -5.43 18.13 -44.40
CA PRO E 110 -5.26 18.23 -42.94
C PRO E 110 -5.89 19.47 -42.27
N LEU E 111 -5.88 20.60 -42.97
CA LEU E 111 -6.59 21.81 -42.52
C LEU E 111 -8.06 21.54 -42.25
N ARG E 112 -8.71 20.93 -43.23
CA ARG E 112 -10.11 20.56 -43.15
C ARG E 112 -10.35 19.47 -42.09
N LEU E 113 -9.47 18.47 -42.03
CA LEU E 113 -9.53 17.48 -40.95
C LEU E 113 -9.40 18.09 -39.57
N PHE E 114 -8.53 19.09 -39.43
CA PHE E 114 -8.45 19.87 -38.17
C PHE E 114 -9.72 20.65 -37.86
N LEU E 115 -10.30 21.30 -38.87
CA LEU E 115 -11.53 22.04 -38.66
C LEU E 115 -12.65 21.13 -38.22
N GLN E 116 -12.72 19.93 -38.81
CA GLN E 116 -13.72 18.93 -38.41
C GLN E 116 -13.60 18.45 -36.97
N GLY E 117 -12.38 18.32 -36.48
CA GLY E 117 -12.15 17.95 -35.09
C GLY E 117 -12.49 19.04 -34.08
N ALA E 118 -12.19 20.29 -34.42
CA ALA E 118 -12.63 21.44 -33.63
C ALA E 118 -14.14 21.40 -33.44
N LEU E 119 -14.87 21.29 -34.55
CA LEU E 119 -16.32 21.14 -34.52
C LEU E 119 -16.74 20.01 -33.60
N ALA E 120 -16.16 18.83 -33.78
CA ALA E 120 -16.58 17.66 -33.00
C ALA E 120 -16.30 17.87 -31.52
N ALA E 121 -15.09 18.33 -31.20
CA ALA E 121 -14.69 18.53 -29.80
C ALA E 121 -15.61 19.52 -29.10
N GLY E 122 -15.96 20.60 -29.78
CA GLY E 122 -16.89 21.59 -29.25
C GLY E 122 -18.30 21.11 -28.96
N GLU E 123 -18.84 20.27 -29.83
CA GLU E 123 -20.20 19.75 -29.65
C GLU E 123 -20.28 18.71 -28.55
N ILE E 124 -19.17 18.02 -28.27
CA ILE E 124 -19.16 16.89 -27.35
C ILE E 124 -19.17 17.40 -25.92
N GLY E 125 -18.24 18.31 -25.62
CA GLY E 125 -18.18 18.92 -24.30
C GLY E 125 -17.57 18.05 -23.23
N PHE E 126 -16.58 17.24 -23.61
CA PHE E 126 -15.78 16.48 -22.64
C PHE E 126 -14.85 17.44 -21.92
N GLU E 127 -14.23 16.98 -20.84
CA GLU E 127 -13.40 17.85 -20.02
C GLU E 127 -12.17 18.28 -20.81
N ASN E 128 -11.87 19.57 -20.83
CA ASN E 128 -10.74 20.13 -21.58
C ASN E 128 -11.04 20.33 -23.09
N HIS E 129 -12.31 20.19 -23.48
CA HIS E 129 -12.71 20.29 -24.90
C HIS E 129 -12.41 21.63 -25.57
N GLU E 130 -12.48 22.70 -24.80
CA GLU E 130 -12.16 24.03 -25.30
C GLU E 130 -10.68 24.19 -25.65
N THR E 131 -9.78 23.58 -24.87
CA THR E 131 -8.35 23.52 -25.21
C THR E 131 -8.08 22.73 -26.49
N VAL E 132 -8.79 21.62 -26.68
CA VAL E 132 -8.62 20.77 -27.84
C VAL E 132 -9.17 21.49 -29.07
N ALA E 133 -10.36 22.01 -28.94
CA ALA E 133 -10.98 22.81 -29.99
C ALA E 133 -10.04 23.92 -30.45
N TYR E 134 -9.51 24.68 -29.50
CA TYR E 134 -8.62 25.79 -29.82
C TYR E 134 -7.35 25.31 -30.49
N GLU E 135 -6.80 24.23 -29.99
CA GLU E 135 -5.61 23.63 -30.60
C GLU E 135 -5.87 23.21 -32.04
N PHE E 136 -7.01 22.57 -32.30
CA PHE E 136 -7.39 22.15 -33.66
C PHE E 136 -7.61 23.34 -34.60
N MET E 137 -8.17 24.43 -34.08
CA MET E 137 -8.33 25.66 -34.88
C MET E 137 -7.00 26.29 -35.25
N SER E 138 -6.08 26.39 -34.29
CA SER E 138 -4.80 27.04 -34.59
C SER E 138 -3.94 26.21 -35.52
N GLN E 139 -4.07 24.90 -35.48
CA GLN E 139 -3.36 24.03 -36.44
C GLN E 139 -3.87 24.25 -37.86
N ALA E 140 -5.18 24.39 -38.01
CA ALA E 140 -5.78 24.73 -39.29
C ALA E 140 -5.26 26.07 -39.78
N PHE E 141 -5.22 27.03 -38.85
CA PHE E 141 -4.79 28.39 -39.15
C PHE E 141 -3.29 28.43 -39.47
N SER E 142 -2.51 27.57 -38.84
CA SER E 142 -1.08 27.49 -39.16
C SER E 142 -0.85 27.05 -40.60
N LEU E 143 -1.55 25.99 -41.01
CA LEU E 143 -1.44 25.50 -42.38
C LEU E 143 -1.94 26.55 -43.36
N TYR E 144 -2.92 27.35 -42.96
CA TYR E 144 -3.42 28.43 -43.82
C TYR E 144 -2.33 29.45 -44.17
N GLU E 145 -1.61 29.90 -43.16
CA GLU E 145 -0.53 30.87 -43.32
C GLU E 145 0.68 30.27 -44.03
N ASP E 146 1.12 29.10 -43.56
CA ASP E 146 2.41 28.54 -44.00
C ASP E 146 2.37 27.97 -45.43
N GLU E 147 1.39 27.13 -45.72
CA GLU E 147 1.41 26.27 -46.92
C GLU E 147 0.54 26.76 -48.08
N ILE E 148 -0.65 27.29 -47.80
CA ILE E 148 -1.58 27.72 -48.83
C ILE E 148 -1.18 29.10 -49.36
N SER E 149 -0.67 29.16 -50.59
CA SER E 149 -0.28 30.44 -51.24
C SER E 149 -1.12 30.86 -52.47
N ASP E 150 -1.79 29.90 -53.14
CA ASP E 150 -2.69 30.22 -54.27
C ASP E 150 -3.87 31.09 -53.81
N SER E 151 -4.26 32.06 -54.63
CA SER E 151 -5.31 33.00 -54.25
C SER E 151 -6.71 32.38 -54.09
N LYS E 152 -7.07 31.50 -55.02
CA LYS E 152 -8.36 30.79 -54.98
C LYS E 152 -8.46 29.87 -53.77
N ALA E 153 -7.41 29.07 -53.55
CA ALA E 153 -7.31 28.18 -52.38
C ALA E 153 -7.29 28.91 -51.03
N GLN E 154 -6.62 30.06 -50.98
CA GLN E 154 -6.66 30.92 -49.80
C GLN E 154 -8.09 31.34 -49.49
N LEU E 155 -8.81 31.80 -50.50
CA LEU E 155 -10.20 32.21 -50.31
C LEU E 155 -11.07 31.04 -49.84
N ALA E 156 -10.84 29.86 -50.38
CA ALA E 156 -11.58 28.68 -49.99
C ALA E 156 -11.30 28.23 -48.54
N ALA E 157 -10.03 28.26 -48.14
CA ALA E 157 -9.66 27.83 -46.79
C ALA E 157 -10.15 28.82 -45.73
N ILE E 158 -9.96 30.12 -45.98
CA ILE E 158 -10.37 31.12 -45.00
C ILE E 158 -11.89 31.12 -44.81
N THR E 159 -12.66 30.94 -45.88
CA THR E 159 -14.13 30.90 -45.75
C THR E 159 -14.57 29.66 -44.99
N LEU E 160 -13.85 28.55 -45.14
CA LEU E 160 -14.11 27.38 -44.31
C LEU E 160 -13.82 27.62 -42.84
N ILE E 161 -12.68 28.25 -42.56
CA ILE E 161 -12.30 28.61 -41.18
C ILE E 161 -13.38 29.50 -40.57
N ILE E 162 -13.82 30.52 -41.30
CA ILE E 162 -14.87 31.40 -40.85
C ILE E 162 -16.20 30.66 -40.65
N GLY E 163 -16.58 29.80 -41.59
CA GLY E 163 -17.83 29.04 -41.47
C GLY E 163 -17.84 28.10 -40.28
N THR E 164 -16.73 27.40 -40.09
CA THR E 164 -16.58 26.48 -38.97
C THR E 164 -16.60 27.20 -37.62
N PHE E 165 -15.81 28.26 -37.53
CA PHE E 165 -15.71 29.04 -36.31
C PHE E 165 -17.04 29.68 -35.93
N GLU E 166 -17.80 30.08 -36.95
CA GLU E 166 -19.11 30.69 -36.74
C GLU E 166 -20.10 29.74 -36.04
N ARG E 167 -20.02 28.43 -36.31
CA ARG E 167 -20.90 27.43 -35.67
C ARG E 167 -20.50 27.00 -34.26
N MET E 168 -19.27 27.29 -33.85
CA MET E 168 -18.80 26.78 -32.56
C MET E 168 -19.31 27.65 -31.42
N LYS E 169 -19.66 26.97 -30.32
CA LYS E 169 -20.28 27.59 -29.17
C LYS E 169 -19.51 27.26 -27.87
N CYS E 170 -18.28 26.79 -27.98
CA CYS E 170 -17.52 26.28 -26.83
C CYS E 170 -16.49 27.25 -26.25
N PHE E 171 -16.27 28.38 -26.91
CA PHE E 171 -15.15 29.24 -26.59
C PHE E 171 -15.58 30.31 -25.60
N SER E 172 -14.80 30.49 -24.54
CA SER E 172 -14.93 31.66 -23.69
C SER E 172 -14.52 32.89 -24.50
N GLU E 173 -14.93 34.06 -24.01
CA GLU E 173 -14.66 35.31 -24.71
C GLU E 173 -13.16 35.57 -24.87
N GLU E 174 -12.34 35.15 -23.91
CA GLU E 174 -10.90 35.39 -24.02
C GLU E 174 -10.23 34.58 -25.14
N ASN E 175 -10.80 33.44 -25.54
CA ASN E 175 -10.37 32.68 -26.73
C ASN E 175 -11.19 33.01 -27.99
N HIS E 176 -12.46 33.37 -27.83
CA HIS E 176 -13.29 33.72 -28.98
C HIS E 176 -12.83 35.01 -29.65
N GLU E 177 -12.35 35.95 -28.84
CA GLU E 177 -11.98 37.28 -29.33
C GLU E 177 -10.72 37.31 -30.22
N PRO E 178 -9.64 36.60 -29.83
CA PRO E 178 -8.51 36.48 -30.76
C PRO E 178 -8.89 35.87 -32.11
N LEU E 179 -9.66 34.77 -32.08
CA LEU E 179 -10.05 34.07 -33.30
C LEU E 179 -10.87 34.97 -34.23
N ARG E 180 -11.79 35.74 -33.65
CA ARG E 180 -12.53 36.77 -34.37
C ARG E 180 -11.61 37.77 -35.06
N THR E 181 -10.70 38.31 -34.26
CA THR E 181 -9.76 39.33 -34.71
C THR E 181 -8.92 38.79 -35.85
N GLN E 182 -8.41 37.57 -35.66
CA GLN E 182 -7.50 36.99 -36.62
C GLN E 182 -8.20 36.58 -37.93
N CYS E 183 -9.45 36.12 -37.85
CA CYS E 183 -10.25 35.87 -39.05
C CYS E 183 -10.47 37.12 -39.89
N ALA E 184 -10.87 38.21 -39.23
CA ALA E 184 -11.03 39.52 -39.88
C ALA E 184 -9.73 40.01 -40.52
N LEU E 185 -8.63 39.98 -39.77
CA LEU E 185 -7.31 40.34 -40.30
C LEU E 185 -6.88 39.52 -41.51
N ALA E 186 -7.00 38.20 -41.44
CA ALA E 186 -6.64 37.32 -42.57
C ALA E 186 -7.55 37.56 -43.78
N ALA E 187 -8.84 37.77 -43.55
CA ALA E 187 -9.77 38.11 -44.62
C ALA E 187 -9.37 39.42 -45.30
N SER E 188 -9.02 40.42 -44.51
CA SER E 188 -8.58 41.73 -45.03
C SER E 188 -7.26 41.71 -45.82
N LYS E 189 -6.43 40.68 -45.62
CA LYS E 189 -5.12 40.56 -46.25
C LYS E 189 -5.00 39.45 -47.30
N LEU E 190 -6.12 38.96 -47.83
CA LEU E 190 -6.08 38.12 -49.05
C LEU E 190 -5.46 38.89 -50.23
N LEU E 191 -4.93 38.15 -51.20
CA LEU E 191 -4.12 38.76 -52.28
C LEU E 191 -4.93 39.72 -53.18
N LYS E 192 -6.11 39.29 -53.62
CA LYS E 192 -6.97 40.10 -54.47
C LYS E 192 -7.97 40.91 -53.65
N LYS E 193 -8.28 42.11 -54.13
CA LYS E 193 -9.13 43.05 -53.38
C LYS E 193 -10.64 42.76 -53.38
N PRO E 194 -11.19 42.22 -54.49
CA PRO E 194 -12.59 41.76 -54.41
C PRO E 194 -12.74 40.57 -53.45
N ASP E 195 -11.80 39.63 -53.48
CA ASP E 195 -11.76 38.49 -52.54
C ASP E 195 -11.72 38.94 -51.07
N GLN E 196 -10.84 39.88 -50.76
CA GLN E 196 -10.74 40.37 -49.38
C GLN E 196 -12.02 41.10 -48.95
N GLY E 197 -12.60 41.90 -49.84
CA GLY E 197 -13.87 42.54 -49.58
C GLY E 197 -15.02 41.60 -49.25
N ARG E 198 -15.02 40.41 -49.87
CA ARG E 198 -16.05 39.39 -49.63
C ARG E 198 -15.83 38.62 -48.34
N ALA E 199 -14.61 38.16 -48.12
CA ALA E 199 -14.24 37.44 -46.90
C ALA E 199 -14.49 38.30 -45.67
N VAL E 200 -14.12 39.59 -45.74
CA VAL E 200 -14.30 40.53 -44.64
C VAL E 200 -15.78 40.75 -44.34
N SER E 201 -16.61 40.92 -45.37
CA SER E 201 -18.06 41.03 -45.14
C SER E 201 -18.66 39.73 -44.57
N THR E 202 -18.12 38.57 -44.95
CA THR E 202 -18.47 37.30 -44.31
C THR E 202 -18.12 37.26 -42.81
N CYS E 203 -16.99 37.88 -42.42
CA CYS E 203 -16.59 37.94 -40.99
C CYS E 203 -17.57 38.67 -40.08
N ALA E 204 -18.40 39.55 -40.62
CA ALA E 204 -19.48 40.18 -39.86
C ALA E 204 -20.29 39.18 -39.04
N HIS E 205 -20.51 37.97 -39.58
CA HIS E 205 -21.30 36.95 -38.89
C HIS E 205 -20.65 36.40 -37.63
N LEU E 206 -19.32 36.42 -37.56
CA LEU E 206 -18.60 36.07 -36.35
C LEU E 206 -18.91 37.00 -35.18
N PHE E 207 -19.18 38.26 -35.46
CA PHE E 207 -19.40 39.24 -34.41
C PHE E 207 -20.86 39.28 -33.96
N TRP E 208 -21.77 38.71 -34.76
CA TRP E 208 -23.21 38.71 -34.49
C TRP E 208 -23.72 37.36 -33.99
N SER E 209 -23.63 36.35 -34.86
CA SER E 209 -24.17 35.00 -34.58
C SER E 209 -23.18 34.04 -33.94
N GLY E 210 -21.89 34.40 -33.91
CA GLY E 210 -20.91 33.68 -33.11
C GLY E 210 -21.35 33.58 -31.66
N ARG E 211 -20.96 32.50 -30.98
CA ARG E 211 -21.45 32.21 -29.65
C ARG E 211 -20.28 31.92 -28.72
N ASN E 212 -20.11 32.73 -27.69
CA ASN E 212 -19.18 32.39 -26.62
C ASN E 212 -19.93 31.70 -25.47
N THR E 213 -19.17 31.15 -24.51
CA THR E 213 -19.73 30.53 -23.29
C THR E 213 -20.13 31.58 -22.24
N ASP E 214 -19.51 32.77 -22.29
CA ASP E 214 -19.79 33.88 -21.36
C ASP E 214 -21.28 34.20 -21.19
N LYS E 215 -22.03 34.24 -22.29
CA LYS E 215 -23.46 34.58 -22.29
C LYS E 215 -24.44 33.37 -22.21
N ASN E 216 -23.99 32.24 -21.66
CA ASN E 216 -24.84 31.04 -21.47
C ASN E 216 -25.67 30.65 -22.71
N GLY E 217 -24.98 30.52 -23.84
CA GLY E 217 -25.58 30.06 -25.10
C GLY E 217 -26.12 31.13 -26.04
N GLU E 218 -26.22 32.38 -25.58
CA GLU E 218 -26.81 33.46 -26.39
C GLU E 218 -25.84 33.93 -27.49
N GLU E 219 -26.39 34.45 -28.57
CA GLU E 219 -25.57 35.01 -29.66
C GLU E 219 -24.83 36.28 -29.19
N LEU E 220 -23.67 36.51 -29.80
CA LEU E 220 -22.76 37.58 -29.39
C LEU E 220 -23.38 38.97 -29.60
N HIS E 221 -24.08 39.13 -30.72
CA HIS E 221 -24.75 40.37 -31.12
C HIS E 221 -23.91 41.64 -30.95
N GLY E 222 -22.66 41.58 -31.41
CA GLY E 222 -21.77 42.74 -31.40
C GLY E 222 -22.13 43.66 -32.55
N GLY E 223 -23.28 44.33 -32.42
CA GLY E 223 -23.84 45.19 -33.47
C GLY E 223 -22.88 46.23 -34.00
N LYS E 224 -22.16 46.90 -33.09
CA LYS E 224 -21.20 47.94 -33.47
C LYS E 224 -19.96 47.38 -34.19
N ARG E 225 -19.57 46.16 -33.85
CA ARG E 225 -18.43 45.49 -34.51
C ARG E 225 -18.78 44.91 -35.90
N VAL E 226 -20.04 44.54 -36.09
CA VAL E 226 -20.55 44.15 -37.42
C VAL E 226 -20.38 45.32 -38.39
N MET E 227 -20.72 46.52 -37.92
CA MET E 227 -20.64 47.73 -38.74
C MET E 227 -19.23 48.02 -39.19
N GLU E 228 -18.27 47.90 -38.26
CA GLU E 228 -16.86 48.10 -38.60
C GLU E 228 -16.37 47.15 -39.69
N CYS E 229 -16.78 45.88 -39.63
CA CYS E 229 -16.45 44.90 -40.67
C CYS E 229 -16.96 45.36 -42.01
N LEU E 230 -18.24 45.68 -42.05
CA LEU E 230 -18.89 46.10 -43.28
C LEU E 230 -18.36 47.46 -43.76
N LYS E 231 -17.97 48.32 -42.83
CA LYS E 231 -17.29 49.59 -43.15
C LYS E 231 -15.92 49.34 -43.78
N LYS E 232 -15.17 48.39 -43.23
CA LYS E 232 -13.89 48.01 -43.85
C LYS E 232 -14.07 47.32 -45.20
N ALA E 233 -15.13 46.51 -45.32
CA ALA E 233 -15.47 45.89 -46.62
C ALA E 233 -15.75 46.95 -47.68
N LEU E 234 -16.48 47.99 -47.30
CA LEU E 234 -16.73 49.13 -48.21
C LEU E 234 -15.46 49.89 -48.59
N LYS E 235 -14.57 50.09 -47.63
CA LYS E 235 -13.26 50.72 -47.89
C LYS E 235 -12.49 49.91 -48.93
N ILE E 236 -12.51 48.59 -48.79
CA ILE E 236 -11.89 47.68 -49.76
C ILE E 236 -12.60 47.75 -51.13
N ALA E 237 -13.93 47.88 -51.12
CA ALA E 237 -14.72 48.08 -52.33
C ALA E 237 -14.47 49.42 -53.03
N ASN E 238 -14.20 50.46 -52.25
CA ASN E 238 -13.84 51.78 -52.81
C ASN E 238 -12.42 51.81 -53.43
N GLN E 239 -11.54 50.91 -52.99
CA GLN E 239 -10.19 50.80 -53.55
C GLN E 239 -10.07 49.91 -54.78
N CYS E 240 -11.15 49.20 -55.14
CA CYS E 240 -11.13 48.27 -56.29
C CYS E 240 -11.14 49.03 -57.63
N MET E 241 -10.34 48.54 -58.58
CA MET E 241 -10.12 49.24 -59.85
C MET E 241 -11.19 49.01 -60.92
N ASP E 242 -11.74 47.80 -60.98
CA ASP E 242 -12.82 47.48 -61.93
C ASP E 242 -14.16 48.13 -61.46
N PRO E 243 -14.79 48.97 -62.32
CA PRO E 243 -16.12 49.52 -61.99
C PRO E 243 -17.23 48.50 -61.77
N SER E 244 -17.18 47.37 -62.47
CA SER E 244 -18.20 46.32 -62.37
C SER E 244 -18.13 45.62 -61.00
N LEU E 245 -16.96 45.09 -60.66
CA LEU E 245 -16.72 44.44 -59.36
C LEU E 245 -17.00 45.36 -58.18
N GLN E 246 -16.64 46.64 -58.32
CA GLN E 246 -16.90 47.66 -57.30
C GLN E 246 -18.39 47.77 -56.95
N VAL E 247 -19.21 47.90 -57.99
CA VAL E 247 -20.68 47.96 -57.84
C VAL E 247 -21.24 46.60 -57.38
N GLN E 248 -20.69 45.54 -57.94
CA GLN E 248 -21.04 44.18 -57.55
C GLN E 248 -20.80 43.99 -56.06
N LEU E 249 -19.63 44.42 -55.60
CA LEU E 249 -19.25 44.34 -54.20
C LEU E 249 -20.11 45.25 -53.29
N PHE E 250 -20.53 46.41 -53.79
CA PHE E 250 -21.45 47.28 -53.03
C PHE E 250 -22.80 46.60 -52.76
N ILE E 251 -23.34 45.93 -53.76
CA ILE E 251 -24.68 45.34 -53.67
C ILE E 251 -24.66 44.14 -52.72
N GLU E 252 -23.59 43.33 -52.82
CA GLU E 252 -23.33 42.24 -51.89
C GLU E 252 -23.22 42.76 -50.47
N ILE E 253 -22.51 43.87 -50.28
CA ILE E 253 -22.39 44.49 -48.96
C ILE E 253 -23.74 45.06 -48.51
N LEU E 254 -24.51 45.66 -49.43
CA LEU E 254 -25.87 46.13 -49.12
C LEU E 254 -26.75 45.00 -48.58
N ASN E 255 -26.69 43.83 -49.22
CA ASN E 255 -27.41 42.64 -48.76
C ASN E 255 -26.95 42.11 -47.41
N ARG E 256 -25.65 42.28 -47.10
CA ARG E 256 -25.12 41.94 -45.78
C ARG E 256 -25.66 42.88 -44.73
N TYR E 257 -25.61 44.18 -45.00
CA TYR E 257 -26.28 45.21 -44.16
C TYR E 257 -27.75 44.89 -43.92
N ILE E 258 -28.44 44.46 -44.98
CA ILE E 258 -29.84 44.00 -44.91
C ILE E 258 -29.99 42.78 -44.01
N TYR E 259 -29.10 41.82 -44.16
CA TYR E 259 -29.15 40.62 -43.33
C TYR E 259 -29.24 41.04 -41.87
N PHE E 260 -28.34 41.93 -41.45
CA PHE E 260 -28.26 42.34 -40.04
C PHE E 260 -29.38 43.31 -39.65
N TYR E 261 -29.85 44.13 -40.59
CA TYR E 261 -31.03 44.95 -40.36
C TYR E 261 -32.21 44.07 -39.94
N GLU E 262 -32.50 43.03 -40.74
CA GLU E 262 -33.61 42.12 -40.47
C GLU E 262 -33.44 41.28 -39.20
N LYS E 263 -32.19 41.05 -38.77
CA LYS E 263 -31.93 40.37 -37.49
C LYS E 263 -32.10 41.31 -36.28
N GLU E 264 -32.59 42.53 -36.51
CA GLU E 264 -32.84 43.56 -35.47
C GLU E 264 -31.56 43.99 -34.74
N ASN E 265 -30.55 44.28 -35.56
CA ASN E 265 -29.34 44.96 -35.15
C ASN E 265 -29.66 46.46 -35.26
N ASP E 266 -29.81 47.12 -34.10
CA ASP E 266 -30.14 48.55 -34.06
C ASP E 266 -29.03 49.45 -34.59
N ALA E 267 -27.80 48.93 -34.64
CA ALA E 267 -26.68 49.62 -35.27
C ALA E 267 -26.87 49.84 -36.78
N VAL E 268 -27.62 48.98 -37.47
CA VAL E 268 -27.93 49.19 -38.90
C VAL E 268 -29.21 50.02 -39.02
N THR E 269 -29.07 51.23 -39.56
CA THR E 269 -30.17 52.17 -39.67
C THR E 269 -30.61 52.35 -41.13
N ILE E 270 -31.76 53.01 -41.31
CA ILE E 270 -32.28 53.35 -42.64
C ILE E 270 -31.33 54.31 -43.36
N GLN E 271 -30.74 55.25 -42.61
CA GLN E 271 -29.76 56.20 -43.13
C GLN E 271 -28.50 55.52 -43.70
N VAL E 272 -28.02 54.46 -43.04
CA VAL E 272 -26.87 53.70 -43.55
C VAL E 272 -27.25 52.97 -44.84
N LEU E 273 -28.38 52.25 -44.80
CA LEU E 273 -28.97 51.64 -46.02
C LEU E 273 -29.14 52.63 -47.18
N ASN E 274 -29.75 53.78 -46.91
CA ASN E 274 -30.03 54.77 -47.96
C ASN E 274 -28.77 55.37 -48.60
N GLN E 275 -27.74 55.65 -47.81
CA GLN E 275 -26.47 56.17 -48.35
C GLN E 275 -25.85 55.21 -49.36
N LEU E 276 -25.80 53.92 -48.99
CA LEU E 276 -25.25 52.86 -49.86
C LEU E 276 -26.15 52.59 -51.08
N ILE E 277 -27.47 52.66 -50.89
CA ILE E 277 -28.44 52.54 -51.99
C ILE E 277 -28.25 53.67 -52.99
N GLN E 278 -28.06 54.89 -52.49
CA GLN E 278 -27.79 56.05 -53.33
C GLN E 278 -26.48 55.90 -54.10
N LYS E 279 -25.43 55.39 -53.44
CA LYS E 279 -24.13 55.11 -54.09
C LYS E 279 -24.25 54.16 -55.27
N ILE E 280 -25.11 53.15 -55.12
CA ILE E 280 -25.32 52.17 -56.19
C ILE E 280 -26.05 52.83 -57.35
N ARG E 281 -27.12 53.56 -57.05
CA ARG E 281 -27.87 54.31 -58.07
C ARG E 281 -27.01 55.24 -58.93
N GLU E 282 -25.97 55.86 -58.34
CA GLU E 282 -25.08 56.76 -59.08
C GLU E 282 -24.12 56.03 -60.03
N ASP E 283 -23.43 55.03 -59.51
CA ASP E 283 -22.40 54.30 -60.28
C ASP E 283 -22.96 53.32 -61.30
N LEU E 284 -24.14 52.76 -61.04
CA LEU E 284 -24.70 51.65 -61.85
C LEU E 284 -25.05 52.02 -63.32
N PRO E 285 -25.61 53.22 -63.56
CA PRO E 285 -25.75 53.74 -64.92
C PRO E 285 -24.42 54.07 -65.61
N ASN E 286 -23.43 54.52 -64.84
CA ASN E 286 -22.08 54.79 -65.36
C ASN E 286 -21.30 53.48 -65.49
N LEU E 287 -21.82 52.55 -66.31
CA LEU E 287 -21.32 51.17 -66.37
C LEU E 287 -21.70 50.54 -67.72
N GLU E 288 -20.77 49.78 -68.29
CA GLU E 288 -20.93 49.15 -69.62
C GLU E 288 -22.21 48.32 -69.78
N SER E 289 -22.79 48.33 -70.98
CA SER E 289 -23.95 47.48 -71.31
C SER E 289 -23.48 46.06 -71.63
N SER E 290 -24.03 45.06 -70.94
CA SER E 290 -23.63 43.65 -71.12
C SER E 290 -24.64 42.67 -70.50
N GLU E 291 -24.37 41.37 -70.69
CA GLU E 291 -25.02 40.27 -69.98
C GLU E 291 -24.81 40.36 -68.45
N GLU E 292 -23.60 40.78 -68.07
CA GLU E 292 -23.17 40.83 -66.66
C GLU E 292 -23.76 42.04 -65.95
N THR E 293 -23.80 43.17 -66.63
CA THR E 293 -24.40 44.40 -66.08
C THR E 293 -25.93 44.31 -65.90
N GLU E 294 -26.58 43.45 -66.67
CA GLU E 294 -28.01 43.21 -66.50
C GLU E 294 -28.26 42.35 -65.26
N GLN E 295 -27.39 41.36 -65.02
CA GLN E 295 -27.41 40.55 -63.81
C GLN E 295 -27.19 41.38 -62.54
N ILE E 296 -26.25 42.32 -62.62
CA ILE E 296 -25.95 43.24 -61.52
C ILE E 296 -27.14 44.19 -61.28
N ASN E 297 -27.79 44.61 -62.36
CA ASN E 297 -29.03 45.42 -62.26
C ASN E 297 -30.18 44.64 -61.61
N LYS E 298 -30.38 43.42 -62.08
CA LYS E 298 -31.39 42.51 -61.54
C LYS E 298 -31.13 42.24 -60.06
N HIS E 299 -29.87 41.99 -59.72
CA HIS E 299 -29.45 41.79 -58.32
C HIS E 299 -29.86 42.99 -57.46
N PHE E 300 -29.51 44.19 -57.91
CA PHE E 300 -29.90 45.42 -57.21
C PHE E 300 -31.42 45.57 -57.16
N HIS E 301 -32.11 45.21 -58.25
CA HIS E 301 -33.57 45.22 -58.27
C HIS E 301 -34.15 44.27 -57.23
N ASN E 302 -33.67 43.01 -57.25
CA ASN E 302 -34.09 41.95 -56.30
C ASN E 302 -33.87 42.36 -54.84
N THR E 303 -32.77 43.06 -54.59
CA THR E 303 -32.49 43.65 -53.27
C THR E 303 -33.54 44.73 -52.94
N LEU E 304 -33.71 45.70 -53.84
CA LEU E 304 -34.76 46.73 -53.67
C LEU E 304 -36.17 46.13 -53.53
N GLU E 305 -36.46 45.10 -54.33
CA GLU E 305 -37.69 44.31 -54.21
C GLU E 305 -37.86 43.70 -52.81
N HIS E 306 -36.80 43.11 -52.26
CA HIS E 306 -36.85 42.49 -50.93
C HIS E 306 -37.13 43.52 -49.83
N LEU E 307 -36.55 44.71 -49.96
CA LEU E 307 -36.72 45.80 -48.97
C LEU E 307 -38.14 46.33 -48.90
N ARG E 308 -38.77 46.54 -50.06
CA ARG E 308 -40.12 47.12 -50.15
C ARG E 308 -41.21 46.24 -49.51
N LEU E 309 -41.00 44.93 -49.52
CA LEU E 309 -41.96 43.97 -48.97
C LEU E 309 -41.71 43.60 -47.48
N ARG E 310 -40.86 44.36 -46.79
CA ARG E 310 -40.54 44.17 -45.35
C ARG E 310 -39.88 42.82 -45.08
N GLU F 2 -51.77 9.73 -49.39
CA GLU F 2 -50.78 9.55 -50.50
C GLU F 2 -49.67 8.58 -50.10
N GLU F 3 -49.47 7.54 -50.90
CA GLU F 3 -48.32 6.64 -50.77
C GLU F 3 -47.73 6.32 -52.16
N TYR F 4 -46.42 6.52 -52.31
CA TYR F 4 -45.70 6.25 -53.56
C TYR F 4 -44.81 5.01 -53.46
N THR F 5 -44.57 4.37 -54.61
CA THR F 5 -43.69 3.21 -54.68
C THR F 5 -42.21 3.62 -54.55
N PRO F 6 -41.40 2.82 -53.82
CA PRO F 6 -39.94 3.02 -53.84
C PRO F 6 -39.29 2.65 -55.19
N THR F 7 -39.58 3.46 -56.20
CA THR F 7 -39.16 3.18 -57.57
C THR F 7 -38.89 4.51 -58.24
N ILE F 8 -38.09 4.47 -59.29
CA ILE F 8 -37.80 5.65 -60.09
C ILE F 8 -38.26 5.37 -61.52
N PRO F 9 -39.24 6.15 -62.03
CA PRO F 9 -40.07 7.14 -61.32
C PRO F 9 -41.04 6.51 -60.32
N PRO F 10 -41.48 7.28 -59.30
CA PRO F 10 -42.38 6.73 -58.28
C PRO F 10 -43.82 6.68 -58.78
N LYS F 11 -44.56 5.66 -58.35
CA LYS F 11 -45.95 5.45 -58.78
C LYS F 11 -46.92 5.51 -57.60
N ALA F 12 -47.99 6.28 -57.77
CA ALA F 12 -49.04 6.43 -56.75
C ALA F 12 -49.87 5.16 -56.62
N MET G 1 96.45 -2.10 4.32
CA MET G 1 95.22 -2.02 5.16
C MET G 1 94.24 -3.17 4.82
N LEU G 2 93.63 -3.72 5.87
CA LEU G 2 92.74 -4.89 5.76
C LEU G 2 91.27 -4.50 5.59
N VAL G 3 90.68 -4.91 4.47
CA VAL G 3 89.24 -4.74 4.22
C VAL G 3 88.51 -6.07 4.37
N LEU G 4 87.49 -6.10 5.23
CA LEU G 4 86.61 -7.26 5.36
C LEU G 4 85.45 -7.11 4.38
N VAL G 5 85.26 -8.11 3.52
CA VAL G 5 84.17 -8.12 2.53
C VAL G 5 83.23 -9.29 2.81
N LEU G 6 81.97 -8.99 3.12
CA LEU G 6 80.97 -10.02 3.38
C LEU G 6 79.55 -9.60 2.98
N GLY G 7 78.61 -10.53 3.14
CA GLY G 7 77.20 -10.23 2.98
C GLY G 7 76.38 -11.48 2.81
N ASP G 8 75.09 -11.28 2.53
CA ASP G 8 74.11 -12.37 2.37
C ASP G 8 74.01 -13.25 3.63
N LEU G 9 73.98 -12.60 4.79
CA LEU G 9 73.89 -13.28 6.08
C LEU G 9 72.51 -13.88 6.30
N HIS G 10 71.49 -13.12 5.94
CA HIS G 10 70.08 -13.56 5.96
C HIS G 10 69.60 -14.01 7.35
N ILE G 11 69.87 -13.16 8.33
CA ILE G 11 69.42 -13.34 9.72
C ILE G 11 68.25 -12.37 10.02
N PRO G 12 67.11 -12.90 10.48
CA PRO G 12 66.76 -14.28 10.83
C PRO G 12 66.26 -15.17 9.67
N HIS G 13 65.98 -14.57 8.51
CA HIS G 13 65.17 -15.20 7.46
C HIS G 13 65.60 -16.62 7.05
N ARG G 14 66.91 -16.80 6.88
CA ARG G 14 67.46 -18.08 6.43
C ARG G 14 68.51 -18.69 7.37
N CYS G 15 69.04 -17.89 8.30
CA CYS G 15 70.04 -18.35 9.26
C CYS G 15 69.87 -17.66 10.62
N ASN G 16 70.42 -18.30 11.66
CA ASN G 16 70.37 -17.75 13.03
C ASN G 16 71.57 -16.86 13.35
N SER G 17 72.74 -17.24 12.86
CA SER G 17 73.99 -16.57 13.21
C SER G 17 75.11 -17.02 12.28
N LEU G 18 76.20 -16.27 12.28
CA LEU G 18 77.42 -16.69 11.61
C LEU G 18 77.94 -17.97 12.28
N PRO G 19 78.73 -18.79 11.55
CA PRO G 19 79.28 -20.00 12.17
C PRO G 19 80.16 -19.72 13.40
N ALA G 20 80.25 -20.73 14.28
CA ALA G 20 81.00 -20.62 15.54
C ALA G 20 82.46 -20.21 15.33
N LYS G 21 83.16 -20.91 14.43
CA LYS G 21 84.57 -20.61 14.14
C LYS G 21 84.79 -19.24 13.50
N PHE G 22 83.82 -18.77 12.71
CA PHE G 22 83.91 -17.44 12.07
C PHE G 22 83.85 -16.32 13.10
N LYS G 23 82.94 -16.40 14.07
CA LYS G 23 82.84 -15.39 15.12
C LYS G 23 84.08 -15.31 16.01
N LYS G 24 84.84 -16.40 16.08
CA LYS G 24 86.13 -16.43 16.79
C LYS G 24 87.21 -15.62 16.03
N LEU G 25 87.18 -15.69 14.70
CA LEU G 25 88.12 -14.93 13.85
C LEU G 25 87.76 -13.46 13.78
N LEU G 26 86.50 -13.17 13.46
CA LEU G 26 86.02 -11.79 13.36
C LEU G 26 85.85 -11.21 14.76
N VAL G 27 86.88 -10.49 15.21
CA VAL G 27 86.92 -9.86 16.53
C VAL G 27 87.64 -8.50 16.37
N PRO G 28 87.24 -7.47 17.16
CA PRO G 28 87.74 -6.11 16.91
C PRO G 28 89.24 -5.90 17.05
N GLY G 29 89.71 -4.75 16.59
CA GLY G 29 91.12 -4.37 16.65
C GLY G 29 92.01 -4.97 15.58
N LYS G 30 91.42 -5.42 14.46
CA LYS G 30 92.16 -6.02 13.34
C LYS G 30 91.77 -5.54 11.93
N ILE G 31 90.48 -5.23 11.72
CA ILE G 31 89.97 -4.73 10.45
C ILE G 31 89.81 -3.21 10.50
N GLN G 32 90.11 -2.56 9.38
CA GLN G 32 90.05 -1.09 9.25
C GLN G 32 88.73 -0.66 8.61
N HIS G 33 88.42 -1.26 7.46
CA HIS G 33 87.18 -1.04 6.71
C HIS G 33 86.42 -2.35 6.47
N ILE G 34 85.08 -2.28 6.49
CA ILE G 34 84.21 -3.42 6.11
C ILE G 34 83.33 -3.01 4.91
N LEU G 35 83.36 -3.79 3.83
CA LEU G 35 82.43 -3.61 2.68
C LEU G 35 81.37 -4.72 2.59
N CYS G 36 80.16 -4.41 3.07
CA CYS G 36 79.07 -5.39 3.17
C CYS G 36 78.08 -5.27 1.98
N THR G 37 77.91 -6.38 1.26
CA THR G 37 76.99 -6.44 0.11
C THR G 37 75.52 -6.45 0.47
N GLY G 38 75.21 -6.63 1.76
CA GLY G 38 73.85 -6.48 2.27
C GLY G 38 73.19 -7.82 2.57
N ASN G 39 71.89 -7.78 2.74
CA ASN G 39 71.10 -8.88 3.30
C ASN G 39 71.68 -9.36 4.62
N LEU G 40 71.58 -8.48 5.60
CA LEU G 40 71.97 -8.77 6.97
C LEU G 40 71.04 -9.74 7.71
N CYS G 41 69.74 -9.48 7.89
CA CYS G 41 68.95 -8.39 7.26
C CYS G 41 68.45 -7.32 8.25
N THR G 42 68.90 -7.36 9.50
CA THR G 42 68.34 -6.52 10.57
C THR G 42 69.42 -5.69 11.26
N LYS G 43 68.96 -4.70 12.02
CA LYS G 43 69.83 -3.79 12.77
C LYS G 43 70.83 -4.52 13.69
N GLU G 44 70.43 -5.65 14.25
CA GLU G 44 71.30 -6.49 15.10
C GLU G 44 72.63 -6.81 14.42
N SER G 45 72.54 -7.33 13.20
CA SER G 45 73.72 -7.62 12.39
C SER G 45 74.54 -6.38 12.06
N TYR G 46 73.89 -5.25 11.80
CA TYR G 46 74.60 -3.99 11.52
C TYR G 46 75.42 -3.53 12.73
N ASP G 47 74.77 -3.48 13.89
CA ASP G 47 75.44 -3.16 15.16
C ASP G 47 76.62 -4.09 15.45
N TYR G 48 76.49 -5.36 15.07
CA TYR G 48 77.59 -6.32 15.19
C TYR G 48 78.78 -5.94 14.29
N LEU G 49 78.51 -5.53 13.07
CA LEU G 49 79.57 -5.09 12.15
C LEU G 49 80.28 -3.82 12.63
N LYS G 50 79.55 -2.94 13.31
CA LYS G 50 80.15 -1.71 13.88
C LYS G 50 81.19 -1.99 14.96
N THR G 51 81.04 -3.13 15.64
CA THR G 51 82.00 -3.59 16.64
C THR G 51 83.37 -3.95 16.04
N LEU G 52 83.38 -4.42 14.79
CA LEU G 52 84.59 -4.96 14.17
C LEU G 52 85.48 -3.90 13.53
N ALA G 53 84.88 -2.78 13.14
CA ALA G 53 85.62 -1.64 12.57
C ALA G 53 84.72 -0.42 12.58
N GLY G 54 85.33 0.77 12.63
CA GLY G 54 84.58 2.03 12.67
C GLY G 54 83.91 2.31 11.33
N ASP G 55 84.73 2.30 10.27
CA ASP G 55 84.28 2.62 8.92
C ASP G 55 83.57 1.42 8.27
N VAL G 56 82.23 1.41 8.35
CA VAL G 56 81.40 0.34 7.80
C VAL G 56 80.58 0.85 6.61
N HIS G 57 80.62 0.10 5.51
CA HIS G 57 79.88 0.44 4.29
C HIS G 57 78.91 -0.68 3.90
N ILE G 58 77.60 -0.42 4.04
CA ILE G 58 76.54 -1.36 3.68
C ILE G 58 75.91 -0.88 2.39
N VAL G 59 75.42 -1.81 1.59
CA VAL G 59 74.47 -1.49 0.51
C VAL G 59 73.20 -2.31 0.67
N ARG G 60 72.10 -1.82 0.08
CA ARG G 60 70.77 -2.36 0.34
C ARG G 60 70.57 -3.68 -0.41
N GLY G 61 70.42 -4.76 0.33
CA GLY G 61 70.01 -6.04 -0.24
C GLY G 61 68.50 -6.10 -0.43
N ASP G 62 68.05 -7.09 -1.18
CA ASP G 62 66.61 -7.25 -1.47
C ASP G 62 65.73 -7.49 -0.25
N PHE G 63 66.24 -8.22 0.73
CA PHE G 63 65.56 -8.45 2.02
C PHE G 63 65.92 -7.54 3.21
N ASP G 64 66.76 -6.53 3.01
CA ASP G 64 67.14 -5.62 4.11
C ASP G 64 65.96 -4.74 4.51
N GLU G 65 65.76 -4.61 5.81
CA GLU G 65 64.62 -3.90 6.39
C GLU G 65 64.89 -2.39 6.46
N ASN G 66 66.16 -2.01 6.66
CA ASN G 66 66.56 -0.60 6.73
C ASN G 66 66.50 0.03 5.34
N LEU G 67 65.67 1.08 5.21
CA LEU G 67 65.54 1.86 3.97
C LEU G 67 66.70 2.84 3.72
N ASN G 68 67.46 3.17 4.78
CA ASN G 68 68.51 4.22 4.71
C ASN G 68 69.75 3.82 3.92
N TYR G 69 70.00 2.52 3.71
CA TYR G 69 71.20 2.08 3.00
C TYR G 69 71.09 2.46 1.52
N PRO G 70 72.21 2.85 0.90
CA PRO G 70 72.20 3.17 -0.53
C PRO G 70 72.25 1.91 -1.38
N GLU G 71 71.68 1.97 -2.58
CA GLU G 71 71.69 0.84 -3.52
C GLU G 71 73.12 0.52 -4.02
N GLN G 72 73.88 1.55 -4.37
CA GLN G 72 75.28 1.41 -4.76
C GLN G 72 76.16 2.29 -3.90
N LYS G 73 77.47 2.06 -4.01
CA LYS G 73 78.46 2.91 -3.36
C LYS G 73 79.81 2.71 -4.04
N VAL G 74 80.39 3.80 -4.52
CA VAL G 74 81.81 3.84 -4.88
C VAL G 74 82.56 4.31 -3.64
N VAL G 75 83.57 3.55 -3.24
CA VAL G 75 84.42 3.92 -2.09
C VAL G 75 85.90 3.82 -2.53
N THR G 76 86.73 4.75 -2.05
CA THR G 76 88.16 4.75 -2.36
C THR G 76 88.95 4.28 -1.15
N VAL G 77 89.80 3.27 -1.37
CA VAL G 77 90.69 2.72 -0.35
C VAL G 77 92.07 2.61 -0.98
N GLY G 78 92.95 3.54 -0.62
CA GLY G 78 94.29 3.63 -1.21
C GLY G 78 94.23 4.01 -2.68
N GLN G 79 94.93 3.25 -3.50
CA GLN G 79 94.89 3.41 -4.96
C GLN G 79 93.60 2.90 -5.63
N PHE G 80 92.74 2.19 -4.88
CA PHE G 80 91.59 1.49 -5.47
C PHE G 80 90.24 2.18 -5.31
N LYS G 81 89.62 2.46 -6.44
CA LYS G 81 88.22 2.86 -6.51
C LYS G 81 87.38 1.56 -6.50
N ILE G 82 86.69 1.28 -5.39
CA ILE G 82 85.91 0.03 -5.25
C ILE G 82 84.39 0.25 -5.31
N GLY G 83 83.71 -0.48 -6.19
CA GLY G 83 82.26 -0.42 -6.33
C GLY G 83 81.56 -1.47 -5.48
N LEU G 84 80.43 -1.08 -4.88
CA LEU G 84 79.60 -1.98 -4.05
C LEU G 84 78.16 -1.98 -4.55
N ILE G 85 77.60 -3.17 -4.71
CA ILE G 85 76.19 -3.34 -5.06
C ILE G 85 75.78 -4.75 -4.65
N HIS G 86 74.51 -4.98 -4.33
CA HIS G 86 74.09 -6.31 -3.86
C HIS G 86 74.03 -7.33 -5.00
N GLY G 87 73.55 -6.95 -6.17
CA GLY G 87 73.51 -7.87 -7.32
C GLY G 87 72.15 -8.34 -7.80
N HIS G 88 71.10 -8.16 -6.99
CA HIS G 88 69.72 -8.38 -7.47
C HIS G 88 69.32 -7.41 -8.60
N GLN G 89 69.91 -6.21 -8.64
CA GLN G 89 69.71 -5.23 -9.73
C GLN G 89 70.39 -5.62 -11.04
N VAL G 90 71.33 -6.56 -10.98
CA VAL G 90 72.14 -6.91 -12.13
C VAL G 90 71.43 -8.07 -12.80
N ILE G 91 70.84 -7.80 -13.96
CA ILE G 91 70.01 -8.79 -14.65
C ILE G 91 70.66 -9.08 -16.00
N PRO G 92 70.83 -10.36 -16.35
CA PRO G 92 70.53 -11.58 -15.58
C PRO G 92 71.42 -11.75 -14.36
N TRP G 93 70.92 -12.50 -13.38
CA TRP G 93 71.62 -12.64 -12.10
C TRP G 93 72.93 -13.41 -12.25
N GLY G 94 74.01 -12.82 -11.76
CA GLY G 94 75.36 -13.36 -11.88
C GLY G 94 75.86 -13.56 -13.31
N ASP G 95 75.39 -12.73 -14.24
CA ASP G 95 75.91 -12.73 -15.60
C ASP G 95 77.15 -11.85 -15.59
N MET G 96 78.17 -12.28 -16.33
CA MET G 96 79.47 -11.60 -16.33
C MET G 96 79.37 -10.30 -17.12
N ALA G 97 78.80 -10.38 -18.32
CA ALA G 97 78.59 -9.20 -19.16
C ALA G 97 77.75 -8.10 -18.46
N SER G 98 76.77 -8.51 -17.66
CA SER G 98 75.96 -7.56 -16.88
C SER G 98 76.76 -6.81 -15.82
N LEU G 99 77.69 -7.48 -15.14
CA LEU G 99 78.58 -6.84 -14.16
C LEU G 99 79.59 -5.91 -14.84
N ALA G 100 80.08 -6.28 -16.02
CA ALA G 100 81.02 -5.42 -16.75
C ALA G 100 80.34 -4.12 -17.15
N LEU G 101 79.16 -4.23 -17.74
CA LEU G 101 78.30 -3.08 -18.03
C LEU G 101 78.22 -2.15 -16.82
N LEU G 102 78.05 -2.75 -15.64
CA LEU G 102 78.00 -2.03 -14.37
C LEU G 102 79.35 -1.39 -14.00
N GLN G 103 80.44 -2.12 -14.23
CA GLN G 103 81.79 -1.59 -14.02
C GLN G 103 82.01 -0.33 -14.84
N ARG G 104 81.60 -0.36 -16.10
CA ARG G 104 81.76 0.81 -16.98
C ARG G 104 81.03 2.05 -16.47
N GLN G 105 79.88 1.83 -15.84
CA GLN G 105 79.05 2.90 -15.29
C GLN G 105 79.65 3.47 -14.01
N PHE G 106 80.04 2.58 -13.11
CA PHE G 106 80.67 2.94 -11.85
C PHE G 106 82.06 3.52 -12.05
N ASP G 107 82.76 3.07 -13.10
CA ASP G 107 84.16 3.39 -13.34
C ASP G 107 85.03 3.00 -12.14
N VAL G 108 85.06 1.73 -11.81
CA VAL G 108 85.78 1.23 -10.65
C VAL G 108 86.83 0.22 -11.05
N ASP G 109 87.82 0.03 -10.19
CA ASP G 109 88.89 -0.96 -10.40
C ASP G 109 88.46 -2.33 -9.88
N ILE G 110 87.73 -2.33 -8.77
CA ILE G 110 87.17 -3.55 -8.19
C ILE G 110 85.66 -3.39 -8.03
N LEU G 111 84.90 -4.34 -8.59
CA LEU G 111 83.45 -4.41 -8.37
C LEU G 111 83.14 -5.55 -7.40
N ILE G 112 82.55 -5.19 -6.27
CA ILE G 112 82.11 -6.17 -5.27
C ILE G 112 80.59 -6.33 -5.35
N SER G 113 80.12 -7.53 -5.70
CA SER G 113 78.70 -7.86 -5.79
C SER G 113 78.43 -9.13 -5.01
N GLY G 114 77.17 -9.32 -4.60
CA GLY G 114 76.74 -10.49 -3.85
C GLY G 114 75.61 -11.21 -4.56
N HIS G 115 74.64 -11.67 -3.79
CA HIS G 115 73.34 -12.18 -4.28
C HIS G 115 73.33 -13.65 -4.70
N THR G 116 74.39 -14.14 -5.33
CA THR G 116 74.46 -15.54 -5.76
C THR G 116 74.72 -16.55 -4.63
N HIS G 117 75.27 -16.09 -3.49
CA HIS G 117 75.72 -16.97 -2.39
C HIS G 117 76.85 -17.90 -2.86
N LYS G 118 77.70 -17.41 -3.75
CA LYS G 118 78.73 -18.25 -4.35
C LYS G 118 79.98 -17.44 -4.60
N PHE G 119 81.03 -17.79 -3.86
CA PHE G 119 82.33 -17.13 -3.93
C PHE G 119 82.90 -17.11 -5.34
N GLU G 120 83.28 -15.91 -5.79
CA GLU G 120 84.07 -15.74 -7.01
C GLU G 120 85.05 -14.58 -6.82
N ALA G 121 86.21 -14.70 -7.46
CA ALA G 121 87.27 -13.70 -7.37
C ALA G 121 88.16 -13.90 -8.58
N PHE G 122 88.13 -12.94 -9.49
CA PHE G 122 88.77 -13.12 -10.79
C PHE G 122 89.00 -11.79 -11.51
N GLU G 123 89.89 -11.84 -12.49
CA GLU G 123 90.29 -10.69 -13.27
C GLU G 123 89.69 -10.85 -14.67
N HIS G 124 89.07 -9.78 -15.18
CA HIS G 124 88.45 -9.78 -16.50
C HIS G 124 88.56 -8.40 -17.17
N GLU G 125 89.27 -8.35 -18.30
CA GLU G 125 89.49 -7.11 -19.07
C GLU G 125 90.08 -5.97 -18.23
N ASN G 126 91.26 -6.22 -17.67
CA ASN G 126 92.03 -5.26 -16.85
C ASN G 126 91.37 -4.85 -15.50
N LYS G 127 90.27 -5.50 -15.13
CA LYS G 127 89.43 -5.10 -13.99
C LYS G 127 89.14 -6.31 -13.10
N PHE G 128 88.99 -6.07 -11.80
CA PHE G 128 88.81 -7.16 -10.81
C PHE G 128 87.37 -7.24 -10.30
N TYR G 129 86.87 -8.45 -10.04
CA TYR G 129 85.48 -8.68 -9.61
C TYR G 129 85.42 -9.66 -8.45
N ILE G 130 84.85 -9.23 -7.32
CA ILE G 130 84.77 -10.06 -6.11
C ILE G 130 83.32 -10.27 -5.68
N ASN G 131 82.97 -11.53 -5.50
CA ASN G 131 81.72 -11.95 -4.88
C ASN G 131 82.14 -12.72 -3.65
N PRO G 132 81.89 -12.18 -2.43
CA PRO G 132 82.33 -12.88 -1.21
C PRO G 132 81.59 -14.19 -0.90
N GLY G 133 80.36 -14.32 -1.39
CA GLY G 133 79.49 -15.43 -1.05
C GLY G 133 78.69 -15.05 0.17
N SER G 134 77.98 -16.02 0.74
CA SER G 134 77.19 -15.80 1.96
C SER G 134 77.98 -16.25 3.19
N ALA G 135 78.21 -15.34 4.13
CA ALA G 135 78.99 -15.65 5.34
C ALA G 135 78.34 -16.69 6.25
N THR G 136 77.01 -16.79 6.19
CA THR G 136 76.24 -17.80 6.92
C THR G 136 76.02 -19.09 6.12
N GLY G 137 76.41 -19.10 4.85
CA GLY G 137 76.05 -20.18 3.95
C GLY G 137 74.55 -20.32 3.70
N ALA G 138 73.85 -19.19 3.65
CA ALA G 138 72.38 -19.15 3.60
C ALA G 138 71.81 -19.78 2.34
N TYR G 139 70.60 -20.34 2.48
CA TYR G 139 69.82 -20.97 1.38
C TYR G 139 69.72 -20.08 0.14
N ASN G 140 69.82 -20.70 -1.04
CA ASN G 140 69.57 -20.04 -2.32
C ASN G 140 68.94 -21.08 -3.27
N ALA G 141 67.83 -20.70 -3.91
CA ALA G 141 67.08 -21.61 -4.78
C ALA G 141 67.89 -22.09 -5.99
N LEU G 142 68.75 -21.20 -6.52
CA LEU G 142 69.51 -21.46 -7.75
C LEU G 142 70.87 -22.08 -7.52
N GLU G 143 71.20 -22.44 -6.28
CA GLU G 143 72.47 -23.10 -5.97
C GLU G 143 72.34 -23.96 -4.71
N THR G 144 72.49 -25.27 -4.85
CA THR G 144 72.39 -26.21 -3.72
C THR G 144 73.78 -26.79 -3.43
N ASN G 145 74.70 -25.91 -3.05
CA ASN G 145 76.08 -26.30 -2.81
C ASN G 145 76.81 -25.26 -1.92
N ILE G 146 76.09 -24.69 -0.95
CA ILE G 146 76.48 -23.42 -0.35
C ILE G 146 77.46 -23.57 0.82
N ILE G 147 78.68 -23.04 0.63
CA ILE G 147 79.72 -23.03 1.67
C ILE G 147 79.73 -21.65 2.33
N PRO G 148 79.70 -21.60 3.68
CA PRO G 148 79.85 -20.30 4.32
C PRO G 148 81.19 -19.68 4.00
N SER G 149 81.20 -18.41 3.63
CA SER G 149 82.43 -17.72 3.25
C SER G 149 82.36 -16.20 3.33
N PHE G 150 83.51 -15.60 3.59
CA PHE G 150 83.71 -14.16 3.46
C PHE G 150 85.11 -13.90 2.92
N VAL G 151 85.33 -12.69 2.42
CA VAL G 151 86.60 -12.33 1.80
C VAL G 151 87.29 -11.23 2.62
N LEU G 152 88.63 -11.31 2.64
CA LEU G 152 89.48 -10.34 3.32
C LEU G 152 90.52 -9.87 2.30
N MET G 153 90.62 -8.55 2.12
CA MET G 153 91.57 -7.95 1.18
C MET G 153 92.69 -7.27 1.96
N ASP G 154 93.94 -7.57 1.62
CA ASP G 154 95.10 -6.78 2.06
C ASP G 154 95.49 -5.87 0.91
N ILE G 155 95.05 -4.60 0.99
CA ILE G 155 95.39 -3.58 0.01
C ILE G 155 96.61 -2.80 0.54
N GLN G 156 97.73 -2.89 -0.16
CA GLN G 156 98.97 -2.23 0.30
C GLN G 156 99.17 -0.89 -0.40
N ALA G 157 99.41 -0.93 -1.71
CA ALA G 157 99.66 0.28 -2.50
C ALA G 157 99.73 -0.13 -3.95
N SER G 158 98.65 0.09 -4.69
CA SER G 158 98.50 -0.36 -6.09
C SER G 158 98.51 -1.90 -6.26
N THR G 159 98.32 -2.64 -5.15
CA THR G 159 98.30 -4.10 -5.16
C THR G 159 97.39 -4.61 -4.04
N VAL G 160 96.51 -5.56 -4.37
CA VAL G 160 95.58 -6.15 -3.40
C VAL G 160 95.71 -7.67 -3.39
N VAL G 161 95.83 -8.21 -2.18
CA VAL G 161 95.84 -9.65 -1.95
C VAL G 161 94.48 -10.00 -1.34
N THR G 162 93.74 -10.85 -2.05
CA THR G 162 92.40 -11.23 -1.65
C THR G 162 92.44 -12.62 -1.04
N TYR G 163 92.14 -12.70 0.26
CA TYR G 163 92.00 -13.96 0.97
C TYR G 163 90.51 -14.30 1.06
N VAL G 164 90.19 -15.59 0.97
CA VAL G 164 88.81 -16.06 1.17
C VAL G 164 88.77 -17.12 2.27
N TYR G 165 87.97 -16.88 3.30
CA TYR G 165 87.78 -17.82 4.39
C TYR G 165 86.55 -18.64 4.07
N GLN G 166 86.66 -19.97 4.13
CA GLN G 166 85.54 -20.88 3.89
C GLN G 166 85.42 -21.93 4.98
N LEU G 167 84.18 -22.23 5.38
CA LEU G 167 83.90 -23.29 6.35
C LEU G 167 83.55 -24.58 5.62
N ILE G 168 84.53 -25.47 5.52
CA ILE G 168 84.39 -26.78 4.89
C ILE G 168 84.46 -27.84 5.99
N GLY G 169 83.38 -28.61 6.12
CA GLY G 169 83.23 -29.52 7.26
C GLY G 169 83.18 -28.70 8.53
N ASP G 170 84.09 -29.01 9.46
CA ASP G 170 84.27 -28.22 10.68
C ASP G 170 85.33 -27.13 10.51
N ASP G 171 86.41 -27.42 9.77
CA ASP G 171 87.56 -26.50 9.68
C ASP G 171 87.31 -25.27 8.79
N VAL G 172 88.01 -24.18 9.10
CA VAL G 172 88.06 -22.98 8.26
C VAL G 172 89.28 -23.06 7.33
N LYS G 173 89.06 -22.98 6.02
CA LYS G 173 90.16 -23.10 5.03
C LYS G 173 90.34 -21.84 4.19
N VAL G 174 91.59 -21.37 4.09
CA VAL G 174 91.92 -20.10 3.44
C VAL G 174 92.61 -20.34 2.09
N GLU G 175 92.32 -19.47 1.13
CA GLU G 175 92.98 -19.47 -0.19
C GLU G 175 93.22 -18.02 -0.63
N ARG G 176 94.19 -17.81 -1.53
CA ARG G 176 94.75 -16.48 -1.80
C ARG G 176 94.85 -16.17 -3.29
N ILE G 177 94.20 -15.08 -3.70
CA ILE G 177 94.27 -14.57 -5.08
C ILE G 177 94.90 -13.17 -5.04
N GLU G 178 95.59 -12.80 -6.12
CA GLU G 178 96.40 -11.57 -6.16
C GLU G 178 96.19 -10.76 -7.44
N TYR G 179 95.79 -9.50 -7.27
CA TYR G 179 95.53 -8.57 -8.38
C TYR G 179 96.29 -7.27 -8.12
N LYS G 180 96.83 -6.69 -9.20
CA LYS G 180 97.48 -5.38 -9.16
C LYS G 180 97.02 -4.52 -10.34
N LYS G 181 96.94 -3.21 -10.13
CA LYS G 181 96.41 -2.27 -11.14
C LYS G 181 97.10 -2.39 -12.51
N PRO G 182 96.36 -2.12 -13.60
CA PRO G 182 96.97 -2.15 -14.95
C PRO G 182 97.81 -0.90 -15.23
N LEU H 20 63.34 -11.42 17.28
CA LEU H 20 64.06 -12.36 16.36
C LEU H 20 64.03 -13.82 16.84
N VAL H 21 62.93 -14.22 17.48
CA VAL H 21 62.78 -15.59 18.05
C VAL H 21 62.61 -16.63 16.93
N GLY H 22 62.11 -16.19 15.78
CA GLY H 22 61.92 -17.04 14.60
C GLY H 22 63.13 -17.79 14.09
N ARG H 23 64.33 -17.25 14.32
CA ARG H 23 65.58 -17.87 13.83
C ARG H 23 65.90 -19.22 14.47
N PHE H 24 65.18 -19.58 15.52
CA PHE H 24 65.20 -20.91 16.13
C PHE H 24 65.20 -22.06 15.12
N ILE H 25 64.16 -22.12 14.28
CA ILE H 25 63.97 -23.25 13.33
C ILE H 25 65.15 -23.64 12.43
N HIS H 26 66.08 -22.71 12.22
CA HIS H 26 67.31 -23.00 11.46
C HIS H 26 68.32 -23.87 12.22
N LEU H 27 68.16 -23.99 13.53
CA LEU H 27 68.95 -24.93 14.35
C LEU H 27 68.35 -26.36 14.40
N LEU H 28 67.16 -26.56 13.81
CA LEU H 28 66.41 -27.84 13.85
C LEU H 28 66.32 -28.45 12.46
N ARG H 29 67.20 -29.42 12.18
CA ARG H 29 67.17 -30.19 10.94
C ARG H 29 67.10 -31.69 11.25
N SER H 30 65.90 -32.27 11.11
CA SER H 30 65.70 -33.72 11.26
C SER H 30 66.18 -34.46 10.03
N GLU H 31 66.73 -35.65 10.24
CA GLU H 31 67.29 -36.46 9.15
C GLU H 31 66.20 -36.99 8.21
N ASP H 32 65.05 -37.42 8.77
CA ASP H 32 63.86 -37.79 7.98
C ASP H 32 63.00 -36.54 7.71
N PRO H 33 62.85 -36.12 6.44
CA PRO H 33 62.13 -34.88 6.12
C PRO H 33 60.63 -34.89 6.46
N ASP H 34 60.07 -36.06 6.72
CA ASP H 34 58.72 -36.16 7.28
C ASP H 34 58.63 -35.60 8.69
N GLN H 35 59.70 -35.75 9.49
CA GLN H 35 59.77 -35.10 10.81
C GLN H 35 59.95 -33.57 10.69
N GLN H 36 60.72 -33.12 9.71
CA GLN H 36 60.86 -31.67 9.41
C GLN H 36 59.52 -31.01 9.14
N TYR H 37 58.66 -31.66 8.33
CA TYR H 37 57.34 -31.13 8.03
C TYR H 37 56.49 -30.98 9.29
N LEU H 38 56.56 -31.99 10.16
CA LEU H 38 55.87 -31.95 11.45
C LEU H 38 56.41 -30.85 12.35
N ILE H 39 57.74 -30.71 12.40
CA ILE H 39 58.40 -29.62 13.15
C ILE H 39 57.88 -28.26 12.70
N LEU H 40 57.89 -28.03 11.38
CA LEU H 40 57.36 -26.77 10.81
C LEU H 40 55.91 -26.53 11.23
N ASN H 41 55.06 -27.55 11.07
CA ASN H 41 53.63 -27.47 11.48
C ASN H 41 53.46 -26.97 12.92
N THR H 42 54.19 -27.59 13.85
CA THR H 42 54.11 -27.21 15.26
C THR H 42 54.84 -25.89 15.56
N ALA H 43 55.86 -25.55 14.77
CA ALA H 43 56.49 -24.22 14.86
C ALA H 43 55.50 -23.14 14.43
N ARG H 44 54.81 -23.38 13.30
CA ARG H 44 53.78 -22.45 12.80
CA ARG H 44 53.78 -22.47 12.79
C ARG H 44 52.67 -22.27 13.83
N LYS H 45 52.23 -23.36 14.46
CA LYS H 45 51.15 -23.30 15.46
C LYS H 45 51.53 -22.59 16.76
N HIS H 46 52.79 -22.73 17.19
CA HIS H 46 53.35 -21.90 18.27
C HIS H 46 53.47 -20.45 17.82
N PHE H 47 54.18 -20.24 16.72
CA PHE H 47 54.49 -18.90 16.19
C PHE H 47 53.29 -18.10 15.69
N GLY H 48 52.19 -18.77 15.36
CA GLY H 48 50.93 -18.11 15.00
C GLY H 48 50.22 -17.44 16.17
N ALA H 49 50.52 -17.90 17.39
CA ALA H 49 49.87 -17.39 18.61
C ALA H 49 50.23 -15.95 19.01
N GLY H 50 51.32 -15.42 18.45
CA GLY H 50 51.79 -14.08 18.80
C GLY H 50 50.90 -12.91 18.42
N GLY H 51 50.18 -13.04 17.29
CA GLY H 51 49.30 -11.98 16.78
C GLY H 51 49.92 -11.18 15.65
N ASN H 52 49.33 -10.04 15.32
CA ASN H 52 49.72 -9.24 14.15
C ASN H 52 51.08 -8.52 14.27
N GLN H 53 51.62 -8.39 15.48
CA GLN H 53 52.91 -7.71 15.69
C GLN H 53 54.11 -8.66 15.80
N ARG H 54 53.90 -9.84 16.38
CA ARG H 54 54.95 -10.87 16.48
C ARG H 54 55.36 -11.42 15.12
N ILE H 55 54.36 -11.86 14.35
CA ILE H 55 54.59 -12.64 13.11
C ILE H 55 55.30 -11.91 11.96
N ARG H 56 55.41 -10.58 12.03
CA ARG H 56 56.33 -9.80 11.18
C ARG H 56 57.69 -10.48 11.00
N PHE H 57 58.35 -10.74 12.14
CA PHE H 57 59.71 -11.30 12.18
C PHE H 57 59.73 -12.82 12.41
N THR H 58 58.62 -13.36 12.90
CA THR H 58 58.56 -14.74 13.38
C THR H 58 58.27 -15.79 12.28
N LEU H 59 57.39 -15.45 11.34
CA LEU H 59 56.95 -16.38 10.27
C LEU H 59 57.84 -16.53 9.00
N PRO H 60 58.51 -15.45 8.54
CA PRO H 60 59.33 -15.58 7.33
C PRO H 60 60.43 -16.64 7.36
N PRO H 61 61.04 -16.90 8.54
CA PRO H 61 61.95 -18.04 8.66
C PRO H 61 61.31 -19.39 8.31
N LEU H 62 60.07 -19.60 8.76
CA LEU H 62 59.31 -20.80 8.39
C LEU H 62 59.09 -20.94 6.89
N VAL H 63 58.89 -19.81 6.20
CA VAL H 63 58.73 -19.82 4.73
C VAL H 63 60.00 -20.34 4.04
N PHE H 64 61.16 -19.87 4.49
CA PHE H 64 62.42 -20.33 3.89
C PHE H 64 62.73 -21.76 4.28
N ALA H 65 62.42 -22.12 5.52
CA ALA H 65 62.48 -23.52 5.98
C ALA H 65 61.65 -24.45 5.07
N ALA H 66 60.40 -24.05 4.78
CA ALA H 66 59.54 -24.80 3.86
C ALA H 66 60.16 -25.00 2.48
N TYR H 67 60.72 -23.93 1.90
CA TYR H 67 61.34 -24.03 0.58
C TYR H 67 62.54 -24.97 0.56
N GLN H 68 63.34 -24.98 1.63
CA GLN H 68 64.49 -25.90 1.72
C GLN H 68 64.04 -27.34 1.95
N LEU H 69 62.98 -27.53 2.73
CA LEU H 69 62.36 -28.84 2.89
C LEU H 69 61.84 -29.41 1.56
N ALA H 70 61.36 -28.54 0.67
CA ALA H 70 60.96 -28.95 -0.68
C ALA H 70 62.14 -29.52 -1.47
N PHE H 71 63.27 -28.83 -1.40
CA PHE H 71 64.54 -29.32 -1.97
C PHE H 71 65.01 -30.62 -1.33
N ARG H 72 64.77 -30.78 -0.03
CA ARG H 72 65.09 -32.02 0.67
C ARG H 72 64.24 -33.20 0.20
N TYR H 73 62.95 -32.98 -0.10
CA TYR H 73 62.11 -34.04 -0.69
C TYR H 73 62.63 -34.51 -2.03
N LYS H 74 63.04 -33.57 -2.89
CA LYS H 74 63.61 -33.92 -4.21
C LYS H 74 64.92 -34.71 -4.09
N GLU H 75 65.77 -34.34 -3.13
CA GLU H 75 67.03 -35.06 -2.94
C GLU H 75 66.78 -36.46 -2.37
N ASN H 76 65.64 -36.64 -1.69
CA ASN H 76 65.16 -37.94 -1.21
C ASN H 76 64.26 -38.59 -2.29
N SER H 77 64.66 -38.48 -3.55
CA SER H 77 63.90 -39.03 -4.67
C SER H 77 63.87 -40.55 -4.64
N LYS H 78 64.96 -41.15 -4.14
CA LYS H 78 65.11 -42.59 -4.10
C LYS H 78 64.17 -43.24 -3.07
N VAL H 79 64.26 -42.81 -1.82
CA VAL H 79 63.54 -43.47 -0.71
C VAL H 79 62.01 -43.23 -0.72
N ASP H 80 61.56 -42.18 -1.42
CA ASP H 80 60.18 -41.69 -1.31
C ASP H 80 59.55 -41.43 -2.69
N ASP H 81 58.58 -42.27 -3.07
CA ASP H 81 57.87 -42.14 -4.36
C ASP H 81 56.64 -41.23 -4.28
N LYS H 82 56.31 -40.76 -3.08
CA LYS H 82 55.26 -39.76 -2.86
C LYS H 82 55.85 -38.35 -2.68
N TRP H 83 57.10 -38.16 -3.10
CA TRP H 83 57.85 -36.94 -2.81
C TRP H 83 57.29 -35.70 -3.50
N GLU H 84 56.65 -35.89 -4.65
CA GLU H 84 56.08 -34.79 -5.40
C GLU H 84 54.85 -34.22 -4.70
N LYS H 85 53.99 -35.10 -4.19
CA LYS H 85 52.82 -34.68 -3.38
C LYS H 85 53.22 -34.05 -2.03
N LYS H 86 54.42 -34.37 -1.56
CA LYS H 86 55.02 -33.67 -0.42
C LYS H 86 55.44 -32.24 -0.77
N CYS H 87 55.94 -32.02 -1.99
CA CYS H 87 56.24 -30.66 -2.46
C CYS H 87 54.99 -29.78 -2.61
N GLN H 88 53.90 -30.34 -3.10
CA GLN H 88 52.63 -29.59 -3.23
C GLN H 88 52.04 -29.18 -1.87
N LYS H 89 52.18 -30.08 -0.90
CA LYS H 89 51.76 -29.83 0.48
C LYS H 89 52.57 -28.71 1.13
N ILE H 90 53.89 -28.74 0.92
CA ILE H 90 54.80 -27.77 1.55
C ILE H 90 54.67 -26.38 0.93
N PHE H 91 54.52 -26.32 -0.40
CA PHE H 91 54.28 -25.05 -1.08
C PHE H 91 52.93 -24.43 -0.70
N SER H 92 51.93 -25.29 -0.44
CA SER H 92 50.65 -24.85 0.11
C SER H 92 50.82 -24.34 1.55
N PHE H 93 51.66 -25.00 2.33
CA PHE H 93 52.05 -24.53 3.67
C PHE H 93 52.70 -23.15 3.59
N ALA H 94 53.62 -22.98 2.64
CA ALA H 94 54.31 -21.71 2.44
C ALA H 94 53.31 -20.60 2.13
N HIS H 95 52.45 -20.89 1.14
CA HIS H 95 51.38 -19.99 0.73
C HIS H 95 50.53 -19.56 1.92
N GLN H 96 50.09 -20.53 2.72
CA GLN H 96 49.31 -20.22 3.92
C GLN H 96 50.06 -19.21 4.80
N THR H 97 51.34 -19.49 5.05
CA THR H 97 52.16 -18.68 5.94
C THR H 97 52.39 -17.24 5.42
N ILE H 98 52.63 -17.11 4.12
CA ILE H 98 52.82 -15.79 3.52
C ILE H 98 51.53 -14.98 3.61
N SER H 99 50.40 -15.65 3.34
CA SER H 99 49.07 -15.00 3.46
C SER H 99 48.77 -14.46 4.85
N ALA H 100 49.29 -15.10 5.89
CA ALA H 100 49.19 -14.57 7.25
C ALA H 100 49.94 -13.25 7.42
N LEU H 101 51.06 -13.09 6.70
CA LEU H 101 51.80 -11.84 6.66
C LEU H 101 51.04 -10.77 5.88
N ILE H 102 50.30 -11.18 4.84
CA ILE H 102 49.44 -10.26 4.09
C ILE H 102 48.30 -9.77 4.99
N LYS H 103 47.74 -10.69 5.77
CA LYS H 103 46.72 -10.40 6.79
C LYS H 103 47.24 -9.45 7.87
N ALA H 104 48.51 -9.59 8.25
CA ALA H 104 49.17 -8.70 9.22
C ALA H 104 49.63 -7.32 8.71
N GLU H 105 49.09 -6.86 7.57
CA GLU H 105 49.34 -5.51 7.02
C GLU H 105 50.77 -5.29 6.51
N LEU H 106 51.43 -6.36 6.06
CA LEU H 106 52.69 -6.30 5.32
C LEU H 106 52.43 -6.56 3.85
N ALA H 107 53.23 -5.96 2.99
CA ALA H 107 53.15 -6.12 1.53
C ALA H 107 54.51 -6.45 0.90
N GLU H 108 55.50 -5.64 1.22
CA GLU H 108 56.84 -5.70 0.61
C GLU H 108 57.57 -7.02 0.86
N LEU H 109 57.52 -7.52 2.09
CA LEU H 109 58.12 -8.81 2.41
C LEU H 109 57.36 -10.01 1.82
N PRO H 110 56.01 -10.04 1.92
CA PRO H 110 55.27 -11.15 1.29
C PRO H 110 55.51 -11.31 -0.21
N LEU H 111 55.57 -10.19 -0.92
CA LEU H 111 55.86 -10.16 -2.37
C LEU H 111 57.17 -10.85 -2.69
N ARG H 112 58.20 -10.49 -1.93
CA ARG H 112 59.52 -11.12 -2.06
C ARG H 112 59.50 -12.61 -1.76
N LEU H 113 58.77 -13.00 -0.72
CA LEU H 113 58.61 -14.41 -0.38
C LEU H 113 57.89 -15.21 -1.48
N PHE H 114 56.91 -14.60 -2.14
CA PHE H 114 56.23 -15.24 -3.29
C PHE H 114 57.18 -15.49 -4.44
N LEU H 115 58.01 -14.49 -4.76
CA LEU H 115 58.99 -14.64 -5.83
C LEU H 115 59.97 -15.73 -5.48
N GLN H 116 60.41 -15.76 -4.23
CA GLN H 116 61.29 -16.83 -3.75
C GLN H 116 60.66 -18.19 -3.93
N GLY H 117 59.37 -18.31 -3.61
CA GLY H 117 58.65 -19.57 -3.79
C GLY H 117 58.52 -19.98 -5.23
N ALA H 118 58.12 -19.03 -6.07
CA ALA H 118 57.99 -19.28 -7.50
C ALA H 118 59.30 -19.80 -8.06
N LEU H 119 60.39 -19.12 -7.67
CA LEU H 119 61.76 -19.54 -8.02
C LEU H 119 62.05 -20.96 -7.58
N ALA H 120 61.71 -21.26 -6.32
CA ALA H 120 61.93 -22.60 -5.75
C ALA H 120 61.07 -23.69 -6.41
N ALA H 121 59.77 -23.43 -6.59
CA ALA H 121 58.88 -24.39 -7.23
C ALA H 121 59.36 -24.73 -8.64
N GLY H 122 59.73 -23.71 -9.41
CA GLY H 122 60.30 -23.88 -10.75
C GLY H 122 61.57 -24.71 -10.79
N GLU H 123 62.44 -24.53 -9.82
CA GLU H 123 63.71 -25.27 -9.76
C GLU H 123 63.60 -26.74 -9.35
N ILE H 124 62.54 -27.11 -8.63
CA ILE H 124 62.36 -28.49 -8.17
C ILE H 124 61.81 -29.41 -9.28
N GLY H 125 60.69 -29.03 -9.90
CA GLY H 125 60.10 -29.82 -10.99
C GLY H 125 59.24 -30.98 -10.54
N PHE H 126 58.31 -30.69 -9.62
CA PHE H 126 57.33 -31.66 -9.12
C PHE H 126 56.04 -31.46 -9.89
N GLU H 127 55.16 -32.46 -9.94
CA GLU H 127 53.90 -32.32 -10.69
C GLU H 127 53.09 -31.14 -10.12
N ASN H 128 52.50 -30.33 -11.01
CA ASN H 128 51.85 -29.03 -10.67
C ASN H 128 52.84 -27.91 -10.31
N HIS H 129 54.13 -28.04 -10.64
CA HIS H 129 55.10 -26.97 -10.33
C HIS H 129 54.83 -25.66 -11.07
N GLU H 130 54.40 -25.78 -12.33
CA GLU H 130 54.09 -24.63 -13.17
C GLU H 130 52.88 -23.85 -12.64
N THR H 131 51.89 -24.56 -12.11
CA THR H 131 50.72 -23.95 -11.48
C THR H 131 51.06 -23.22 -10.17
N VAL H 132 51.92 -23.86 -9.37
CA VAL H 132 52.39 -23.27 -8.12
C VAL H 132 53.24 -22.04 -8.43
N ALA H 133 54.19 -22.19 -9.36
CA ALA H 133 54.99 -21.05 -9.83
C ALA H 133 54.11 -19.92 -10.33
N TYR H 134 53.18 -20.24 -11.25
CA TYR H 134 52.25 -19.24 -11.78
C TYR H 134 51.48 -18.53 -10.67
N GLU H 135 50.94 -19.29 -9.71
CA GLU H 135 50.14 -18.71 -8.62
C GLU H 135 50.97 -17.81 -7.72
N PHE H 136 52.17 -18.27 -7.36
CA PHE H 136 53.13 -17.46 -6.60
C PHE H 136 53.51 -16.17 -7.34
N MET H 137 53.88 -16.28 -8.63
CA MET H 137 54.08 -15.12 -9.49
C MET H 137 52.89 -14.18 -9.50
N SER H 138 51.71 -14.72 -9.81
CA SER H 138 50.48 -13.92 -9.87
C SER H 138 50.10 -13.26 -8.56
N GLN H 139 50.38 -13.94 -7.46
CA GLN H 139 50.14 -13.36 -6.13
C GLN H 139 51.08 -12.19 -5.84
N ALA H 140 52.31 -12.30 -6.33
CA ALA H 140 53.31 -11.22 -6.20
C ALA H 140 52.88 -9.98 -6.98
N PHE H 141 52.36 -10.19 -8.18
CA PHE H 141 51.76 -9.10 -8.96
C PHE H 141 50.57 -8.41 -8.29
N SER H 142 49.71 -9.18 -7.61
CA SER H 142 48.57 -8.60 -6.87
C SER H 142 49.01 -7.67 -5.75
N LEU H 143 50.00 -8.09 -4.97
CA LEU H 143 50.61 -7.22 -3.95
C LEU H 143 51.24 -5.97 -4.55
N TYR H 144 51.89 -6.11 -5.71
CA TYR H 144 52.47 -4.97 -6.42
C TYR H 144 51.38 -3.94 -6.76
N GLU H 145 50.37 -4.35 -7.52
CA GLU H 145 49.28 -3.46 -7.97
C GLU H 145 48.56 -2.73 -6.83
N ASP H 146 48.23 -3.46 -5.77
CA ASP H 146 47.32 -2.97 -4.71
C ASP H 146 48.01 -2.24 -3.55
N GLU H 147 49.16 -2.74 -3.09
CA GLU H 147 49.73 -2.35 -1.78
C GLU H 147 50.96 -1.42 -1.79
N ILE H 148 51.85 -1.62 -2.77
CA ILE H 148 53.13 -0.91 -2.80
C ILE H 148 52.92 0.46 -3.43
N SER H 149 52.85 1.50 -2.59
CA SER H 149 52.50 2.87 -3.03
C SER H 149 53.69 3.82 -3.23
N ASP H 150 54.83 3.52 -2.60
CA ASP H 150 56.02 4.34 -2.68
C ASP H 150 56.69 4.10 -4.03
N SER H 151 57.09 5.17 -4.70
CA SER H 151 57.67 5.07 -6.05
C SER H 151 59.01 4.34 -6.07
N LYS H 152 59.85 4.61 -5.07
CA LYS H 152 61.14 3.92 -4.92
C LYS H 152 60.95 2.43 -4.60
N ALA H 153 59.94 2.12 -3.78
CA ALA H 153 59.57 0.73 -3.49
C ALA H 153 59.00 -0.02 -4.70
N GLN H 154 58.32 0.69 -5.60
CA GLN H 154 57.76 0.07 -6.82
C GLN H 154 58.85 -0.35 -7.78
N LEU H 155 59.81 0.54 -8.00
CA LEU H 155 60.98 0.23 -8.83
C LEU H 155 61.73 -0.97 -8.26
N ALA H 156 62.00 -0.95 -6.96
CA ALA H 156 62.63 -2.09 -6.28
C ALA H 156 61.82 -3.38 -6.46
N ALA H 157 60.51 -3.29 -6.30
CA ALA H 157 59.64 -4.46 -6.43
C ALA H 157 59.65 -5.02 -7.85
N ILE H 158 59.54 -4.17 -8.86
CA ILE H 158 59.50 -4.67 -10.25
C ILE H 158 60.82 -5.22 -10.76
N THR H 159 61.96 -4.66 -10.35
CA THR H 159 63.25 -5.19 -10.82
C THR H 159 63.45 -6.61 -10.28
N LEU H 160 63.00 -6.84 -9.04
CA LEU H 160 62.97 -8.17 -8.44
C LEU H 160 62.00 -9.15 -9.11
N ILE H 161 60.81 -8.67 -9.48
CA ILE H 161 59.86 -9.46 -10.26
C ILE H 161 60.50 -9.87 -11.60
N ILE H 162 60.96 -8.87 -12.37
CA ILE H 162 61.57 -9.13 -13.69
C ILE H 162 62.76 -10.07 -13.54
N GLY H 163 63.65 -9.72 -12.60
CA GLY H 163 64.86 -10.49 -12.35
C GLY H 163 64.61 -11.95 -12.01
N THR H 164 63.68 -12.18 -11.09
CA THR H 164 63.29 -13.54 -10.69
C THR H 164 62.68 -14.32 -11.86
N PHE H 165 61.79 -13.65 -12.58
CA PHE H 165 61.13 -14.25 -13.73
C PHE H 165 62.12 -14.60 -14.88
N GLU H 166 63.11 -13.75 -15.11
CA GLU H 166 64.18 -14.05 -16.09
C GLU H 166 64.87 -15.40 -15.85
N ARG H 167 65.14 -15.72 -14.57
CA ARG H 167 65.81 -16.97 -14.20
C ARG H 167 64.98 -18.25 -14.34
N MET H 168 63.67 -18.12 -14.53
CA MET H 168 62.78 -19.29 -14.52
C MET H 168 62.62 -19.92 -15.90
N LYS H 169 62.67 -21.26 -15.91
CA LYS H 169 62.62 -22.06 -17.13
C LYS H 169 61.44 -23.07 -17.15
N CYS H 170 60.48 -22.88 -16.24
CA CYS H 170 59.43 -23.88 -16.00
C CYS H 170 58.16 -23.67 -16.81
N PHE H 171 57.85 -22.40 -17.13
CA PHE H 171 56.62 -22.05 -17.86
C PHE H 171 56.71 -22.45 -19.34
N SER H 172 55.55 -22.66 -19.94
CA SER H 172 55.42 -22.84 -21.39
C SER H 172 55.00 -21.50 -22.01
N GLU H 173 55.14 -21.38 -23.34
CA GLU H 173 54.87 -20.12 -24.04
C GLU H 173 53.50 -19.52 -23.70
N GLU H 174 52.46 -20.34 -23.64
CA GLU H 174 51.10 -19.87 -23.30
C GLU H 174 50.94 -19.36 -21.84
N ASN H 175 51.81 -19.80 -20.92
CA ASN H 175 51.89 -19.23 -19.56
C ASN H 175 52.98 -18.15 -19.40
N HIS H 176 54.06 -18.25 -20.16
CA HIS H 176 55.18 -17.28 -20.13
C HIS H 176 54.78 -15.88 -20.62
N GLU H 177 53.90 -15.85 -21.62
CA GLU H 177 53.49 -14.62 -22.29
C GLU H 177 52.64 -13.64 -21.46
N PRO H 178 51.58 -14.13 -20.77
CA PRO H 178 50.86 -13.21 -19.87
C PRO H 178 51.72 -12.58 -18.77
N LEU H 179 52.63 -13.36 -18.19
CA LEU H 179 53.56 -12.88 -17.15
C LEU H 179 54.54 -11.84 -17.72
N ARG H 180 55.13 -12.19 -18.85
CA ARG H 180 55.97 -11.28 -19.63
C ARG H 180 55.28 -9.95 -19.96
N THR H 181 54.07 -10.01 -20.53
CA THR H 181 53.30 -8.80 -20.86
C THR H 181 52.94 -7.99 -19.61
N GLN H 182 52.71 -8.68 -18.49
CA GLN H 182 52.42 -8.02 -17.21
C GLN H 182 53.64 -7.24 -16.71
N CYS H 183 54.83 -7.85 -16.78
CA CYS H 183 56.11 -7.19 -16.42
C CYS H 183 56.32 -5.92 -17.23
N ALA H 184 56.19 -6.06 -18.54
CA ALA H 184 56.30 -4.93 -19.47
C ALA H 184 55.27 -3.86 -19.15
N LEU H 185 54.03 -4.28 -18.90
CA LEU H 185 52.94 -3.34 -18.53
C LEU H 185 53.26 -2.61 -17.22
N ALA H 186 53.66 -3.36 -16.20
CA ALA H 186 54.06 -2.76 -14.93
C ALA H 186 55.24 -1.82 -15.11
N ALA H 187 56.18 -2.21 -15.97
CA ALA H 187 57.36 -1.39 -16.28
C ALA H 187 56.97 -0.08 -16.95
N SER H 188 56.14 -0.16 -17.99
CA SER H 188 55.68 1.02 -18.73
C SER H 188 54.68 1.89 -17.94
N LYS H 189 53.98 1.29 -16.98
CA LYS H 189 53.05 2.03 -16.10
C LYS H 189 53.73 2.76 -14.93
N LEU H 190 55.03 2.54 -14.69
CA LEU H 190 55.73 3.20 -13.58
C LEU H 190 55.60 4.71 -13.69
N LEU H 191 55.59 5.37 -12.54
CA LEU H 191 55.32 6.80 -12.47
C LEU H 191 56.39 7.63 -13.15
N LYS H 192 57.59 7.61 -12.59
CA LYS H 192 58.70 8.46 -13.06
C LYS H 192 59.18 7.99 -14.43
N LYS H 193 59.48 8.93 -15.33
CA LYS H 193 59.92 8.57 -16.70
C LYS H 193 61.32 7.92 -16.79
N PRO H 194 62.31 8.42 -16.01
CA PRO H 194 63.61 7.72 -16.06
C PRO H 194 63.58 6.31 -15.48
N ASP H 195 62.86 6.11 -14.38
CA ASP H 195 62.65 4.75 -13.81
C ASP H 195 61.79 3.83 -14.72
N GLN H 196 60.80 4.41 -15.40
CA GLN H 196 60.01 3.73 -16.43
C GLN H 196 60.87 3.31 -17.62
N GLY H 197 61.82 4.16 -17.99
CA GLY H 197 62.81 3.86 -19.03
C GLY H 197 63.70 2.68 -18.68
N ARG H 198 64.28 2.69 -17.49
CA ARG H 198 65.16 1.60 -17.06
C ARG H 198 64.43 0.26 -16.91
N ALA H 199 63.22 0.30 -16.34
CA ALA H 199 62.43 -0.91 -16.15
C ALA H 199 62.03 -1.56 -17.47
N VAL H 200 61.69 -0.75 -18.47
CA VAL H 200 61.37 -1.26 -19.81
C VAL H 200 62.61 -1.85 -20.52
N SER H 201 63.77 -1.24 -20.33
CA SER H 201 65.02 -1.78 -20.87
C SER H 201 65.30 -3.15 -20.28
N THR H 202 65.06 -3.27 -18.98
CA THR H 202 65.26 -4.51 -18.24
C THR H 202 64.32 -5.63 -18.66
N CYS H 203 63.11 -5.29 -19.11
CA CYS H 203 62.18 -6.28 -19.68
C CYS H 203 62.74 -6.97 -20.93
N ALA H 204 63.57 -6.27 -21.70
CA ALA H 204 64.18 -6.85 -22.91
C ALA H 204 64.82 -8.22 -22.68
N HIS H 205 65.40 -8.42 -21.50
CA HIS H 205 65.95 -9.73 -21.11
C HIS H 205 64.91 -10.85 -21.03
N LEU H 206 63.67 -10.52 -20.70
CA LEU H 206 62.58 -11.53 -20.67
C LEU H 206 62.28 -12.14 -22.05
N PHE H 207 62.60 -11.41 -23.11
CA PHE H 207 62.35 -11.86 -24.48
C PHE H 207 63.53 -12.62 -25.09
N TRP H 208 64.74 -12.40 -24.56
CA TRP H 208 65.95 -13.02 -25.08
C TRP H 208 66.27 -14.36 -24.40
N SER H 209 66.65 -14.32 -23.11
CA SER H 209 67.06 -15.50 -22.33
C SER H 209 66.04 -15.90 -21.25
N GLY H 210 64.77 -15.54 -21.44
CA GLY H 210 63.66 -15.93 -20.54
C GLY H 210 62.99 -17.18 -21.08
N ARG H 211 63.27 -18.32 -20.45
CA ARG H 211 63.10 -19.63 -21.11
C ARG H 211 61.68 -20.21 -21.02
N ASN H 212 61.27 -20.85 -22.12
CA ASN H 212 60.07 -21.71 -22.16
C ASN H 212 60.39 -23.08 -22.77
N THR H 213 59.41 -23.98 -22.74
CA THR H 213 59.58 -25.35 -23.25
C THR H 213 59.51 -25.40 -24.78
N HIS H 221 65.69 -17.15 -28.02
CA HIS H 221 66.38 -15.97 -28.54
C HIS H 221 65.49 -15.17 -29.49
N GLY H 222 64.58 -14.39 -28.92
CA GLY H 222 63.66 -13.54 -29.67
C GLY H 222 64.18 -12.13 -29.87
N GLY H 223 65.26 -12.03 -30.66
CA GLY H 223 65.96 -10.77 -30.91
C GLY H 223 65.12 -9.59 -31.38
N LYS H 224 64.02 -9.89 -32.08
CA LYS H 224 63.07 -8.87 -32.53
C LYS H 224 62.44 -8.11 -31.36
N ARG H 225 61.93 -8.84 -30.37
CA ARG H 225 61.26 -8.21 -29.23
C ARG H 225 62.22 -7.47 -28.28
N VAL H 226 63.50 -7.83 -28.31
CA VAL H 226 64.53 -7.06 -27.61
C VAL H 226 64.59 -5.62 -28.15
N MET H 227 64.50 -5.48 -29.48
CA MET H 227 64.55 -4.17 -30.14
C MET H 227 63.31 -3.30 -29.86
N GLU H 228 62.13 -3.91 -29.76
CA GLU H 228 60.89 -3.18 -29.43
C GLU H 228 61.00 -2.53 -28.04
N CYS H 229 61.49 -3.30 -27.06
CA CYS H 229 61.67 -2.79 -25.69
C CYS H 229 62.64 -1.64 -25.60
N LEU H 230 63.82 -1.83 -26.19
CA LEU H 230 64.86 -0.80 -26.15
C LEU H 230 64.47 0.46 -26.92
N LYS H 231 63.76 0.31 -28.05
CA LYS H 231 63.14 1.46 -28.73
C LYS H 231 62.20 2.20 -27.80
N LYS H 232 61.28 1.47 -27.18
CA LYS H 232 60.33 2.07 -26.25
C LYS H 232 61.05 2.77 -25.10
N ALA H 233 62.15 2.18 -24.62
CA ALA H 233 62.98 2.81 -23.60
C ALA H 233 63.65 4.09 -24.12
N LEU H 234 64.15 4.06 -25.36
CA LEU H 234 64.68 5.27 -26.03
C LEU H 234 63.61 6.33 -26.22
N LYS H 235 62.46 5.93 -26.74
CA LYS H 235 61.35 6.86 -26.92
C LYS H 235 60.87 7.44 -25.59
N ILE H 236 60.94 6.66 -24.51
CA ILE H 236 60.69 7.18 -23.15
C ILE H 236 61.79 8.18 -22.74
N ALA H 237 63.05 7.89 -23.05
CA ALA H 237 64.16 8.81 -22.72
C ALA H 237 63.96 10.21 -23.30
N ASN H 238 63.32 10.30 -24.46
CA ASN H 238 62.99 11.60 -25.09
C ASN H 238 61.92 12.38 -24.32
N GLN H 239 61.00 11.68 -23.66
CA GLN H 239 60.01 12.32 -22.77
C GLN H 239 60.59 12.88 -21.45
N CYS H 240 61.86 12.61 -21.15
CA CYS H 240 62.53 13.22 -19.97
C CYS H 240 62.91 14.67 -20.23
N MET H 241 62.69 15.53 -19.23
CA MET H 241 62.91 16.98 -19.35
C MET H 241 64.33 17.39 -18.94
N ASP H 242 64.85 16.80 -17.87
CA ASP H 242 66.21 17.11 -17.38
C ASP H 242 67.26 16.61 -18.37
N PRO H 243 68.10 17.52 -18.94
CA PRO H 243 69.10 17.07 -19.92
C PRO H 243 70.12 16.07 -19.40
N SER H 244 70.50 16.19 -18.13
CA SER H 244 71.51 15.33 -17.51
C SER H 244 71.00 13.89 -17.34
N LEU H 245 69.73 13.73 -16.96
CA LEU H 245 69.08 12.40 -16.84
C LEU H 245 68.76 11.75 -18.19
N GLN H 246 68.54 12.56 -19.21
CA GLN H 246 68.28 12.08 -20.58
C GLN H 246 69.52 11.44 -21.23
N VAL H 247 70.67 12.09 -21.11
CA VAL H 247 71.95 11.57 -21.66
C VAL H 247 72.39 10.31 -20.93
N GLN H 248 72.29 10.35 -19.61
CA GLN H 248 72.56 9.21 -18.72
C GLN H 248 71.74 7.98 -19.14
N LEU H 249 70.48 8.22 -19.50
CA LEU H 249 69.57 7.19 -20.06
C LEU H 249 70.05 6.60 -21.39
N PHE H 250 70.45 7.48 -22.30
CA PHE H 250 70.91 7.08 -23.63
C PHE H 250 72.16 6.20 -23.56
N ILE H 251 73.12 6.59 -22.70
CA ILE H 251 74.33 5.79 -22.50
C ILE H 251 73.97 4.44 -21.87
N GLU H 252 73.03 4.44 -20.93
CA GLU H 252 72.51 3.21 -20.32
C GLU H 252 71.85 2.26 -21.33
N ILE H 253 71.03 2.81 -22.22
CA ILE H 253 70.38 2.03 -23.28
C ILE H 253 71.39 1.62 -24.33
N LEU H 254 72.35 2.48 -24.63
CA LEU H 254 73.42 2.16 -25.56
C LEU H 254 74.20 0.92 -25.08
N ASN H 255 74.37 0.78 -23.78
CA ASN H 255 75.05 -0.39 -23.21
C ASN H 255 74.21 -1.67 -23.21
N ARG H 256 72.90 -1.54 -23.06
CA ARG H 256 72.01 -2.69 -23.22
C ARG H 256 72.18 -3.24 -24.63
N TYR H 257 72.00 -2.38 -25.64
CA TYR H 257 72.25 -2.75 -27.03
C TYR H 257 73.58 -3.50 -27.14
N ILE H 258 74.64 -2.91 -26.60
CA ILE H 258 75.97 -3.54 -26.61
C ILE H 258 75.93 -4.93 -25.98
N TYR H 259 75.27 -5.06 -24.82
CA TYR H 259 75.11 -6.35 -24.17
C TYR H 259 74.52 -7.37 -25.15
N PHE H 260 73.42 -7.02 -25.82
CA PHE H 260 72.73 -7.92 -26.76
C PHE H 260 73.49 -8.16 -28.07
N TYR H 261 74.17 -7.13 -28.55
CA TYR H 261 75.07 -7.24 -29.71
C TYR H 261 76.14 -8.32 -29.52
N GLU H 262 76.78 -8.32 -28.35
CA GLU H 262 77.86 -9.26 -28.03
C GLU H 262 77.40 -10.66 -27.53
N LYS H 263 76.09 -10.87 -27.47
CA LYS H 263 75.47 -12.20 -27.36
C LYS H 263 74.90 -12.66 -28.73
N GLU H 264 75.23 -11.92 -29.80
CA GLU H 264 74.80 -12.20 -31.17
C GLU H 264 73.28 -12.19 -31.36
N ASN H 265 72.71 -11.03 -31.03
CA ASN H 265 71.34 -10.69 -31.39
C ASN H 265 71.43 -9.95 -32.74
N ASP H 266 71.41 -10.73 -33.83
CA ASP H 266 71.52 -10.18 -35.19
C ASP H 266 70.60 -8.98 -35.50
N ALA H 267 69.45 -8.90 -34.83
CA ALA H 267 68.55 -7.73 -34.93
C ALA H 267 69.12 -6.44 -34.31
N VAL H 268 70.12 -6.55 -33.44
CA VAL H 268 70.88 -5.38 -32.99
C VAL H 268 72.04 -5.20 -33.95
N THR H 269 71.91 -4.20 -34.81
CA THR H 269 72.92 -3.87 -35.81
C THR H 269 73.73 -2.67 -35.37
N ILE H 270 74.86 -2.45 -36.02
CA ILE H 270 75.70 -1.29 -35.74
C ILE H 270 75.09 0.04 -36.20
N GLN H 271 74.13 0.02 -37.13
CA GLN H 271 73.49 1.26 -37.60
CA GLN H 271 73.50 1.26 -37.60
C GLN H 271 72.71 1.95 -36.48
N VAL H 272 72.00 1.16 -35.66
CA VAL H 272 71.25 1.69 -34.51
C VAL H 272 72.23 2.06 -33.38
N LEU H 273 73.29 1.27 -33.25
CA LEU H 273 74.39 1.56 -32.32
C LEU H 273 75.08 2.90 -32.66
N ASN H 274 75.32 3.14 -33.96
CA ASN H 274 75.94 4.39 -34.43
C ASN H 274 74.99 5.60 -34.38
N GLN H 275 73.69 5.38 -34.60
CA GLN H 275 72.68 6.44 -34.39
C GLN H 275 72.71 6.96 -32.96
N LEU H 276 72.85 6.04 -32.01
CA LEU H 276 72.77 6.37 -30.59
C LEU H 276 74.06 6.99 -30.05
N ILE H 277 75.24 6.52 -30.47
CA ILE H 277 76.50 7.18 -30.05
C ILE H 277 76.52 8.64 -30.51
N GLN H 278 75.99 8.91 -31.70
CA GLN H 278 75.96 10.28 -32.24
C GLN H 278 75.00 11.20 -31.51
N LYS H 279 73.84 10.70 -31.09
CA LYS H 279 72.90 11.50 -30.30
C LYS H 279 73.54 11.90 -28.98
N ILE H 280 74.24 10.97 -28.34
CA ILE H 280 74.96 11.26 -27.10
C ILE H 280 76.08 12.28 -27.34
N ARG H 281 76.78 12.17 -28.48
CA ARG H 281 77.79 13.18 -28.88
C ARG H 281 77.22 14.58 -29.12
N GLU H 282 75.97 14.66 -29.59
CA GLU H 282 75.27 15.95 -29.75
C GLU H 282 74.73 16.52 -28.43
N ASP H 283 74.08 15.69 -27.62
CA ASP H 283 73.42 16.14 -26.37
C ASP H 283 74.37 16.35 -25.19
N LEU H 284 75.55 15.70 -25.20
CA LEU H 284 76.49 15.71 -24.06
C LEU H 284 77.26 17.02 -23.85
N PRO H 285 77.68 17.73 -24.94
CA PRO H 285 78.30 19.04 -24.74
C PRO H 285 77.43 20.11 -24.07
N ASN H 286 76.10 19.99 -24.19
CA ASN H 286 75.17 21.02 -23.67
C ASN H 286 75.02 21.05 -22.15
N LEU H 287 75.52 20.03 -21.43
CA LEU H 287 75.34 19.93 -19.99
C LEU H 287 76.22 20.91 -19.19
N GLU H 288 75.69 21.37 -18.07
CA GLU H 288 76.44 22.19 -17.11
C GLU H 288 77.54 21.38 -16.41
N SER H 289 78.60 22.08 -15.98
CA SER H 289 79.73 21.43 -15.31
C SER H 289 79.40 21.01 -13.88
N SER H 290 79.70 19.76 -13.55
CA SER H 290 79.49 19.21 -12.20
C SER H 290 80.26 17.91 -12.05
N GLU H 291 80.21 17.32 -10.85
CA GLU H 291 80.73 15.98 -10.63
C GLU H 291 79.95 14.94 -11.45
N GLU H 292 78.62 15.12 -11.56
CA GLU H 292 77.78 14.22 -12.38
C GLU H 292 78.22 14.21 -13.84
N THR H 293 78.40 15.40 -14.42
CA THR H 293 78.80 15.54 -15.83
C THR H 293 80.16 14.89 -16.11
N GLU H 294 81.09 14.95 -15.16
CA GLU H 294 82.36 14.23 -15.26
C GLU H 294 82.12 12.71 -15.31
N GLN H 295 81.24 12.24 -14.42
CA GLN H 295 80.91 10.81 -14.34
C GLN H 295 80.10 10.30 -15.53
N ILE H 296 79.18 11.13 -16.05
CA ILE H 296 78.42 10.81 -17.27
C ILE H 296 79.39 10.67 -18.45
N ASN H 297 80.24 11.68 -18.63
CA ASN H 297 81.29 11.63 -19.66
C ASN H 297 82.20 10.42 -19.54
N LYS H 298 82.59 10.10 -18.31
CA LYS H 298 83.49 8.98 -18.04
C LYS H 298 82.82 7.64 -18.38
N HIS H 299 81.54 7.50 -18.03
CA HIS H 299 80.72 6.35 -18.41
C HIS H 299 80.65 6.18 -19.95
N PHE H 300 80.47 7.29 -20.65
CA PHE H 300 80.44 7.27 -22.11
C PHE H 300 81.82 6.96 -22.70
N HIS H 301 82.86 7.53 -22.12
CA HIS H 301 84.24 7.25 -22.54
C HIS H 301 84.56 5.76 -22.37
N ASN H 302 84.24 5.23 -21.20
CA ASN H 302 84.42 3.79 -20.92
C ASN H 302 83.66 2.89 -21.91
N THR H 303 82.47 3.33 -22.33
CA THR H 303 81.65 2.58 -23.28
C THR H 303 82.27 2.58 -24.66
N LEU H 304 82.73 3.74 -25.13
CA LEU H 304 83.45 3.84 -26.41
C LEU H 304 84.74 3.02 -26.42
N GLU H 305 85.51 3.12 -25.33
CA GLU H 305 86.75 2.34 -25.13
C GLU H 305 86.51 0.82 -25.22
N HIS H 306 85.33 0.37 -24.79
CA HIS H 306 84.93 -1.04 -24.87
C HIS H 306 84.63 -1.46 -26.31
N LEU H 307 84.02 -0.58 -27.09
CA LEU H 307 83.73 -0.84 -28.52
C LEU H 307 84.99 -0.87 -29.40
N ARG H 308 86.09 -0.28 -28.94
CA ARG H 308 87.37 -0.36 -29.65
C ARG H 308 88.00 -1.74 -29.54
N LEU H 309 87.95 -2.35 -28.36
CA LEU H 309 88.53 -3.69 -28.13
C LEU H 309 87.77 -4.79 -28.87
N GLU I 2 101.88 -23.65 -0.83
CA GLU I 2 101.86 -22.52 0.15
C GLU I 2 100.44 -22.29 0.69
N GLU I 3 100.09 -23.06 1.72
CA GLU I 3 98.84 -22.87 2.46
C GLU I 3 98.95 -21.69 3.42
N TYR I 4 97.82 -21.26 3.97
CA TYR I 4 97.75 -20.17 4.95
C TYR I 4 96.94 -20.60 6.17
N THR I 5 97.21 -19.98 7.31
CA THR I 5 96.51 -20.30 8.57
C THR I 5 95.16 -19.58 8.65
N PRO I 6 94.15 -20.23 9.25
CA PRO I 6 92.88 -19.55 9.50
C PRO I 6 92.99 -18.57 10.67
N THR I 7 93.51 -17.37 10.38
CA THR I 7 93.61 -16.26 11.35
C THR I 7 93.57 -14.94 10.60
N ILE I 8 93.30 -13.85 11.32
CA ILE I 8 93.23 -12.51 10.73
C ILE I 8 94.29 -11.60 11.39
N PRO I 9 95.30 -11.14 10.61
CA PRO I 9 95.62 -11.49 9.22
C PRO I 9 96.13 -12.93 9.09
N PRO I 10 95.99 -13.55 7.90
CA PRO I 10 96.52 -14.89 7.69
C PRO I 10 97.99 -14.84 7.28
N LYS I 11 98.74 -15.90 7.57
CA LYS I 11 100.14 -16.02 7.15
C LYS I 11 100.53 -17.48 6.85
N ALA I 12 101.48 -17.63 5.93
CA ALA I 12 101.93 -18.94 5.47
C ALA I 12 102.83 -19.64 6.51
N ILE I 13 103.36 -20.83 6.17
CA ILE I 13 104.19 -21.62 7.09
C ILE I 13 105.66 -21.55 6.68
N MET J 1 -29.03 17.11 36.96
CA MET J 1 -29.33 15.89 36.16
C MET J 1 -28.92 15.96 34.68
N LEU J 2 -28.40 17.10 34.22
CA LEU J 2 -28.03 17.29 32.81
C LEU J 2 -26.51 17.26 32.66
N VAL J 3 -25.98 16.11 32.22
CA VAL J 3 -24.52 15.87 32.24
C VAL J 3 -23.89 16.04 30.84
N LEU J 4 -22.90 16.93 30.72
CA LEU J 4 -22.10 17.05 29.49
C LEU J 4 -21.00 16.00 29.49
N VAL J 5 -20.90 15.23 28.41
CA VAL J 5 -19.90 14.15 28.29
C VAL J 5 -19.09 14.35 27.01
N LEU J 6 -17.81 14.67 27.17
CA LEU J 6 -16.90 14.95 26.05
C LEU J 6 -15.44 14.65 26.40
N GLY J 7 -14.56 14.87 25.44
CA GLY J 7 -13.13 14.71 25.65
C GLY J 7 -12.38 14.51 24.35
N ASP J 8 -11.07 14.25 24.47
CA ASP J 8 -10.15 14.12 23.34
C ASP J 8 -10.25 15.36 22.45
N LEU J 9 -10.12 16.51 23.08
CA LEU J 9 -10.17 17.80 22.40
C LEU J 9 -8.86 18.02 21.65
N HIS J 10 -7.75 17.66 22.31
CA HIS J 10 -6.39 17.72 21.76
C HIS J 10 -5.93 19.12 21.34
N ILE J 11 -6.27 20.11 22.17
CA ILE J 11 -5.90 21.50 21.93
C ILE J 11 -4.65 21.81 22.75
N PRO J 12 -3.59 22.36 22.13
CA PRO J 12 -3.38 22.77 20.74
C PRO J 12 -2.74 21.72 19.80
N HIS J 13 -2.48 20.51 20.30
CA HIS J 13 -1.64 19.52 19.58
C HIS J 13 -2.18 19.15 18.21
N ARG J 14 -3.46 18.86 18.16
CA ARG J 14 -4.09 18.42 16.92
C ARG J 14 -5.15 19.38 16.37
N CYS J 15 -5.65 20.27 17.23
CA CYS J 15 -6.67 21.28 16.88
C CYS J 15 -6.38 22.60 17.56
N ASN J 16 -6.98 23.65 17.02
CA ASN J 16 -6.90 24.99 17.62
C ASN J 16 -8.08 25.28 18.54
N SER J 17 -9.25 24.74 18.23
CA SER J 17 -10.44 24.91 19.08
C SER J 17 -11.58 23.99 18.66
N LEU J 18 -12.70 24.11 19.38
CA LEU J 18 -13.95 23.43 19.04
C LEU J 18 -14.55 23.95 17.73
N PRO J 19 -15.46 23.19 17.10
CA PRO J 19 -16.19 23.71 15.94
C PRO J 19 -17.01 24.94 16.32
N ALA J 20 -17.30 25.79 15.33
CA ALA J 20 -18.02 27.04 15.57
C ALA J 20 -19.41 26.82 16.18
N LYS J 21 -20.22 25.98 15.53
CA LYS J 21 -21.53 25.57 16.05
C LYS J 21 -21.48 25.16 17.52
N PHE J 22 -20.66 24.15 17.83
CA PHE J 22 -20.48 23.60 19.19
C PHE J 22 -20.18 24.68 20.25
N LYS J 23 -19.32 25.64 19.92
CA LYS J 23 -18.99 26.75 20.84
C LYS J 23 -20.21 27.55 21.25
N LYS J 24 -21.11 27.80 20.29
CA LYS J 24 -22.31 28.60 20.52
C LYS J 24 -23.37 27.82 21.31
N LEU J 25 -23.48 26.51 21.03
CA LEU J 25 -24.38 25.63 21.78
C LEU J 25 -23.94 25.36 23.23
N LEU J 26 -22.65 25.56 23.54
CA LEU J 26 -22.12 25.34 24.88
C LEU J 26 -21.90 26.65 25.61
N VAL J 27 -22.91 27.07 26.38
CA VAL J 27 -22.86 28.29 27.20
C VAL J 27 -23.27 27.96 28.65
N PRO J 28 -22.84 28.78 29.63
CA PRO J 28 -23.08 28.44 31.04
C PRO J 28 -24.55 28.44 31.45
N GLY J 29 -24.84 27.82 32.60
CA GLY J 29 -26.18 27.85 33.19
C GLY J 29 -27.10 26.68 32.89
N LYS J 30 -26.80 25.90 31.86
CA LYS J 30 -27.61 24.71 31.51
C LYS J 30 -27.08 23.40 32.12
N ILE J 31 -25.76 23.25 32.21
CA ILE J 31 -25.12 21.98 32.53
C ILE J 31 -24.75 21.89 34.02
N GLN J 32 -25.23 20.82 34.66
CA GLN J 32 -25.04 20.58 36.10
C GLN J 32 -23.71 19.86 36.40
N HIS J 33 -23.34 18.92 35.52
CA HIS J 33 -22.09 18.13 35.64
C HIS J 33 -21.38 17.98 34.27
N ILE J 34 -20.05 18.02 34.29
CA ILE J 34 -19.23 17.73 33.10
C ILE J 34 -18.35 16.52 33.41
N LEU J 35 -18.48 15.47 32.60
CA LEU J 35 -17.63 14.30 32.70
C LEU J 35 -16.66 14.33 31.52
N CYS J 36 -15.42 14.72 31.78
CA CYS J 36 -14.41 14.85 30.72
C CYS J 36 -13.47 13.64 30.63
N THR J 37 -13.46 13.06 29.45
CA THR J 37 -12.74 11.84 29.14
C THR J 37 -11.20 12.04 29.14
N GLY J 38 -10.74 13.27 28.90
CA GLY J 38 -9.31 13.61 28.95
C GLY J 38 -8.74 13.99 27.59
N ASN J 39 -7.44 14.26 27.57
CA ASN J 39 -6.71 14.85 26.43
C ASN J 39 -7.28 16.21 26.05
N LEU J 40 -7.01 17.17 26.92
CA LEU J 40 -7.44 18.56 26.79
C LEU J 40 -6.71 19.39 25.72
N CYS J 41 -5.38 19.48 25.72
CA CYS J 41 -4.44 18.86 26.67
C CYS J 41 -3.80 19.85 27.63
N THR J 42 -4.35 21.05 27.70
CA THR J 42 -3.67 22.19 28.31
C THR J 42 -4.65 22.94 29.20
N LYS J 43 -4.14 23.91 29.97
CA LYS J 43 -4.96 24.61 30.96
C LYS J 43 -5.99 25.59 30.35
N GLU J 44 -5.73 26.05 29.11
CA GLU J 44 -6.74 26.75 28.30
C GLU J 44 -8.08 26.01 28.39
N SER J 45 -8.09 24.77 27.91
CA SER J 45 -9.32 23.99 27.82
C SER J 45 -9.92 23.56 29.18
N TYR J 46 -9.09 23.49 30.22
CA TYR J 46 -9.59 23.25 31.58
C TYR J 46 -10.40 24.44 32.10
N ASP J 47 -9.90 25.65 31.87
CA ASP J 47 -10.58 26.89 32.30
C ASP J 47 -11.87 27.12 31.51
N TYR J 48 -11.86 26.80 30.22
CA TYR J 48 -13.08 26.86 29.40
C TYR J 48 -14.18 25.89 29.88
N LEU J 49 -13.80 24.68 30.27
CA LEU J 49 -14.75 23.72 30.85
C LEU J 49 -15.26 24.19 32.21
N LYS J 50 -14.43 24.95 32.94
CA LYS J 50 -14.84 25.59 34.21
C LYS J 50 -15.98 26.61 33.98
N THR J 51 -15.92 27.34 32.87
CA THR J 51 -17.01 28.24 32.44
C THR J 51 -18.37 27.52 32.38
N LEU J 52 -18.38 26.36 31.73
CA LEU J 52 -19.63 25.68 31.38
C LEU J 52 -20.35 25.00 32.56
N ALA J 53 -19.64 24.74 33.65
CA ALA J 53 -20.26 24.18 34.86
C ALA J 53 -19.33 24.26 36.07
N GLY J 54 -19.92 24.26 37.25
CA GLY J 54 -19.17 24.31 38.50
C GLY J 54 -18.48 23.00 38.83
N ASP J 55 -19.22 21.91 38.64
CA ASP J 55 -18.77 20.56 39.02
C ASP J 55 -18.21 19.78 37.79
N VAL J 56 -16.89 19.82 37.62
CA VAL J 56 -16.18 19.23 36.47
C VAL J 56 -15.33 18.04 36.91
N HIS J 57 -15.52 16.90 36.25
CA HIS J 57 -14.77 15.69 36.51
C HIS J 57 -13.94 15.29 35.27
N ILE J 58 -12.62 15.26 35.42
CA ILE J 58 -11.68 15.02 34.34
C ILE J 58 -10.81 13.84 34.68
N VAL J 59 -10.51 12.99 33.69
CA VAL J 59 -9.50 11.94 33.88
C VAL J 59 -8.35 12.15 32.93
N ARG J 60 -7.22 11.53 33.24
CA ARG J 60 -5.96 11.79 32.58
C ARG J 60 -5.85 11.03 31.24
N GLY J 61 -5.58 11.79 30.17
CA GLY J 61 -5.25 11.24 28.88
C GLY J 61 -3.76 10.99 28.69
N ASP J 62 -3.42 10.28 27.61
CA ASP J 62 -2.02 10.00 27.26
C ASP J 62 -1.21 11.26 26.98
N PHE J 63 -1.84 12.31 26.46
CA PHE J 63 -1.16 13.59 26.23
C PHE J 63 -1.49 14.72 27.22
N ASP J 64 -2.13 14.40 28.34
CA ASP J 64 -2.41 15.40 29.38
C ASP J 64 -1.15 15.59 30.20
N GLU J 65 -0.64 16.83 30.17
CA GLU J 65 0.59 17.21 30.86
C GLU J 65 0.35 17.24 32.38
N ASN J 66 -0.81 17.75 32.79
CA ASN J 66 -1.18 17.80 34.21
C ASN J 66 -1.31 16.40 34.82
N LEU J 67 -0.31 16.02 35.61
CA LEU J 67 -0.29 14.73 36.31
C LEU J 67 -1.29 14.66 37.48
N ASN J 68 -1.83 15.80 37.89
CA ASN J 68 -2.78 15.86 39.02
C ASN J 68 -4.15 15.19 38.73
N TYR J 69 -4.53 15.09 37.45
CA TYR J 69 -5.77 14.42 37.06
C TYR J 69 -5.67 12.93 37.43
N PRO J 70 -6.75 12.36 37.99
CA PRO J 70 -6.71 10.95 38.35
C PRO J 70 -6.86 10.05 37.11
N GLU J 71 -6.28 8.86 37.20
CA GLU J 71 -6.30 7.89 36.09
C GLU J 71 -7.74 7.44 35.80
N GLN J 72 -8.46 7.07 36.85
CA GLN J 72 -9.84 6.61 36.76
C GLN J 72 -10.69 7.36 37.77
N LYS J 73 -11.99 7.33 37.57
CA LYS J 73 -12.92 7.98 38.48
C LYS J 73 -14.26 7.28 38.43
N VAL J 74 -14.93 7.31 39.59
CA VAL J 74 -16.30 6.82 39.74
C VAL J 74 -17.11 7.89 40.44
N VAL J 75 -17.97 8.58 39.70
CA VAL J 75 -18.91 9.53 40.27
C VAL J 75 -20.31 8.91 40.30
N THR J 76 -21.08 9.27 41.33
CA THR J 76 -22.51 8.95 41.38
C THR J 76 -23.30 10.21 41.02
N VAL J 77 -24.28 10.06 40.13
CA VAL J 77 -25.17 11.16 39.73
C VAL J 77 -26.59 10.58 39.69
N GLY J 78 -27.37 10.87 40.73
CA GLY J 78 -28.66 10.24 40.94
C GLY J 78 -28.45 8.80 41.36
N GLN J 79 -29.27 7.90 40.82
CA GLN J 79 -29.12 6.47 41.07
C GLN J 79 -27.92 5.87 40.30
N PHE J 80 -27.42 6.58 39.30
CA PHE J 80 -26.39 6.06 38.40
C PHE J 80 -24.96 6.17 38.92
N LYS J 81 -24.36 5.01 39.19
CA LYS J 81 -22.93 4.89 39.48
C LYS J 81 -22.22 4.89 38.12
N ILE J 82 -21.40 5.92 37.85
CA ILE J 82 -20.78 6.12 36.51
C ILE J 82 -19.24 6.09 36.53
N GLY J 83 -18.66 5.16 35.77
CA GLY J 83 -17.20 5.01 35.62
C GLY J 83 -16.65 5.86 34.49
N LEU J 84 -15.49 6.46 34.72
CA LEU J 84 -14.87 7.38 33.78
C LEU J 84 -13.37 7.12 33.67
N ILE J 85 -12.91 6.73 32.49
CA ILE J 85 -11.49 6.48 32.20
C ILE J 85 -11.20 6.98 30.80
N HIS J 86 -9.94 7.33 30.48
CA HIS J 86 -9.66 7.85 29.15
C HIS J 86 -9.68 6.75 28.09
N GLY J 87 -9.15 5.57 28.41
CA GLY J 87 -9.30 4.40 27.53
C GLY J 87 -8.06 3.85 26.85
N HIS J 88 -6.98 4.64 26.85
CA HIS J 88 -5.66 4.18 26.41
C HIS J 88 -5.11 3.01 27.23
N GLN J 89 -5.57 2.88 28.48
CA GLN J 89 -5.20 1.78 29.37
C GLN J 89 -5.99 0.51 29.03
N VAL J 90 -7.12 0.68 28.36
CA VAL J 90 -8.00 -0.42 28.04
C VAL J 90 -7.48 -1.05 26.75
N ILE J 91 -6.84 -2.20 26.88
CA ILE J 91 -6.16 -2.86 25.77
C ILE J 91 -6.83 -4.19 25.50
N PRO J 92 -7.15 -4.48 24.22
CA PRO J 92 -6.99 -3.63 23.03
C PRO J 92 -7.87 -2.38 23.07
N TRP J 93 -7.40 -1.31 22.43
CA TRP J 93 -8.15 -0.06 22.41
C TRP J 93 -9.52 -0.22 21.76
N GLY J 94 -10.57 0.18 22.49
CA GLY J 94 -11.94 0.14 21.99
C GLY J 94 -12.65 -1.21 22.07
N ASP J 95 -11.96 -2.25 22.53
CA ASP J 95 -12.48 -3.62 22.55
C ASP J 95 -13.57 -3.77 23.61
N MET J 96 -14.73 -4.30 23.22
CA MET J 96 -15.89 -4.42 24.10
C MET J 96 -15.63 -5.33 25.29
N ALA J 97 -15.04 -6.50 25.06
CA ALA J 97 -14.71 -7.43 26.14
C ALA J 97 -13.79 -6.81 27.22
N SER J 98 -12.83 -6.00 26.80
CA SER J 98 -11.91 -5.30 27.72
C SER J 98 -12.63 -4.23 28.54
N LEU J 99 -13.52 -3.48 27.89
CA LEU J 99 -14.37 -2.50 28.57
C LEU J 99 -15.32 -3.17 29.56
N ALA J 100 -15.93 -4.27 29.15
CA ALA J 100 -16.84 -5.01 30.02
C ALA J 100 -16.12 -5.49 31.26
N LEU J 101 -14.89 -5.98 31.09
CA LEU J 101 -14.03 -6.41 32.18
C LEU J 101 -13.75 -5.27 33.18
N LEU J 102 -13.58 -4.07 32.65
CA LEU J 102 -13.39 -2.87 33.45
C LEU J 102 -14.69 -2.43 34.16
N GLN J 103 -15.82 -2.59 33.48
CA GLN J 103 -17.12 -2.32 34.08
C GLN J 103 -17.32 -3.16 35.33
N ARG J 104 -16.93 -4.44 35.28
CA ARG J 104 -17.04 -5.33 36.44
C ARG J 104 -16.20 -4.88 37.62
N GLN J 105 -14.99 -4.43 37.32
CA GLN J 105 -14.03 -4.02 38.33
C GLN J 105 -14.48 -2.76 39.03
N PHE J 106 -14.92 -1.77 38.26
CA PHE J 106 -15.46 -0.51 38.79
C PHE J 106 -16.86 -0.67 39.36
N ASP J 107 -17.62 -1.60 38.80
CA ASP J 107 -19.00 -1.87 39.20
C ASP J 107 -19.85 -0.60 39.03
N VAL J 108 -20.13 -0.28 37.78
CA VAL J 108 -20.83 0.95 37.41
C VAL J 108 -21.96 0.61 36.46
N ASP J 109 -22.95 1.49 36.41
CA ASP J 109 -24.12 1.30 35.53
C ASP J 109 -23.83 1.82 34.14
N ILE J 110 -23.07 2.92 34.08
CA ILE J 110 -22.55 3.46 32.84
C ILE J 110 -21.01 3.60 32.93
N LEU J 111 -20.32 3.23 31.86
CA LEU J 111 -18.87 3.36 31.78
C LEU J 111 -18.57 4.27 30.61
N ILE J 112 -18.02 5.43 30.91
CA ILE J 112 -17.65 6.42 29.91
C ILE J 112 -16.16 6.30 29.60
N SER J 113 -15.83 6.07 28.33
CA SER J 113 -14.42 6.04 27.91
C SER J 113 -14.23 6.76 26.57
N GLY J 114 -12.97 6.93 26.18
CA GLY J 114 -12.63 7.72 25.00
C GLY J 114 -11.54 7.05 24.18
N HIS J 115 -10.56 7.87 23.77
CA HIS J 115 -9.36 7.44 23.03
C HIS J 115 -9.50 7.05 21.55
N THR J 116 -10.61 6.42 21.18
CA THR J 116 -10.87 6.03 19.79
C THR J 116 -11.19 7.22 18.88
N HIS J 117 -11.69 8.31 19.46
CA HIS J 117 -12.22 9.48 18.71
C HIS J 117 -13.45 9.07 17.88
N LYS J 118 -14.12 7.99 18.28
CA LYS J 118 -15.26 7.43 17.55
C LYS J 118 -16.38 7.34 18.55
N PHE J 119 -17.37 8.23 18.40
CA PHE J 119 -18.59 8.18 19.18
C PHE J 119 -19.21 6.78 19.24
N GLU J 120 -19.62 6.35 20.43
CA GLU J 120 -20.42 5.14 20.57
C GLU J 120 -21.27 5.18 21.84
N ALA J 121 -22.33 4.38 21.82
CA ALA J 121 -23.32 4.33 22.90
C ALA J 121 -24.07 3.01 22.76
N PHE J 122 -23.90 2.09 23.70
CA PHE J 122 -24.58 0.81 23.62
C PHE J 122 -24.75 0.12 24.97
N GLU J 123 -25.79 -0.71 25.02
CA GLU J 123 -26.07 -1.56 26.15
C GLU J 123 -25.53 -2.96 25.85
N HIS J 124 -24.84 -3.54 26.82
CA HIS J 124 -24.29 -4.90 26.72
C HIS J 124 -24.34 -5.51 28.12
N GLU J 125 -24.87 -6.74 28.21
CA GLU J 125 -25.10 -7.44 29.49
C GLU J 125 -25.70 -6.52 30.56
N ASN J 126 -26.81 -5.85 30.21
CA ASN J 126 -27.58 -5.00 31.12
C ASN J 126 -26.89 -3.70 31.60
N LYS J 127 -25.67 -3.44 31.14
CA LYS J 127 -24.93 -2.23 31.48
C LYS J 127 -24.73 -1.38 30.23
N PHE J 128 -24.51 -0.09 30.44
CA PHE J 128 -24.44 0.88 29.35
C PHE J 128 -23.01 1.43 29.17
N TYR J 129 -22.59 1.67 27.93
CA TYR J 129 -21.22 2.12 27.61
C TYR J 129 -21.27 3.30 26.66
N ILE J 130 -20.66 4.42 27.04
CA ILE J 130 -20.61 5.64 26.22
C ILE J 130 -19.16 6.02 25.87
N ASN J 131 -18.93 6.29 24.56
CA ASN J 131 -17.76 7.00 24.07
C ASN J 131 -18.27 8.28 23.41
N PRO J 132 -17.97 9.46 23.96
CA PRO J 132 -18.48 10.70 23.36
C PRO J 132 -17.77 11.13 22.06
N GLY J 133 -16.68 10.44 21.71
CA GLY J 133 -15.84 10.84 20.59
C GLY J 133 -14.99 12.03 20.96
N SER J 134 -14.37 12.63 19.96
CA SER J 134 -13.59 13.86 20.12
C SER J 134 -14.48 15.05 19.79
N ALA J 135 -14.57 15.99 20.73
CA ALA J 135 -15.39 17.19 20.54
C ALA J 135 -14.86 18.13 19.46
N THR J 136 -13.57 18.04 19.15
CA THR J 136 -12.95 18.83 18.09
C THR J 136 -12.78 18.06 16.80
N GLY J 137 -13.19 16.79 16.78
CA GLY J 137 -12.90 15.90 15.66
C GLY J 137 -11.41 15.74 15.40
N ALA J 138 -10.63 15.57 16.46
CA ALA J 138 -9.17 15.62 16.36
C ALA J 138 -8.63 14.43 15.62
N TYR J 139 -7.51 14.64 14.94
CA TYR J 139 -6.69 13.60 14.32
C TYR J 139 -6.53 12.35 15.19
N ASN J 140 -6.70 11.18 14.57
CA ASN J 140 -6.38 9.90 15.19
C ASN J 140 -5.85 8.99 14.08
N ALA J 141 -4.67 8.40 14.32
CA ALA J 141 -4.01 7.55 13.31
C ALA J 141 -4.86 6.37 12.82
N LEU J 142 -5.76 5.85 13.67
CA LEU J 142 -6.52 4.63 13.39
C LEU J 142 -7.90 4.84 12.77
N GLU J 143 -8.30 6.10 12.55
CA GLU J 143 -9.61 6.42 11.99
C GLU J 143 -9.49 7.70 11.14
N THR J 144 -9.63 7.56 9.83
CA THR J 144 -9.28 8.64 8.90
C THR J 144 -10.30 9.78 8.88
N ASN J 145 -11.59 9.44 8.87
CA ASN J 145 -12.64 10.47 8.90
C ASN J 145 -13.32 10.50 10.26
N ILE J 146 -13.09 11.60 10.96
CA ILE J 146 -13.50 11.77 12.33
C ILE J 146 -14.59 12.83 12.36
N ILE J 147 -15.64 12.53 13.12
CA ILE J 147 -16.82 13.37 13.18
C ILE J 147 -16.79 14.06 14.53
N PRO J 148 -16.58 15.40 14.56
CA PRO J 148 -16.65 16.13 15.84
C PRO J 148 -17.93 15.79 16.57
N SER J 149 -17.82 15.30 17.80
CA SER J 149 -18.98 14.81 18.51
C SER J 149 -18.86 14.94 20.02
N PHE J 150 -19.99 15.15 20.68
CA PHE J 150 -20.08 15.10 22.14
C PHE J 150 -21.43 14.55 22.60
N VAL J 151 -21.53 14.27 23.89
CA VAL J 151 -22.71 13.64 24.46
C VAL J 151 -23.32 14.51 25.55
N LEU J 152 -24.64 14.42 25.67
CA LEU J 152 -25.39 15.04 26.74
C LEU J 152 -26.28 13.95 27.34
N MET J 153 -26.36 13.93 28.67
CA MET J 153 -27.16 12.92 29.39
C MET J 153 -28.26 13.60 30.18
N ASP J 154 -29.44 13.00 30.16
CA ASP J 154 -30.59 13.41 31.00
C ASP J 154 -30.93 12.25 31.93
N ILE J 155 -30.72 12.45 33.23
CA ILE J 155 -30.78 11.41 34.26
C ILE J 155 -31.98 11.63 35.20
N GLN J 156 -32.97 10.74 35.20
CA GLN J 156 -34.08 10.82 36.16
C GLN J 156 -34.38 9.48 36.82
N ALA J 157 -34.30 9.46 38.15
CA ALA J 157 -34.53 8.26 38.97
C ALA J 157 -33.66 7.11 38.42
N SER J 158 -34.25 5.98 38.00
CA SER J 158 -33.50 4.84 37.45
C SER J 158 -33.55 4.78 35.91
N THR J 159 -33.46 5.94 35.25
CA THR J 159 -33.52 6.04 33.77
C THR J 159 -32.65 7.17 33.24
N VAL J 160 -31.92 6.90 32.16
CA VAL J 160 -31.04 7.87 31.52
C VAL J 160 -31.30 7.92 30.02
N VAL J 161 -31.48 9.14 29.50
CA VAL J 161 -31.64 9.38 28.08
C VAL J 161 -30.43 10.20 27.61
N THR J 162 -29.64 9.62 26.73
CA THR J 162 -28.42 10.25 26.23
C THR J 162 -28.61 10.79 24.82
N TYR J 163 -28.22 12.06 24.61
CA TYR J 163 -28.24 12.70 23.29
C TYR J 163 -26.82 12.85 22.76
N VAL J 164 -26.61 12.58 21.47
CA VAL J 164 -25.27 12.62 20.87
C VAL J 164 -25.25 13.72 19.81
N TYR J 165 -24.44 14.73 20.04
CA TYR J 165 -24.28 15.86 19.11
C TYR J 165 -23.13 15.55 18.16
N GLN J 166 -23.40 15.49 16.86
CA GLN J 166 -22.39 15.28 15.84
C GLN J 166 -22.41 16.41 14.83
N LEU J 167 -21.24 16.87 14.39
CA LEU J 167 -21.11 17.84 13.29
C LEU J 167 -20.90 17.10 11.97
N ILE J 168 -22.00 16.58 11.41
CA ILE J 168 -21.97 15.89 10.11
C ILE J 168 -22.02 16.96 9.02
N GLY J 169 -20.92 17.12 8.30
CA GLY J 169 -20.79 18.16 7.28
C GLY J 169 -20.67 19.53 7.93
N ASP J 170 -21.70 20.36 7.75
CA ASP J 170 -21.73 21.72 8.30
C ASP J 170 -22.78 21.96 9.39
N ASP J 171 -23.74 21.03 9.55
CA ASP J 171 -24.80 21.20 10.55
C ASP J 171 -24.86 20.05 11.57
N VAL J 172 -25.34 20.40 12.76
CA VAL J 172 -25.38 19.49 13.90
C VAL J 172 -26.48 18.46 13.66
N LYS J 173 -26.34 17.27 14.23
CA LYS J 173 -27.33 16.20 14.09
C LYS J 173 -27.43 15.39 15.37
N VAL J 174 -28.58 15.52 16.05
CA VAL J 174 -28.81 14.83 17.32
C VAL J 174 -29.49 13.47 17.10
N GLU J 175 -29.11 12.52 17.94
CA GLU J 175 -29.69 11.17 17.96
C GLU J 175 -29.80 10.85 19.44
N ARG J 176 -30.71 9.96 19.82
CA ARG J 176 -30.91 9.64 21.24
C ARG J 176 -30.97 8.15 21.54
N ILE J 177 -30.33 7.75 22.64
CA ILE J 177 -30.30 6.37 23.10
C ILE J 177 -31.00 6.31 24.45
N GLU J 178 -31.66 5.18 24.70
CA GLU J 178 -32.44 4.96 25.93
C GLU J 178 -31.76 3.87 26.75
N TYR J 179 -31.78 4.02 28.07
CA TYR J 179 -31.23 3.00 28.99
C TYR J 179 -31.81 3.14 30.40
N LYS J 180 -32.11 2.00 31.02
CA LYS J 180 -32.44 1.94 32.45
C LYS J 180 -31.88 0.66 33.09
N LYS J 181 -31.74 0.72 34.41
CA LYS J 181 -31.17 -0.38 35.20
C LYS J 181 -32.09 -1.60 35.24
N PRO J 182 -31.53 -2.81 35.47
CA PRO J 182 -32.34 -4.03 35.50
C PRO J 182 -33.25 -4.13 36.73
N ALA K 15 1.95 34.23 21.23
CA ALA K 15 1.45 35.45 20.54
C ALA K 15 2.60 36.26 19.92
N ASP K 16 3.60 36.57 20.74
CA ASP K 16 4.87 37.16 20.28
C ASP K 16 5.86 36.10 19.73
N GLU K 17 5.54 34.81 19.91
CA GLU K 17 6.24 33.73 19.21
C GLU K 17 6.01 33.85 17.70
N GLN K 18 7.10 33.88 16.95
CA GLN K 18 7.07 34.18 15.52
C GLN K 18 6.95 32.93 14.62
N SER K 19 6.95 31.74 15.23
CA SER K 19 6.78 30.46 14.51
C SER K 19 5.88 29.51 15.31
N LEU K 20 4.58 29.80 15.27
CA LEU K 20 3.54 28.83 15.59
C LEU K 20 3.13 28.17 14.27
N VAL K 21 4.04 27.36 13.73
CA VAL K 21 3.87 26.77 12.41
C VAL K 21 2.78 25.71 12.43
N GLY K 22 2.66 24.97 13.54
CA GLY K 22 1.63 23.94 13.69
C GLY K 22 0.23 24.53 13.65
N ARG K 23 0.01 25.57 14.47
CA ARG K 23 -1.25 26.31 14.52
C ARG K 23 -1.61 26.88 13.15
N PHE K 24 -0.59 27.34 12.43
CA PHE K 24 -0.74 27.91 11.11
C PHE K 24 -1.19 26.83 10.12
N ILE K 25 -0.47 25.72 10.10
CA ILE K 25 -0.87 24.57 9.28
C ILE K 25 -2.25 24.01 9.67
N HIS K 26 -2.60 23.96 10.96
CA HIS K 26 -3.94 23.52 11.37
C HIS K 26 -5.02 24.47 10.81
N LEU K 27 -4.75 25.76 10.84
CA LEU K 27 -5.66 26.74 10.25
C LEU K 27 -5.82 26.55 8.74
N LEU K 28 -4.76 26.09 8.07
CA LEU K 28 -4.77 25.83 6.63
C LEU K 28 -4.90 24.34 6.25
N ARG K 29 -5.75 23.59 6.96
CA ARG K 29 -6.03 22.16 6.64
C ARG K 29 -6.67 21.97 5.27
N SER K 30 -7.64 22.83 4.93
CA SER K 30 -8.35 22.78 3.65
C SER K 30 -7.46 23.05 2.44
N GLU K 31 -6.33 23.73 2.67
CA GLU K 31 -5.28 23.93 1.66
C GLU K 31 -4.76 22.57 1.17
N ASP K 32 -4.36 22.49 -0.09
CA ASP K 32 -3.91 21.19 -0.62
C ASP K 32 -2.50 20.82 -0.05
N PRO K 33 -2.15 19.51 -0.02
CA PRO K 33 -0.92 18.99 0.63
C PRO K 33 0.40 19.73 0.35
N ASP K 34 0.69 20.02 -0.91
CA ASP K 34 1.98 20.65 -1.29
C ASP K 34 2.14 22.01 -0.66
N GLN K 35 1.04 22.74 -0.54
CA GLN K 35 1.06 24.05 0.12
C GLN K 35 1.41 23.89 1.59
N GLN K 36 0.80 22.91 2.25
CA GLN K 36 1.07 22.62 3.67
C GLN K 36 2.51 22.14 3.87
N TYR K 37 2.96 21.26 2.97
CA TYR K 37 4.32 20.73 2.99
C TYR K 37 5.38 21.82 2.94
N LEU K 38 5.17 22.77 2.02
CA LEU K 38 6.00 23.98 1.91
C LEU K 38 6.11 24.76 3.23
N ILE K 39 4.97 24.99 3.90
CA ILE K 39 4.95 25.74 5.17
C ILE K 39 5.64 24.95 6.28
N LEU K 40 5.33 23.66 6.35
CA LEU K 40 5.95 22.72 7.29
C LEU K 40 7.47 22.79 7.23
N ASN K 41 8.02 22.92 6.01
CA ASN K 41 9.47 23.01 5.80
C ASN K 41 10.12 24.28 6.38
N THR K 42 9.39 25.41 6.43
CA THR K 42 9.92 26.66 7.01
C THR K 42 10.20 26.60 8.53
N ALA K 43 9.59 25.64 9.23
CA ALA K 43 9.90 25.44 10.65
C ALA K 43 11.30 24.86 10.77
N ARG K 44 12.26 25.71 11.13
CA ARG K 44 13.68 25.32 11.26
C ARG K 44 14.43 25.81 12.52
N LYS K 45 13.81 26.67 13.35
CA LYS K 45 14.49 27.27 14.51
C LYS K 45 14.73 26.27 15.66
N HIS K 46 13.81 25.31 15.79
CA HIS K 46 13.98 24.18 16.73
C HIS K 46 15.18 23.26 16.41
N PHE K 47 15.58 23.18 15.14
CA PHE K 47 16.83 22.52 14.76
C PHE K 47 17.99 23.44 15.11
N GLY K 51 12.65 31.56 21.65
CA GLY K 51 12.97 30.47 20.74
C GLY K 51 12.79 29.12 21.40
N ASN K 52 13.90 28.52 21.85
CA ASN K 52 13.94 27.15 22.40
C ASN K 52 13.63 27.02 23.91
N GLN K 53 13.10 28.09 24.52
CA GLN K 53 12.71 28.06 25.94
C GLN K 53 11.35 27.38 26.20
N ARG K 54 10.56 27.16 25.15
CA ARG K 54 9.19 26.61 25.27
C ARG K 54 8.81 25.68 24.09
N ILE K 55 9.74 24.81 23.71
CA ILE K 55 9.48 23.84 22.64
C ILE K 55 8.45 22.75 23.00
N ARG K 56 8.26 22.47 24.30
CA ARG K 56 7.28 21.45 24.72
C ARG K 56 5.83 21.77 24.35
N PHE K 57 5.50 23.06 24.23
CA PHE K 57 4.18 23.50 23.79
C PHE K 57 4.07 23.72 22.28
N THR K 58 5.21 24.08 21.65
CA THR K 58 5.23 24.54 20.27
C THR K 58 5.49 23.44 19.24
N LEU K 59 6.26 22.41 19.60
CA LEU K 59 6.65 21.35 18.66
C LEU K 59 5.64 20.21 18.48
N PRO K 60 4.93 19.80 19.54
CA PRO K 60 3.97 18.71 19.30
C PRO K 60 2.90 19.00 18.25
N PRO K 61 2.37 20.24 18.19
CA PRO K 61 1.47 20.59 17.06
C PRO K 61 2.11 20.49 15.67
N LEU K 62 3.41 20.76 15.58
CA LEU K 62 4.15 20.51 14.34
C LEU K 62 4.12 19.05 13.95
N VAL K 63 4.38 18.21 14.95
CA VAL K 63 4.55 16.78 14.76
C VAL K 63 3.23 16.18 14.31
N PHE K 64 2.15 16.52 15.00
CA PHE K 64 0.80 16.08 14.58
C PHE K 64 0.33 16.72 13.27
N ALA K 65 0.78 17.93 12.97
CA ALA K 65 0.52 18.51 11.66
C ALA K 65 1.19 17.67 10.59
N ALA K 66 2.43 17.29 10.83
CA ALA K 66 3.20 16.42 9.93
C ALA K 66 2.56 15.04 9.71
N TYR K 67 2.08 14.38 10.76
CA TYR K 67 1.43 13.08 10.59
C TYR K 67 0.09 13.22 9.84
N GLN K 68 -0.70 14.25 10.16
CA GLN K 68 -1.93 14.60 9.41
C GLN K 68 -1.64 14.82 7.92
N LEU K 69 -0.58 15.57 7.65
CA LEU K 69 -0.19 15.88 6.27
C LEU K 69 0.16 14.62 5.48
N ALA K 70 0.83 13.68 6.12
CA ALA K 70 1.19 12.40 5.51
C ALA K 70 -0.03 11.59 5.07
N PHE K 71 -1.04 11.52 5.93
CA PHE K 71 -2.33 10.87 5.58
C PHE K 71 -3.02 11.55 4.40
N ARG K 72 -2.94 12.87 4.37
CA ARG K 72 -3.55 13.69 3.33
C ARG K 72 -2.82 13.48 1.97
N TYR K 73 -1.53 13.16 2.01
CA TYR K 73 -0.82 12.65 0.83
C TYR K 73 -1.26 11.23 0.41
N LYS K 74 -1.56 10.36 1.36
CA LYS K 74 -2.13 9.05 1.03
C LYS K 74 -3.50 9.16 0.34
N GLU K 75 -4.31 10.11 0.79
CA GLU K 75 -5.61 10.42 0.19
C GLU K 75 -5.49 10.78 -1.31
N ASN K 76 -4.38 11.43 -1.68
CA ASN K 76 -4.01 11.71 -3.08
C ASN K 76 -3.08 10.63 -3.67
N SER K 77 -3.37 9.35 -3.42
CA SER K 77 -2.56 8.25 -3.95
C SER K 77 -2.66 8.09 -5.49
N LYS K 78 -3.78 8.53 -6.07
CA LYS K 78 -4.04 8.42 -7.51
C LYS K 78 -3.51 9.63 -8.30
N VAL K 79 -3.45 10.80 -7.67
CA VAL K 79 -3.09 12.06 -8.35
C VAL K 79 -1.60 12.42 -8.22
N ASP K 80 -0.96 12.07 -7.09
CA ASP K 80 0.45 12.41 -6.85
C ASP K 80 1.32 11.15 -6.98
N ASP K 81 2.28 11.20 -7.90
CA ASP K 81 3.24 10.11 -8.14
C ASP K 81 4.27 9.99 -7.04
N LYS K 82 4.62 11.14 -6.44
CA LYS K 82 5.66 11.21 -5.39
C LYS K 82 5.10 11.26 -3.96
N TRP K 83 3.85 10.86 -3.75
CA TRP K 83 3.24 10.83 -2.41
C TRP K 83 4.07 10.03 -1.39
N GLU K 84 4.67 8.92 -1.82
CA GLU K 84 5.45 8.06 -0.93
C GLU K 84 6.76 8.75 -0.52
N LYS K 85 7.46 9.35 -1.48
CA LYS K 85 8.63 10.21 -1.23
C LYS K 85 8.37 11.32 -0.21
N LYS K 86 7.21 11.96 -0.38
CA LYS K 86 6.81 13.04 0.48
C LYS K 86 6.60 12.56 1.91
N CYS K 87 5.99 11.40 2.08
CA CYS K 87 5.80 10.82 3.42
C CYS K 87 7.12 10.51 4.10
N GLN K 88 8.02 9.85 3.39
CA GLN K 88 9.37 9.56 3.90
C GLN K 88 10.06 10.83 4.45
N LYS K 89 9.97 11.92 3.70
CA LYS K 89 10.52 13.20 4.13
C LYS K 89 9.75 13.81 5.31
N ILE K 90 8.44 13.63 5.33
CA ILE K 90 7.61 14.08 6.46
C ILE K 90 7.93 13.33 7.74
N PHE K 91 8.15 12.03 7.65
CA PHE K 91 8.48 11.24 8.83
C PHE K 91 9.94 11.46 9.26
N SER K 92 10.81 11.74 8.28
CA SER K 92 12.15 12.29 8.55
C SER K 92 12.10 13.60 9.34
N PHE K 93 11.22 14.51 8.92
CA PHE K 93 11.03 15.78 9.64
C PHE K 93 10.52 15.58 11.07
N ALA K 94 9.50 14.73 11.22
CA ALA K 94 8.95 14.39 12.52
C ALA K 94 10.04 13.86 13.45
N HIS K 95 10.83 12.92 12.96
CA HIS K 95 11.89 12.29 13.75
C HIS K 95 12.87 13.30 14.31
N GLN K 96 13.32 14.21 13.44
CA GLN K 96 14.32 15.20 13.82
C GLN K 96 13.71 16.25 14.76
N THR K 97 12.45 16.60 14.49
CA THR K 97 11.70 17.51 15.36
C THR K 97 11.49 16.93 16.76
N ILE K 98 11.11 15.65 16.83
CA ILE K 98 10.91 14.97 18.12
C ILE K 98 12.26 14.86 18.85
N SER K 99 13.32 14.61 18.11
CA SER K 99 14.68 14.56 18.69
C SER K 99 15.13 15.84 19.43
N ALA K 100 14.59 16.99 19.05
CA ALA K 100 14.89 18.27 19.71
C ALA K 100 14.31 18.33 21.11
N LEU K 101 13.15 17.69 21.32
CA LEU K 101 12.58 17.57 22.66
C LEU K 101 13.49 16.74 23.55
N ILE K 102 14.15 15.73 23.00
CA ILE K 102 15.10 14.91 23.78
C ILE K 102 16.34 15.72 24.20
N LYS K 103 16.83 16.56 23.29
CA LYS K 103 17.96 17.44 23.59
C LYS K 103 17.59 18.49 24.65
N ALA K 104 16.31 18.82 24.74
CA ALA K 104 15.79 19.70 25.79
C ALA K 104 15.41 18.94 27.08
N GLU K 105 15.93 17.72 27.26
CA GLU K 105 15.85 17.00 28.54
C GLU K 105 14.42 16.56 28.91
N LEU K 106 13.61 16.30 27.89
CA LEU K 106 12.28 15.75 28.06
C LEU K 106 12.26 14.30 27.61
N ALA K 107 11.36 13.51 28.19
CA ALA K 107 11.26 12.08 27.90
C ALA K 107 9.82 11.61 27.63
N GLU K 108 8.91 11.93 28.56
CA GLU K 108 7.51 11.45 28.48
C GLU K 108 6.81 11.85 27.19
N LEU K 109 6.93 13.11 26.86
CA LEU K 109 6.30 13.67 25.68
C LEU K 109 6.89 13.07 24.42
N PRO K 110 8.24 13.10 24.25
CA PRO K 110 8.75 12.54 23.00
C PRO K 110 8.48 11.05 22.82
N LEU K 111 8.52 10.29 23.91
CA LEU K 111 8.13 8.88 23.89
C LEU K 111 6.76 8.69 23.20
N ARG K 112 5.78 9.44 23.67
CA ARG K 112 4.43 9.37 23.11
C ARG K 112 4.34 9.89 21.70
N LEU K 113 5.17 10.86 21.31
CA LEU K 113 5.19 11.31 19.91
C LEU K 113 5.83 10.27 18.98
N PHE K 114 6.85 9.56 19.47
CA PHE K 114 7.42 8.48 18.68
C PHE K 114 6.41 7.37 18.46
N LEU K 115 5.70 6.97 19.51
CA LEU K 115 4.61 5.99 19.39
C LEU K 115 3.56 6.41 18.35
N GLN K 116 3.13 7.66 18.39
CA GLN K 116 2.18 8.18 17.39
C GLN K 116 2.71 8.09 15.98
N GLY K 117 3.99 8.32 15.78
CA GLY K 117 4.59 8.24 14.47
C GLY K 117 4.69 6.82 13.94
N ALA K 118 5.01 5.90 14.83
CA ALA K 118 5.03 4.49 14.50
C ALA K 118 3.65 4.05 14.03
N LEU K 119 2.61 4.42 14.78
CA LEU K 119 1.22 4.11 14.42
C LEU K 119 0.90 4.64 13.05
N ALA K 120 1.10 5.95 12.89
CA ALA K 120 0.78 6.63 11.64
C ALA K 120 1.50 6.00 10.44
N ALA K 121 2.79 5.71 10.62
CA ALA K 121 3.59 5.13 9.54
C ALA K 121 3.07 3.74 9.15
N GLY K 122 2.65 2.96 10.14
CA GLY K 122 2.08 1.65 9.91
C GLY K 122 0.79 1.70 9.12
N GLU K 123 -0.09 2.65 9.44
CA GLU K 123 -1.36 2.78 8.74
C GLU K 123 -1.19 3.35 7.34
N ILE K 124 -0.20 4.20 7.10
CA ILE K 124 -0.10 4.89 5.81
C ILE K 124 0.38 3.93 4.73
N GLY K 125 1.42 3.14 5.02
CA GLY K 125 1.89 2.13 4.09
C GLY K 125 2.78 2.60 2.95
N PHE K 126 3.34 3.80 3.05
CA PHE K 126 4.30 4.33 2.05
C PHE K 126 5.56 3.46 2.01
N GLU K 127 6.29 3.43 0.90
CA GLU K 127 7.40 2.47 0.80
C GLU K 127 8.49 2.75 1.87
N ASN K 128 8.98 1.68 2.49
CA ASN K 128 9.91 1.75 3.62
C ASN K 128 9.23 2.15 4.96
N HIS K 129 7.90 2.08 5.01
CA HIS K 129 7.15 2.39 6.24
C HIS K 129 7.50 1.47 7.42
N GLU K 130 7.84 0.22 7.14
CA GLU K 130 8.14 -0.73 8.22
C GLU K 130 9.41 -0.32 8.94
N THR K 131 10.42 0.12 8.19
CA THR K 131 11.68 0.58 8.77
C THR K 131 11.49 1.86 9.60
N VAL K 132 10.66 2.77 9.12
CA VAL K 132 10.34 4.02 9.83
C VAL K 132 9.57 3.69 11.10
N ALA K 133 8.51 2.90 10.99
CA ALA K 133 7.76 2.45 12.17
C ALA K 133 8.67 1.78 13.18
N TYR K 134 9.57 0.92 12.70
CA TYR K 134 10.47 0.24 13.60
C TYR K 134 11.43 1.22 14.29
N GLU K 135 11.95 2.16 13.52
CA GLU K 135 12.84 3.19 14.09
C GLU K 135 12.12 4.04 15.15
N PHE K 136 10.87 4.44 14.89
CA PHE K 136 10.08 5.20 15.89
C PHE K 136 9.81 4.38 17.17
N MET K 137 9.46 3.11 17.02
CA MET K 137 9.29 2.21 18.18
C MET K 137 10.60 2.03 18.96
N SER K 138 11.71 1.97 18.26
CA SER K 138 13.02 1.86 18.87
C SER K 138 13.42 3.12 19.67
N GLN K 139 13.09 4.30 19.14
CA GLN K 139 13.33 5.55 19.87
C GLN K 139 12.50 5.63 21.15
N ALA K 140 11.23 5.28 21.06
CA ALA K 140 10.35 5.25 22.24
C ALA K 140 10.86 4.28 23.31
N PHE K 141 11.29 3.11 22.88
CA PHE K 141 11.84 2.15 23.81
C PHE K 141 13.12 2.61 24.48
N SER K 142 13.96 3.33 23.75
CA SER K 142 15.16 3.87 24.35
C SER K 142 14.84 4.87 25.43
N LEU K 143 13.90 5.77 25.14
CA LEU K 143 13.47 6.77 26.11
C LEU K 143 12.88 6.10 27.34
N TYR K 144 12.01 5.12 27.11
CA TYR K 144 11.44 4.34 28.19
C TYR K 144 12.53 3.77 29.11
N GLU K 145 13.49 3.06 28.52
CA GLU K 145 14.52 2.36 29.29
C GLU K 145 15.51 3.26 30.02
N ASP K 146 15.95 4.34 29.38
CA ASP K 146 16.98 5.19 29.95
C ASP K 146 16.47 6.36 30.78
N GLU K 147 15.22 6.78 30.59
CA GLU K 147 14.80 8.11 31.08
C GLU K 147 13.58 8.19 31.98
N ILE K 148 12.73 7.16 32.05
CA ILE K 148 11.62 7.21 33.01
C ILE K 148 11.98 6.28 34.18
N SER K 149 12.10 6.85 35.38
CA SER K 149 12.51 6.12 36.57
C SER K 149 11.38 5.86 37.53
N ASP K 150 10.48 6.83 37.67
CA ASP K 150 9.30 6.67 38.51
C ASP K 150 8.46 5.45 38.09
N SER K 151 8.00 4.68 39.07
CA SER K 151 7.39 3.37 38.79
C SER K 151 5.97 3.49 38.21
N LYS K 152 5.23 4.52 38.62
CA LYS K 152 3.91 4.78 38.06
C LYS K 152 4.00 5.33 36.65
N ALA K 153 4.99 6.17 36.41
CA ALA K 153 5.29 6.67 35.06
C ALA K 153 5.75 5.53 34.17
N GLN K 154 6.53 4.61 34.70
CA GLN K 154 6.92 3.41 33.97
C GLN K 154 5.72 2.57 33.56
N LEU K 155 4.78 2.35 34.49
CA LEU K 155 3.64 1.48 34.22
C LEU K 155 2.75 2.10 33.13
N ALA K 156 2.48 3.39 33.27
CA ALA K 156 1.68 4.10 32.31
C ALA K 156 2.34 4.07 30.93
N ALA K 157 3.63 4.38 30.89
CA ALA K 157 4.37 4.38 29.64
C ALA K 157 4.45 2.99 28.98
N ILE K 158 4.75 1.95 29.75
CA ILE K 158 4.81 0.59 29.18
C ILE K 158 3.46 0.12 28.66
N THR K 159 2.37 0.52 29.33
CA THR K 159 1.00 0.22 28.88
C THR K 159 0.74 0.88 27.55
N LEU K 160 1.16 2.13 27.45
CA LEU K 160 1.00 2.92 26.24
C LEU K 160 1.78 2.31 25.06
N ILE K 161 2.97 1.78 25.33
CA ILE K 161 3.81 1.12 24.31
C ILE K 161 3.15 -0.17 23.84
N ILE K 162 2.62 -0.96 24.77
CA ILE K 162 1.99 -2.24 24.43
C ILE K 162 0.69 -2.04 23.64
N GLY K 163 -0.16 -1.14 24.11
CA GLY K 163 -1.42 -0.83 23.44
C GLY K 163 -1.26 -0.22 22.05
N THR K 164 -0.25 0.60 21.86
CA THR K 164 0.13 1.10 20.53
C THR K 164 0.55 -0.05 19.61
N PHE K 165 1.51 -0.85 20.10
CA PHE K 165 2.10 -1.96 19.36
C PHE K 165 1.08 -3.07 19.06
N GLU K 166 0.15 -3.31 19.99
CA GLU K 166 -0.93 -4.27 19.75
C GLU K 166 -1.84 -3.87 18.57
N ARG K 167 -2.02 -2.57 18.31
CA ARG K 167 -2.79 -2.06 17.17
C ARG K 167 -2.07 -2.11 15.83
N MET K 168 -0.75 -2.08 15.84
CA MET K 168 0.01 -2.03 14.59
C MET K 168 -0.04 -3.38 13.86
N LYS K 169 -0.03 -3.32 12.53
CA LYS K 169 -0.10 -4.51 11.70
C LYS K 169 0.88 -4.51 10.53
N CYS K 170 1.94 -3.73 10.63
CA CYS K 170 2.88 -3.52 9.53
C CYS K 170 4.20 -4.28 9.69
N PHE K 171 4.42 -4.96 10.81
CA PHE K 171 5.69 -5.62 11.05
C PHE K 171 5.67 -7.07 10.62
N SER K 172 6.75 -7.51 9.98
CA SER K 172 6.99 -8.90 9.69
C SER K 172 7.55 -9.54 10.96
N GLU K 173 7.42 -10.86 11.06
CA GLU K 173 7.86 -11.61 12.24
C GLU K 173 9.30 -11.27 12.66
N GLU K 174 10.21 -11.07 11.70
CA GLU K 174 11.59 -10.68 12.07
C GLU K 174 11.68 -9.37 12.87
N ASN K 175 10.73 -8.44 12.65
CA ASN K 175 10.61 -7.20 13.45
C ASN K 175 9.60 -7.27 14.62
N HIS K 176 8.56 -8.11 14.49
CA HIS K 176 7.52 -8.15 15.50
C HIS K 176 8.05 -8.81 16.77
N GLU K 177 8.72 -9.94 16.61
CA GLU K 177 9.20 -10.72 17.74
C GLU K 177 10.24 -10.01 18.63
N PRO K 178 11.23 -9.30 18.04
CA PRO K 178 12.11 -8.50 18.93
C PRO K 178 11.34 -7.48 19.78
N LEU K 179 10.33 -6.82 19.19
CA LEU K 179 9.53 -5.82 19.90
C LEU K 179 8.68 -6.45 20.99
N ARG K 180 8.13 -7.63 20.71
CA ARG K 180 7.41 -8.43 21.69
C ARG K 180 8.23 -8.76 22.90
N THR K 181 9.45 -9.23 22.71
CA THR K 181 10.28 -9.64 23.86
C THR K 181 10.84 -8.44 24.59
N GLN K 182 10.93 -7.31 23.90
CA GLN K 182 11.34 -6.06 24.51
C GLN K 182 10.25 -5.49 25.45
N CYS K 183 8.97 -5.69 25.11
CA CYS K 183 7.86 -5.38 26.03
C CYS K 183 7.82 -6.28 27.26
N ALA K 184 8.03 -7.57 27.05
CA ALA K 184 8.01 -8.56 28.12
C ALA K 184 9.19 -8.36 29.06
N LEU K 185 10.34 -8.03 28.49
CA LEU K 185 11.53 -7.65 29.24
C LEU K 185 11.21 -6.46 30.13
N ALA K 186 10.66 -5.40 29.54
CA ALA K 186 10.26 -4.20 30.28
C ALA K 186 9.33 -4.52 31.45
N ALA K 187 8.30 -5.31 31.20
CA ALA K 187 7.38 -5.76 32.26
C ALA K 187 8.12 -6.40 33.44
N SER K 188 9.02 -7.34 33.15
CA SER K 188 9.78 -8.05 34.18
C SER K 188 10.84 -7.22 34.92
N LYS K 189 11.09 -5.99 34.48
CA LYS K 189 12.06 -5.12 35.13
C LYS K 189 11.42 -4.00 35.94
N LEU K 190 10.10 -3.92 35.93
CA LEU K 190 9.41 -3.03 36.86
C LEU K 190 9.75 -3.45 38.31
N LEU K 191 9.84 -2.47 39.20
CA LEU K 191 10.26 -2.72 40.57
C LEU K 191 9.23 -3.56 41.32
N LYS K 192 8.00 -3.08 41.31
CA LYS K 192 6.95 -3.64 42.14
C LYS K 192 6.34 -4.85 41.48
N LYS K 193 6.16 -5.90 42.28
CA LYS K 193 5.56 -7.14 41.82
C LYS K 193 4.14 -6.96 41.27
N PRO K 194 3.24 -6.27 42.00
CA PRO K 194 1.90 -6.06 41.41
C PRO K 194 1.91 -5.33 40.05
N ASP K 195 2.85 -4.40 39.87
CA ASP K 195 3.05 -3.72 38.57
C ASP K 195 3.61 -4.69 37.53
N GLN K 196 4.63 -5.47 37.89
CA GLN K 196 5.11 -6.56 37.02
C GLN K 196 3.95 -7.43 36.52
N GLY K 197 3.10 -7.87 37.45
CA GLY K 197 2.00 -8.75 37.15
C GLY K 197 0.99 -8.11 36.23
N ARG K 198 0.72 -6.83 36.46
CA ARG K 198 -0.19 -6.10 35.58
C ARG K 198 0.43 -5.89 34.18
N ALA K 199 1.72 -5.56 34.12
CA ALA K 199 2.40 -5.35 32.84
C ALA K 199 2.51 -6.63 32.01
N VAL K 200 2.93 -7.72 32.66
CA VAL K 200 3.05 -9.00 31.97
C VAL K 200 1.70 -9.52 31.49
N SER K 201 0.61 -9.24 32.21
CA SER K 201 -0.69 -9.69 31.75
C SER K 201 -1.29 -8.80 30.67
N THR K 202 -0.87 -7.54 30.61
CA THR K 202 -1.17 -6.68 29.47
C THR K 202 -0.39 -7.13 28.21
N CYS K 203 0.86 -7.59 28.42
CA CYS K 203 1.67 -8.24 27.38
C CYS K 203 1.03 -9.44 26.69
N ALA K 204 0.12 -10.13 27.37
CA ALA K 204 -0.59 -11.26 26.79
C ALA K 204 -1.43 -10.87 25.55
N HIS K 205 -1.88 -9.62 25.51
CA HIS K 205 -2.63 -9.12 24.36
C HIS K 205 -1.78 -9.04 23.09
N LEU K 206 -0.46 -8.83 23.24
CA LEU K 206 0.46 -8.84 22.09
C LEU K 206 0.61 -10.18 21.46
N PHE K 207 0.60 -11.24 22.25
CA PHE K 207 0.82 -12.57 21.73
C PHE K 207 -0.46 -13.14 21.18
N TRP K 208 -1.59 -12.52 21.52
CA TRP K 208 -2.90 -13.02 21.12
C TRP K 208 -3.43 -12.25 19.92
N SER K 209 -3.74 -10.96 20.11
CA SER K 209 -4.41 -10.15 19.08
C SER K 209 -3.47 -9.21 18.29
N GLY K 210 -2.16 -9.27 18.57
CA GLY K 210 -1.19 -8.55 17.76
C GLY K 210 -1.11 -9.19 16.40
N ARG K 211 -0.90 -8.38 15.36
CA ARG K 211 -0.87 -8.88 13.99
C ARG K 211 0.51 -8.64 13.40
N ASN K 212 1.08 -9.68 12.79
CA ASN K 212 2.24 -9.53 11.91
C ASN K 212 1.77 -9.66 10.47
N THR K 213 2.67 -9.41 9.51
CA THR K 213 2.37 -9.55 8.08
C THR K 213 2.62 -10.96 7.51
N ASP K 214 3.28 -11.82 8.29
CA ASP K 214 3.53 -13.22 7.88
C ASP K 214 2.26 -14.09 7.85
N LYS K 215 1.30 -13.83 8.72
CA LYS K 215 0.02 -14.58 8.70
C LYS K 215 -1.09 -13.90 7.88
N ASN K 216 -0.71 -12.98 6.98
CA ASN K 216 -1.60 -12.37 5.99
C ASN K 216 -2.79 -11.61 6.59
N GLY K 217 -2.48 -10.78 7.61
CA GLY K 217 -3.46 -9.94 8.31
C GLY K 217 -4.16 -10.57 9.51
N GLU K 218 -3.80 -11.81 9.84
CA GLU K 218 -4.46 -12.55 10.91
C GLU K 218 -3.72 -12.31 12.22
N GLU K 219 -4.47 -12.31 13.31
CA GLU K 219 -3.94 -12.20 14.66
C GLU K 219 -3.00 -13.39 14.96
N LEU K 220 -1.92 -13.14 15.71
CA LEU K 220 -0.96 -14.19 16.08
C LEU K 220 -1.57 -15.42 16.78
N HIS K 221 -2.50 -15.17 17.69
CA HIS K 221 -3.18 -16.24 18.43
C HIS K 221 -2.19 -17.23 19.09
N GLY K 222 -1.18 -16.70 19.75
CA GLY K 222 -0.22 -17.52 20.51
C GLY K 222 -0.75 -17.83 21.90
N GLY K 223 -1.66 -18.79 21.97
CA GLY K 223 -2.33 -19.16 23.21
C GLY K 223 -1.38 -19.63 24.31
N LYS K 224 -0.31 -20.30 23.91
CA LYS K 224 0.72 -20.76 24.84
C LYS K 224 1.42 -19.59 25.55
N ARG K 225 1.73 -18.52 24.79
CA ARG K 225 2.36 -17.32 25.36
C ARG K 225 1.44 -16.59 26.34
N VAL K 226 0.16 -16.51 25.98
CA VAL K 226 -0.85 -15.92 26.84
C VAL K 226 -0.83 -16.62 28.21
N MET K 227 -0.69 -17.95 28.22
CA MET K 227 -0.65 -18.73 29.46
C MET K 227 0.65 -18.53 30.23
N GLU K 228 1.78 -18.50 29.53
CA GLU K 228 3.07 -18.18 30.19
C GLU K 228 2.99 -16.82 30.90
N CYS K 229 2.45 -15.83 30.19
CA CYS K 229 2.25 -14.49 30.73
C CYS K 229 1.41 -14.49 31.98
N LEU K 230 0.25 -15.13 31.90
CA LEU K 230 -0.65 -15.14 33.03
C LEU K 230 -0.13 -16.03 34.17
N LYS K 231 0.76 -16.99 33.88
CA LYS K 231 1.40 -17.78 34.94
C LYS K 231 2.34 -16.92 35.79
N LYS K 232 3.09 -16.03 35.13
CA LYS K 232 3.98 -15.11 35.87
C LYS K 232 3.19 -14.20 36.82
N ALA K 233 2.02 -13.76 36.35
CA ALA K 233 1.09 -12.95 37.13
C ALA K 233 0.50 -13.70 38.33
N LEU K 234 0.20 -14.98 38.14
CA LEU K 234 -0.34 -15.83 39.19
C LEU K 234 0.70 -16.10 40.28
N LYS K 235 1.96 -16.28 39.88
CA LYS K 235 3.04 -16.51 40.83
C LYS K 235 3.21 -15.30 41.77
N ILE K 236 3.14 -14.11 41.20
CA ILE K 236 3.15 -12.86 41.96
C ILE K 236 1.98 -12.79 42.95
N ALA K 237 0.78 -13.00 42.45
CA ALA K 237 -0.41 -13.03 43.30
C ALA K 237 -0.27 -14.04 44.46
N ASN K 238 0.14 -15.28 44.16
CA ASN K 238 0.37 -16.32 45.19
C ASN K 238 1.41 -15.95 46.26
N GLN K 239 2.42 -15.16 45.86
CA GLN K 239 3.50 -14.71 46.77
C GLN K 239 3.19 -13.43 47.56
N CYS K 240 2.08 -12.79 47.24
CA CYS K 240 1.72 -11.48 47.79
C CYS K 240 1.54 -11.55 49.31
N MET K 241 2.13 -10.58 50.00
CA MET K 241 2.16 -10.54 51.47
C MET K 241 0.87 -9.94 52.04
N ASP K 242 0.34 -8.92 51.35
CA ASP K 242 -0.90 -8.27 51.72
C ASP K 242 -2.09 -9.15 51.31
N PRO K 243 -2.89 -9.66 52.28
CA PRO K 243 -4.02 -10.52 51.90
C PRO K 243 -5.10 -9.82 51.05
N SER K 244 -5.30 -8.53 51.28
CA SER K 244 -6.27 -7.74 50.52
C SER K 244 -5.87 -7.61 49.05
N LEU K 245 -4.60 -7.29 48.81
CA LEU K 245 -4.09 -7.13 47.46
C LEU K 245 -4.06 -8.46 46.72
N GLN K 246 -3.68 -9.54 47.42
CA GLN K 246 -3.62 -10.87 46.84
C GLN K 246 -4.96 -11.25 46.24
N VAL K 247 -6.01 -11.16 47.05
CA VAL K 247 -7.35 -11.50 46.57
C VAL K 247 -7.71 -10.64 45.36
N GLN K 248 -7.45 -9.34 45.46
CA GLN K 248 -7.69 -8.39 44.38
C GLN K 248 -6.96 -8.79 43.08
N LEU K 249 -5.70 -9.21 43.21
CA LEU K 249 -4.91 -9.70 42.06
C LEU K 249 -5.46 -11.01 41.48
N PHE K 250 -5.90 -11.93 42.32
CA PHE K 250 -6.55 -13.18 41.85
C PHE K 250 -7.80 -12.90 41.05
N ILE K 251 -8.58 -11.92 41.48
CA ILE K 251 -9.82 -11.58 40.78
C ILE K 251 -9.46 -10.92 39.45
N GLU K 252 -8.42 -10.08 39.44
CA GLU K 252 -7.95 -9.45 38.20
C GLU K 252 -7.45 -10.50 37.21
N ILE K 253 -6.69 -11.47 37.68
CA ILE K 253 -6.10 -12.50 36.80
C ILE K 253 -7.17 -13.46 36.26
N LEU K 254 -8.08 -13.88 37.13
CA LEU K 254 -9.27 -14.65 36.74
C LEU K 254 -9.98 -14.01 35.56
N ASN K 255 -10.25 -12.71 35.64
CA ASN K 255 -10.89 -11.99 34.53
C ASN K 255 -10.05 -11.93 33.24
N ARG K 256 -8.72 -11.97 33.36
CA ARG K 256 -7.86 -12.06 32.17
C ARG K 256 -7.94 -13.46 31.55
N TYR K 257 -7.82 -14.48 32.39
CA TYR K 257 -8.06 -15.86 31.97
C TYR K 257 -9.43 -15.99 31.28
N ILE K 258 -10.46 -15.34 31.85
CA ILE K 258 -11.82 -15.37 31.29
C ILE K 258 -11.87 -14.70 29.94
N TYR K 259 -11.30 -13.49 29.85
CA TYR K 259 -11.22 -12.73 28.61
C TYR K 259 -10.71 -13.59 27.45
N PHE K 260 -9.58 -14.29 27.66
CA PHE K 260 -8.92 -15.07 26.60
C PHE K 260 -9.66 -16.36 26.28
N TYR K 261 -10.28 -16.97 27.29
CA TYR K 261 -11.15 -18.13 27.10
C TYR K 261 -12.30 -17.80 26.16
N GLU K 262 -12.90 -16.63 26.35
CA GLU K 262 -13.98 -16.15 25.49
C GLU K 262 -13.52 -15.59 24.14
N LYS K 263 -12.22 -15.56 23.88
CA LYS K 263 -11.69 -15.27 22.54
C LYS K 263 -11.15 -16.54 21.87
N GLU K 264 -11.54 -17.69 22.41
CA GLU K 264 -11.19 -19.01 21.89
C GLU K 264 -9.73 -19.43 22.13
N ASN K 265 -9.10 -18.94 23.20
CA ASN K 265 -7.81 -19.49 23.65
C ASN K 265 -8.12 -20.66 24.57
N ASP K 266 -8.32 -21.82 23.95
CA ASP K 266 -8.65 -23.05 24.67
C ASP K 266 -7.45 -23.71 25.37
N ALA K 267 -6.30 -23.04 25.41
CA ALA K 267 -5.24 -23.34 26.40
C ALA K 267 -5.62 -22.90 27.82
N VAL K 268 -6.60 -22.00 27.92
CA VAL K 268 -7.24 -21.65 29.19
C VAL K 268 -8.31 -22.67 29.46
N THR K 269 -8.11 -23.51 30.49
CA THR K 269 -9.09 -24.53 30.86
C THR K 269 -10.05 -24.07 31.97
N ILE K 270 -11.20 -24.73 32.04
CA ILE K 270 -12.18 -24.50 33.11
C ILE K 270 -11.55 -24.78 34.49
N GLN K 271 -10.61 -25.73 34.50
CA GLN K 271 -9.85 -26.12 35.71
C GLN K 271 -9.09 -24.94 36.32
N VAL K 272 -8.45 -24.15 35.46
CA VAL K 272 -7.71 -22.96 35.88
C VAL K 272 -8.68 -21.98 36.54
N LEU K 273 -9.82 -21.74 35.88
CA LEU K 273 -10.84 -20.84 36.40
C LEU K 273 -11.41 -21.33 37.73
N ASN K 274 -11.72 -22.62 37.81
CA ASN K 274 -12.26 -23.22 39.04
C ASN K 274 -11.26 -23.18 40.18
N GLN K 275 -10.02 -23.57 39.90
CA GLN K 275 -8.93 -23.44 40.86
C GLN K 275 -8.83 -22.01 41.41
N LEU K 276 -8.94 -21.04 40.51
CA LEU K 276 -8.72 -19.64 40.85
C LEU K 276 -9.92 -19.06 41.63
N ILE K 277 -11.14 -19.32 41.18
CA ILE K 277 -12.34 -18.92 41.96
C ILE K 277 -12.51 -19.68 43.28
N GLN K 278 -11.98 -20.90 43.39
CA GLN K 278 -11.96 -21.58 44.68
C GLN K 278 -11.06 -20.84 45.67
N LYS K 279 -9.83 -20.54 45.25
CA LYS K 279 -8.87 -19.76 46.04
CA LYS K 279 -8.88 -19.78 46.05
C LYS K 279 -9.51 -18.46 46.54
N ILE K 280 -10.15 -17.73 45.61
CA ILE K 280 -10.85 -16.47 45.94
C ILE K 280 -11.97 -16.70 46.96
N ARG K 281 -12.73 -17.80 46.82
CA ARG K 281 -13.79 -18.14 47.78
C ARG K 281 -13.27 -18.35 49.20
N GLU K 282 -12.12 -19.03 49.32
CA GLU K 282 -11.54 -19.37 50.62
C GLU K 282 -10.91 -18.17 51.35
N ASP K 283 -10.31 -17.25 50.61
CA ASP K 283 -9.55 -16.12 51.20
C ASP K 283 -10.37 -14.84 51.41
N LEU K 284 -11.37 -14.61 50.57
CA LEU K 284 -12.19 -13.39 50.62
C LEU K 284 -12.94 -13.14 51.96
N PRO K 285 -13.44 -14.22 52.61
CA PRO K 285 -14.01 -14.08 53.96
C PRO K 285 -13.00 -13.68 55.05
N ASN K 286 -11.73 -14.02 54.88
CA ASN K 286 -10.68 -13.68 55.84
C ASN K 286 -10.11 -12.26 55.67
N LEU K 287 -10.75 -11.42 54.85
CA LEU K 287 -10.40 -10.00 54.76
C LEU K 287 -11.17 -9.19 55.79
N GLU K 288 -10.45 -8.41 56.59
CA GLU K 288 -11.02 -7.33 57.43
C GLU K 288 -12.14 -6.52 56.74
N SER K 289 -13.12 -6.05 57.51
CA SER K 289 -14.19 -5.22 56.93
C SER K 289 -13.65 -3.82 56.57
N SER K 290 -14.10 -3.33 55.42
CA SER K 290 -13.50 -2.17 54.78
C SER K 290 -14.43 -1.62 53.72
N GLU K 291 -14.10 -0.44 53.21
CA GLU K 291 -14.64 0.05 51.94
C GLU K 291 -14.02 -0.79 50.80
N GLU K 292 -12.71 -1.01 50.87
CA GLU K 292 -12.00 -1.89 49.92
C GLU K 292 -12.53 -3.32 49.81
N THR K 293 -12.91 -3.90 50.95
CA THR K 293 -13.25 -5.32 51.00
C THR K 293 -14.64 -5.59 50.42
N GLU K 294 -15.55 -4.64 50.61
CA GLU K 294 -16.85 -4.68 49.96
C GLU K 294 -16.70 -4.49 48.43
N GLN K 295 -15.79 -3.60 48.02
CA GLN K 295 -15.47 -3.40 46.58
C GLN K 295 -14.87 -4.65 45.92
N ILE K 296 -13.94 -5.30 46.62
CA ILE K 296 -13.36 -6.57 46.18
C ILE K 296 -14.42 -7.69 46.09
N ASN K 297 -15.36 -7.72 47.03
CA ASN K 297 -16.48 -8.67 47.00
C ASN K 297 -17.39 -8.44 45.81
N LYS K 298 -17.73 -7.18 45.58
CA LYS K 298 -18.62 -6.81 44.48
C LYS K 298 -17.97 -7.09 43.11
N HIS K 299 -16.65 -6.96 43.05
CA HIS K 299 -15.90 -7.33 41.84
C HIS K 299 -16.02 -8.83 41.58
N PHE K 300 -15.78 -9.62 42.63
CA PHE K 300 -15.90 -11.08 42.54
C PHE K 300 -17.32 -11.54 42.19
N HIS K 301 -18.31 -10.93 42.84
CA HIS K 301 -19.72 -11.20 42.52
C HIS K 301 -20.00 -10.93 41.05
N ASN K 302 -19.55 -9.76 40.55
CA ASN K 302 -19.71 -9.36 39.14
C ASN K 302 -19.08 -10.34 38.15
N THR K 303 -17.93 -10.90 38.51
CA THR K 303 -17.26 -11.89 37.68
C THR K 303 -18.04 -13.22 37.64
N LEU K 304 -18.48 -13.69 38.80
CA LEU K 304 -19.32 -14.90 38.86
C LEU K 304 -20.61 -14.69 38.10
N GLU K 305 -21.20 -13.49 38.24
CA GLU K 305 -22.37 -13.15 37.44
C GLU K 305 -22.07 -13.28 35.93
N HIS K 306 -20.92 -12.78 35.49
CA HIS K 306 -20.52 -12.88 34.08
C HIS K 306 -20.28 -14.34 33.65
N LEU K 307 -19.78 -15.19 34.56
CA LEU K 307 -19.65 -16.63 34.32
C LEU K 307 -20.96 -17.44 34.45
N ARG K 308 -22.09 -16.77 34.71
CA ARG K 308 -23.41 -17.40 34.93
C ARG K 308 -23.44 -18.35 36.15
N LEU K 309 -22.62 -18.04 37.17
CA LEU K 309 -22.61 -18.74 38.46
C LEU K 309 -23.40 -17.97 39.54
N ARG K 310 -23.80 -16.73 39.24
CA ARG K 310 -24.79 -15.97 40.02
C ARG K 310 -25.73 -15.23 39.07
C1 EDO L . -41.27 -2.79 21.73
O1 EDO L . -42.61 -2.40 21.41
C2 EDO L . -40.87 -2.26 23.11
O2 EDO L . -40.96 -3.29 24.11
C1 EDO M . -47.96 -15.35 29.82
O1 EDO M . -48.54 -14.58 28.77
C2 EDO M . -46.71 -14.63 30.28
O2 EDO M . -47.08 -13.43 30.97
C1 EDO N . -14.69 24.72 -52.29
O1 EDO N . -14.88 26.10 -51.97
C2 EDO N . -13.38 24.20 -51.71
O2 EDO N . -13.47 24.10 -50.29
C1 EDO O . -46.37 21.46 -52.69
O1 EDO O . -46.69 21.93 -51.38
C2 EDO O . -45.59 22.52 -53.45
O2 EDO O . -46.40 23.16 -54.45
NA NA P . -40.93 45.10 -56.47
C1 EDO Q . 64.60 -12.41 -5.13
O1 EDO Q . 63.84 -13.58 -5.48
C2 EDO Q . 63.67 -11.39 -4.47
O2 EDO Q . 63.07 -11.97 -3.30
C1 EDO R . 56.82 -4.46 -26.69
O1 EDO R . 57.49 -5.71 -26.90
C2 EDO R . 56.24 -4.42 -25.28
O2 EDO R . 57.27 -4.03 -24.35
NA NA S . 49.32 -22.54 -3.92
C1 EDO T . -29.90 21.58 17.15
O1 EDO T . -31.12 21.55 17.88
C2 EDO T . -29.20 22.93 17.33
O2 EDO T . -29.10 23.27 18.73
C1 EDO U . -31.43 20.04 25.50
O1 EDO U . -31.74 19.95 24.10
C2 EDO U . -30.78 21.39 25.80
O2 EDO U . -31.13 21.81 27.13
C1 EDO V . 0.17 6.77 21.35
O1 EDO V . 0.80 5.72 22.09
C2 EDO V . 0.30 8.08 22.12
O2 EDO V . 0.54 7.85 23.52
C1 EDO W . 17.33 8.31 23.84
O1 EDO W . 18.12 9.50 23.81
C2 EDO W . 17.81 7.36 24.93
O2 EDO W . 18.38 8.07 26.04
C1 EDO X . 19.59 13.40 18.47
O1 EDO X . 19.29 12.24 19.26
C2 EDO X . 19.51 14.68 19.31
O2 EDO X . 18.47 14.56 20.29
NA NA Y . 13.27 8.36 9.56
NA NA Z . 1.44 26.62 20.53
#